data_4MZ8
#
_entry.id   4MZ8
#
_cell.length_a   114.460
_cell.length_b   114.460
_cell.length_c   256.314
_cell.angle_alpha   90.00
_cell.angle_beta   90.00
_cell.angle_gamma   120.00
#
_symmetry.space_group_name_H-M   'P 31 2 1'
#
loop_
_entity.id
_entity.type
_entity.pdbx_description
1 polymer "Inosine-5'-monophosphate dehydrogenase"
2 non-polymer 'INOSINIC ACID'
3 non-polymer N-(naphthalen-2-yl)-2-[2-(pyridin-2-yl)-1H-benzimidazol-1-yl]acetamide
4 non-polymer 'SULFATE ION'
5 non-polymer GLYCEROL
6 non-polymer 'FORMIC ACID'
7 non-polymer 'ACETIC ACID'
8 non-polymer 1,2-ETHANEDIOL
9 non-polymer 'CHLORIDE ION'
10 non-polymer 'dimethyl ether'
11 water water
#
_entity_poly.entity_id   1
_entity_poly.type   'polypeptide(L)'
_entity_poly.pdbx_seq_one_letter_code
;MHHHHHHSSGVDLGTENLYFQSNAMKIVKRALTFEDVLLRPGYSEVLPKEVKIHTKLTKNITLNMPLISAAMDTVTEHRA
AIMMARLGGLGVIHKNMDIASQVREVKRVKKSESGGIKDLKKRKEYPDANKDNFGRLRVGAAIGVGQMDRVDALVEAGVD
VVVLDSAHGHSKGIIDTVKAIKAKYPNLDLIAGNIATAAAAKALCEAGVDAVKVGIGPGSICTTRIVSGVGVPQISAIDE
CVEEANKFGVPVIADGGIKYSGDIAKALAVGASSVMIGSLLAGTDESPGELFTYQGRQYKSYRGMGSLGAMQKGSSDRYF
QQGTAQDKLVPEGIEGRVPYVGSIRSVVHQLLGGLRSSMGYVGAKDIEDFQKRAEFVEITTAGLKESHVHDVTITHEAPN
YKVNHQ
;
_entity_poly.pdbx_strand_id   A,B,C,D
#
# COMPACT_ATOMS: atom_id res chain seq x y z
N MET A 25 -21.02 37.09 -10.97
CA MET A 25 -20.25 36.65 -9.82
C MET A 25 -19.17 37.67 -9.49
N LYS A 26 -18.66 37.61 -8.25
CA LYS A 26 -17.65 38.55 -7.78
C LYS A 26 -16.27 37.88 -7.68
N ILE A 27 -15.39 38.22 -8.63
CA ILE A 27 -14.01 37.76 -8.64
C ILE A 27 -13.07 38.92 -8.25
N VAL A 28 -12.35 38.75 -7.15
CA VAL A 28 -11.60 39.86 -6.55
C VAL A 28 -10.15 39.98 -7.07
N LYS A 29 -9.62 38.89 -7.61
CA LYS A 29 -8.26 38.89 -8.18
C LYS A 29 -7.85 37.56 -8.82
N ARG A 30 -6.79 37.61 -9.62
CA ARG A 30 -6.16 36.40 -10.10
C ARG A 30 -5.06 36.03 -9.11
N ALA A 31 -5.17 34.89 -8.46
CA ALA A 31 -4.27 34.57 -7.37
C ALA A 31 -3.22 33.56 -7.75
N LEU A 32 -1.99 33.80 -7.30
CA LEU A 32 -0.84 33.02 -7.74
C LEU A 32 -0.29 32.12 -6.65
N THR A 33 0.37 31.03 -7.06
CA THR A 33 1.16 30.26 -6.09
C THR A 33 2.62 30.11 -6.53
N PHE A 34 3.38 29.36 -5.75
CA PHE A 34 4.83 29.21 -5.90
C PHE A 34 5.32 29.00 -7.35
N GLU A 35 4.72 28.02 -8.03
CA GLU A 35 5.09 27.68 -9.41
C GLU A 35 4.74 28.75 -10.45
N ASP A 36 4.07 29.83 -10.04
CA ASP A 36 3.73 30.91 -10.95
C ASP A 36 4.78 32.02 -11.00
N VAL A 37 5.74 31.97 -10.08
CA VAL A 37 6.71 33.05 -9.95
C VAL A 37 8.15 32.59 -9.77
N LEU A 38 9.07 33.50 -10.11
CA LEU A 38 10.50 33.31 -9.85
C LEU A 38 11.07 34.60 -9.31
N LEU A 39 12.13 34.47 -8.53
CA LEU A 39 12.86 35.65 -8.06
C LEU A 39 13.87 36.08 -9.10
N ARG A 40 13.95 37.38 -9.35
CA ARG A 40 15.01 37.89 -10.21
C ARG A 40 16.32 37.98 -9.44
N PRO A 41 17.41 37.58 -10.09
CA PRO A 41 18.75 37.80 -9.52
C PRO A 41 19.04 39.30 -9.38
N GLY A 42 19.85 39.65 -8.39
CA GLY A 42 20.26 41.03 -8.23
C GLY A 42 21.75 41.10 -8.02
N TYR A 43 22.31 42.31 -8.08
CA TYR A 43 23.72 42.49 -7.75
C TYR A 43 23.99 41.94 -6.35
N SER A 44 24.98 41.06 -6.24
CA SER A 44 25.31 40.44 -4.97
C SER A 44 26.77 40.66 -4.59
N GLU A 45 26.97 40.96 -3.30
CA GLU A 45 28.31 41.06 -2.72
C GLU A 45 28.46 40.02 -1.61
N VAL A 46 27.40 39.24 -1.39
CA VAL A 46 27.40 38.19 -0.37
C VAL A 46 27.45 36.78 -0.99
N LEU A 47 28.31 35.93 -0.45
CA LEU A 47 28.30 34.50 -0.76
C LEU A 47 27.26 33.81 0.11
N PRO A 48 26.71 32.68 -0.37
CA PRO A 48 25.67 31.94 0.35
C PRO A 48 26.10 31.54 1.78
N LYS A 49 27.35 31.11 1.96
CA LYS A 49 27.82 30.79 3.31
C LYS A 49 27.79 32.00 4.27
N GLU A 50 27.75 33.21 3.74
CA GLU A 50 27.85 34.41 4.58
C GLU A 50 26.51 34.99 5.04
N VAL A 51 25.43 34.62 4.35
CA VAL A 51 24.14 35.22 4.69
C VAL A 51 23.66 34.73 6.07
N LYS A 52 22.82 35.53 6.72
CA LYS A 52 22.27 35.22 8.05
C LYS A 52 20.80 34.83 7.91
N ILE A 53 20.39 33.78 8.61
CA ILE A 53 19.05 33.24 8.37
C ILE A 53 18.19 33.20 9.63
N HIS A 54 18.61 33.91 10.66
CA HIS A 54 17.78 34.03 11.85
C HIS A 54 16.50 34.78 11.47
N THR A 55 15.44 34.53 12.23
CA THR A 55 14.14 35.15 11.94
C THR A 55 13.24 35.23 13.17
N LYS A 56 11.99 35.68 12.99
CA LYS A 56 11.08 35.74 14.12
C LYS A 56 9.97 34.71 13.96
N LEU A 57 9.70 34.00 15.06
CA LEU A 57 8.57 33.10 15.12
C LEU A 57 7.31 33.91 15.53
N THR A 58 7.46 34.67 16.59
CA THR A 58 6.38 35.52 17.07
C THR A 58 7.01 36.84 17.48
N LYS A 59 6.19 37.79 17.91
CA LYS A 59 6.69 39.09 18.36
C LYS A 59 7.85 38.91 19.34
N ASN A 60 7.77 37.90 20.19
CA ASN A 60 8.76 37.70 21.26
C ASN A 60 9.70 36.49 21.15
N ILE A 61 9.41 35.56 20.26
CA ILE A 61 10.22 34.35 20.15
C ILE A 61 11.00 34.30 18.84
N THR A 62 12.29 34.01 18.98
CA THR A 62 13.23 34.08 17.88
C THR A 62 13.58 32.68 17.34
N LEU A 63 13.85 32.58 16.04
CA LEU A 63 14.32 31.34 15.44
C LEU A 63 15.71 31.57 14.88
N ASN A 64 16.60 30.58 14.99
CA ASN A 64 17.91 30.68 14.33
C ASN A 64 17.92 30.26 12.85
N MET A 65 16.97 29.42 12.47
CA MET A 65 16.69 29.15 11.06
C MET A 65 15.16 29.09 10.94
N PRO A 66 14.62 29.36 9.74
CA PRO A 66 13.18 29.66 9.67
C PRO A 66 12.20 28.48 9.44
N LEU A 67 12.56 27.27 9.84
CA LEU A 67 11.68 26.13 9.57
C LEU A 67 10.98 25.64 10.86
N ILE A 68 9.71 25.28 10.70
CA ILE A 68 8.91 24.69 11.76
C ILE A 68 8.30 23.39 11.24
N SER A 69 8.42 22.32 12.01
CA SER A 69 7.79 21.07 11.60
C SER A 69 6.29 21.14 11.90
N ALA A 70 5.48 20.59 10.99
CA ALA A 70 4.02 20.66 11.11
C ALA A 70 3.46 19.90 12.31
N ALA A 71 2.34 20.39 12.81
CA ALA A 71 1.70 19.80 13.98
C ALA A 71 0.84 18.64 13.52
N MET A 72 1.50 17.56 13.08
CA MET A 72 0.81 16.40 12.53
C MET A 72 1.28 15.10 13.18
N ASP A 73 0.38 14.11 13.30
CA ASP A 73 0.73 12.87 13.98
C ASP A 73 1.65 11.94 13.18
N THR A 74 1.94 12.30 11.92
CA THR A 74 2.95 11.59 11.15
C THR A 74 4.20 12.47 10.94
N VAL A 75 4.29 13.60 11.64
CA VAL A 75 5.45 14.49 11.48
C VAL A 75 6.17 14.85 12.78
N THR A 76 5.44 15.42 13.73
CA THR A 76 6.07 15.96 14.92
C THR A 76 5.62 15.34 16.26
N GLU A 77 6.49 14.50 16.81
CA GLU A 77 6.47 14.22 18.24
C GLU A 77 7.82 14.66 18.82
N HIS A 78 8.19 14.14 19.99
CA HIS A 78 9.33 14.72 20.70
C HIS A 78 10.65 14.58 19.94
N ARG A 79 10.84 13.47 19.23
CA ARG A 79 12.09 13.28 18.47
C ARG A 79 12.26 14.36 17.39
N ALA A 80 11.24 14.59 16.59
CA ALA A 80 11.31 15.61 15.55
C ALA A 80 11.50 16.96 16.18
N ALA A 81 10.71 17.22 17.23
CA ALA A 81 10.68 18.52 17.88
C ALA A 81 12.07 18.85 18.42
N ILE A 82 12.74 17.84 19.00
CA ILE A 82 14.10 18.02 19.54
C ILE A 82 15.10 18.34 18.43
N MET A 83 15.07 17.58 17.34
CA MET A 83 15.95 17.88 16.22
C MET A 83 15.70 19.27 15.63
N MET A 84 14.44 19.62 15.42
CA MET A 84 14.11 20.95 14.85
C MET A 84 14.66 22.07 15.72
N ALA A 85 14.52 21.93 17.03
CA ALA A 85 15.01 22.95 17.95
C ALA A 85 16.55 22.98 18.04
N ARG A 86 17.17 21.81 18.05
CA ARG A 86 18.65 21.73 18.07
C ARG A 86 19.26 22.39 16.83
N LEU A 87 18.53 22.38 15.71
CA LEU A 87 19.00 22.95 14.45
C LEU A 87 18.63 24.43 14.30
N GLY A 88 17.86 24.94 15.26
CA GLY A 88 17.62 26.37 15.33
C GLY A 88 16.21 26.75 14.95
N GLY A 89 15.42 25.72 14.66
CA GLY A 89 14.03 25.89 14.27
C GLY A 89 13.11 25.50 15.41
N LEU A 90 11.98 24.87 15.07
CA LEU A 90 10.98 24.53 16.07
C LEU A 90 10.07 23.42 15.60
N GLY A 91 9.62 22.58 16.53
CA GLY A 91 8.61 21.60 16.20
C GLY A 91 7.36 21.89 16.99
N VAL A 92 6.20 21.58 16.41
CA VAL A 92 4.95 21.76 17.12
C VAL A 92 4.33 20.39 17.35
N ILE A 93 4.27 19.98 18.62
CA ILE A 93 3.65 18.70 19.00
C ILE A 93 2.18 18.72 18.60
N HIS A 94 1.73 17.71 17.85
CA HIS A 94 0.35 17.69 17.38
C HIS A 94 -0.64 17.41 18.53
N LYS A 95 -1.93 17.66 18.30
CA LYS A 95 -2.96 17.51 19.33
C LYS A 95 -3.86 16.28 19.17
N ASN A 96 -3.59 15.42 18.20
CA ASN A 96 -4.33 14.18 18.08
C ASN A 96 -3.89 13.13 19.11
N MET A 97 -3.99 13.50 20.39
CA MET A 97 -3.65 12.64 21.52
C MET A 97 -4.27 13.32 22.72
N ASP A 98 -4.42 12.60 23.84
CA ASP A 98 -4.99 13.22 25.04
C ASP A 98 -4.05 14.29 25.64
N ILE A 99 -4.58 15.09 26.55
CA ILE A 99 -3.82 16.18 27.15
C ILE A 99 -2.54 15.67 27.85
N ALA A 100 -2.68 14.58 28.61
CA ALA A 100 -1.57 14.01 29.36
C ALA A 100 -0.39 13.62 28.44
N SER A 101 -0.70 12.86 27.39
CA SER A 101 0.28 12.42 26.39
C SER A 101 1.04 13.58 25.76
N GLN A 102 0.31 14.63 25.42
CA GLN A 102 0.90 15.82 24.83
C GLN A 102 1.79 16.58 25.84
N VAL A 103 1.36 16.60 27.10
CA VAL A 103 2.15 17.19 28.16
C VAL A 103 3.48 16.45 28.27
N ARG A 104 3.43 15.11 28.17
CA ARG A 104 4.62 14.26 28.25
C ARG A 104 5.60 14.51 27.08
N GLU A 105 5.06 14.56 25.86
CA GLU A 105 5.86 14.90 24.69
C GLU A 105 6.56 16.24 24.88
N VAL A 106 5.81 17.26 25.28
CA VAL A 106 6.37 18.58 25.51
C VAL A 106 7.49 18.49 26.55
N LYS A 107 7.25 17.70 27.59
CA LYS A 107 8.22 17.56 28.68
C LYS A 107 9.50 16.85 28.25
N ARG A 108 9.39 15.91 27.31
N ARG A 108 9.39 15.91 27.31
CA ARG A 108 10.57 15.21 26.82
CA ARG A 108 10.59 15.22 26.83
C ARG A 108 11.50 16.17 26.05
C ARG A 108 11.50 16.19 26.08
N VAL A 109 10.89 17.11 25.33
CA VAL A 109 11.65 18.12 24.62
C VAL A 109 12.35 19.07 25.60
N LYS A 110 11.60 19.58 26.57
CA LYS A 110 12.15 20.54 27.52
C LYS A 110 13.23 19.94 28.40
N LYS A 111 13.15 18.64 28.69
CA LYS A 111 14.18 17.98 29.47
C LYS A 111 15.40 17.54 28.62
N SER A 112 15.29 17.62 27.29
CA SER A 112 16.35 17.10 26.41
C SER A 112 17.73 17.75 26.57
N GLU A 113 18.79 16.93 26.53
CA GLU A 113 20.15 17.46 26.50
C GLU A 113 21.06 16.82 25.44
N LYS A 124 28.53 23.52 20.19
CA LYS A 124 29.52 22.56 19.70
C LYS A 124 28.91 21.61 18.66
N GLU A 125 28.15 20.63 19.14
CA GLU A 125 27.44 19.71 18.25
C GLU A 125 26.19 20.37 17.69
N TYR A 126 25.52 21.17 18.53
CA TYR A 126 24.35 21.93 18.10
C TYR A 126 24.46 23.39 18.56
N PRO A 127 25.37 24.16 17.92
CA PRO A 127 25.65 25.55 18.29
C PRO A 127 24.55 26.52 17.87
N ASP A 128 23.61 26.05 17.05
CA ASP A 128 22.51 26.89 16.61
C ASP A 128 21.21 26.54 17.32
N ALA A 129 21.29 25.69 18.34
CA ALA A 129 20.11 25.28 19.11
C ALA A 129 19.22 26.47 19.51
N ASN A 130 17.93 26.32 19.29
CA ASN A 130 16.99 27.36 19.66
C ASN A 130 16.51 27.15 21.11
N LYS A 131 17.01 27.94 22.05
CA LYS A 131 16.74 27.71 23.46
C LYS A 131 16.04 28.85 24.18
N ASP A 132 15.35 28.51 25.27
CA ASP A 132 14.72 29.50 26.13
C ASP A 132 15.72 30.07 27.14
N ASN A 133 15.29 31.03 27.94
CA ASN A 133 16.22 31.71 28.86
C ASN A 133 16.91 30.81 29.87
N PHE A 134 16.44 29.58 30.00
CA PHE A 134 17.02 28.62 30.94
C PHE A 134 17.97 27.62 30.25
N GLY A 135 18.13 27.74 28.93
CA GLY A 135 18.99 26.84 28.19
C GLY A 135 18.28 25.57 27.77
N ARG A 136 16.95 25.58 27.84
CA ARG A 136 16.16 24.42 27.42
C ARG A 136 15.66 24.63 25.98
N LEU A 137 15.65 23.55 25.18
CA LEU A 137 15.13 23.61 23.83
C LEU A 137 13.72 24.18 23.82
N ARG A 138 13.37 24.94 22.79
N ARG A 138 13.38 24.92 22.78
CA ARG A 138 12.02 25.44 22.70
CA ARG A 138 12.02 25.42 22.66
C ARG A 138 11.13 24.44 21.95
C ARG A 138 11.13 24.37 22.00
N VAL A 139 9.85 24.42 22.33
CA VAL A 139 8.88 23.52 21.72
C VAL A 139 7.54 24.25 21.69
N GLY A 140 6.74 23.91 20.69
CA GLY A 140 5.37 24.38 20.61
C GLY A 140 4.43 23.19 20.66
N ALA A 141 3.16 23.48 20.92
CA ALA A 141 2.12 22.45 21.03
C ALA A 141 0.84 23.00 20.41
N ALA A 142 0.11 22.13 19.70
CA ALA A 142 -1.13 22.53 19.05
C ALA A 142 -2.35 22.39 19.96
N ILE A 143 -3.28 23.33 19.84
CA ILE A 143 -4.57 23.25 20.53
C ILE A 143 -5.71 23.61 19.59
N GLY A 144 -6.93 23.26 19.98
CA GLY A 144 -8.09 23.60 19.20
C GLY A 144 -9.00 24.55 19.96
N VAL A 145 -10.03 25.02 19.28
CA VAL A 145 -11.02 25.94 19.84
C VAL A 145 -11.55 25.40 21.18
N GLY A 146 -11.78 26.31 22.13
CA GLY A 146 -12.30 25.97 23.45
C GLY A 146 -11.59 24.89 24.26
N GLN A 147 -10.28 24.77 24.15
CA GLN A 147 -9.55 23.74 24.87
C GLN A 147 -8.67 24.31 25.98
N MET A 148 -9.28 25.01 26.92
CA MET A 148 -8.51 25.76 27.89
C MET A 148 -7.82 24.81 28.89
N ASP A 149 -8.39 23.63 29.06
CA ASP A 149 -7.79 22.63 29.92
C ASP A 149 -6.44 22.17 29.33
N ARG A 150 -6.40 21.97 28.01
CA ARG A 150 -5.15 21.59 27.33
C ARG A 150 -4.10 22.70 27.48
N VAL A 151 -4.49 23.95 27.28
CA VAL A 151 -3.58 25.09 27.41
C VAL A 151 -2.99 25.14 28.83
N ASP A 152 -3.86 25.00 29.83
CA ASP A 152 -3.45 25.00 31.24
C ASP A 152 -2.35 24.00 31.48
N ALA A 153 -2.52 22.77 31.00
CA ALA A 153 -1.56 21.70 31.27
C ALA A 153 -0.26 21.89 30.49
N LEU A 154 -0.38 22.43 29.28
CA LEU A 154 0.79 22.79 28.47
C LEU A 154 1.61 23.93 29.08
N VAL A 155 0.95 25.01 29.49
CA VAL A 155 1.60 26.10 30.18
C VAL A 155 2.33 25.60 31.44
N GLU A 156 1.73 24.63 32.12
CA GLU A 156 2.34 24.11 33.33
C GLU A 156 3.55 23.25 32.97
N ALA A 157 3.49 22.62 31.81
CA ALA A 157 4.56 21.74 31.35
C ALA A 157 5.76 22.50 30.75
N GLY A 158 5.66 23.83 30.67
CA GLY A 158 6.77 24.64 30.21
C GLY A 158 6.80 24.96 28.71
N VAL A 159 5.68 24.75 28.02
CA VAL A 159 5.58 25.00 26.58
C VAL A 159 5.98 26.45 26.23
N ASP A 160 6.65 26.64 25.10
CA ASP A 160 7.18 27.96 24.78
C ASP A 160 6.20 28.76 23.96
N VAL A 161 5.36 28.04 23.23
CA VAL A 161 4.38 28.65 22.36
C VAL A 161 3.23 27.67 22.14
N VAL A 162 2.03 28.21 22.06
CA VAL A 162 0.85 27.41 21.83
C VAL A 162 0.33 27.77 20.44
N VAL A 163 0.03 26.74 19.66
CA VAL A 163 -0.41 26.96 18.30
C VAL A 163 -1.88 26.62 18.18
N LEU A 164 -2.71 27.66 18.09
CA LEU A 164 -4.16 27.48 18.01
C LEU A 164 -4.56 27.17 16.56
N ASP A 165 -4.93 25.91 16.32
CA ASP A 165 -5.22 25.40 14.97
C ASP A 165 -6.71 25.21 14.73
N SER A 166 -7.18 25.74 13.60
CA SER A 166 -8.49 25.37 13.08
C SER A 166 -8.44 25.41 11.56
N ALA A 167 -9.20 24.54 10.93
CA ALA A 167 -9.34 24.55 9.48
C ALA A 167 -9.76 25.95 9.02
N HIS A 168 -10.46 26.68 9.88
CA HIS A 168 -10.93 28.02 9.53
C HIS A 168 -10.61 29.01 10.67
N GLY A 169 -9.42 29.59 10.62
CA GLY A 169 -8.99 30.53 11.64
C GLY A 169 -9.81 31.78 11.73
N HIS A 170 -10.46 32.17 10.63
CA HIS A 170 -11.30 33.37 10.63
C HIS A 170 -12.70 33.05 11.14
N SER A 171 -12.80 32.61 12.40
CA SER A 171 -14.08 32.19 12.97
C SER A 171 -14.28 32.76 14.39
N LYS A 172 -15.54 32.84 14.81
CA LYS A 172 -15.86 33.34 16.13
C LYS A 172 -15.20 32.49 17.24
N GLY A 173 -15.11 31.19 17.01
CA GLY A 173 -14.54 30.27 17.99
C GLY A 173 -13.09 30.56 18.24
N ILE A 174 -12.31 30.61 17.17
CA ILE A 174 -10.90 30.91 17.25
C ILE A 174 -10.63 32.26 17.91
N ILE A 175 -11.34 33.29 17.47
CA ILE A 175 -11.13 34.63 17.98
C ILE A 175 -11.46 34.72 19.47
N ASP A 176 -12.53 34.05 19.91
CA ASP A 176 -12.85 34.03 21.33
C ASP A 176 -11.79 33.28 22.14
N THR A 177 -11.25 32.21 21.57
CA THR A 177 -10.23 31.45 22.27
C THR A 177 -8.99 32.29 22.48
N VAL A 178 -8.58 33.01 21.43
CA VAL A 178 -7.47 33.96 21.51
C VAL A 178 -7.67 34.91 22.68
N LYS A 179 -8.82 35.57 22.71
CA LYS A 179 -9.11 36.55 23.75
C LYS A 179 -9.02 35.93 25.14
N ALA A 180 -9.53 34.70 25.28
CA ALA A 180 -9.51 34.02 26.56
C ALA A 180 -8.08 33.60 26.97
N ILE A 181 -7.32 33.04 26.03
CA ILE A 181 -5.93 32.69 26.33
C ILE A 181 -5.09 33.92 26.72
N LYS A 182 -5.13 35.00 25.94
CA LYS A 182 -4.34 36.18 26.26
C LYS A 182 -4.78 36.82 27.60
N ALA A 183 -6.06 36.67 27.93
CA ALA A 183 -6.55 37.18 29.20
C ALA A 183 -5.94 36.37 30.35
N LYS A 184 -5.99 35.05 30.24
CA LYS A 184 -5.52 34.17 31.31
C LYS A 184 -3.99 34.06 31.34
N TYR A 185 -3.38 34.00 30.18
CA TYR A 185 -1.93 33.87 30.09
C TYR A 185 -1.37 34.95 29.18
N PRO A 186 -1.25 36.18 29.70
CA PRO A 186 -0.83 37.33 28.89
C PRO A 186 0.62 37.26 28.44
N ASN A 187 1.48 36.54 29.15
CA ASN A 187 2.86 36.38 28.69
C ASN A 187 3.13 35.07 27.94
N LEU A 188 2.07 34.42 27.46
CA LEU A 188 2.23 33.18 26.72
C LEU A 188 2.16 33.51 25.23
N ASP A 189 3.18 33.14 24.46
CA ASP A 189 3.19 33.43 23.02
C ASP A 189 2.17 32.55 22.32
N LEU A 190 1.31 33.21 21.55
CA LEU A 190 0.16 32.57 20.92
C LEU A 190 0.18 32.74 19.39
N ILE A 191 0.21 31.60 18.69
CA ILE A 191 0.11 31.57 17.24
C ILE A 191 -1.30 31.08 16.91
N ALA A 192 -1.98 31.73 15.95
CA ALA A 192 -3.28 31.23 15.52
C ALA A 192 -3.46 31.14 13.99
N GLY A 193 -4.26 30.18 13.53
CA GLY A 193 -4.53 30.00 12.12
C GLY A 193 -5.55 28.87 11.92
N ASN A 194 -5.78 28.45 10.68
CA ASN A 194 -5.13 29.00 9.51
C ASN A 194 -6.01 30.03 8.80
N ILE A 195 -5.36 31.01 8.17
CA ILE A 195 -6.09 32.04 7.41
C ILE A 195 -5.52 32.24 6.01
N ALA A 196 -6.20 33.06 5.21
CA ALA A 196 -5.73 33.32 3.85
C ALA A 196 -6.17 34.69 3.31
N THR A 197 -6.73 35.54 4.17
CA THR A 197 -7.20 36.87 3.75
C THR A 197 -6.70 37.96 4.70
N ALA A 198 -6.57 39.18 4.18
CA ALA A 198 -6.16 40.32 4.98
C ALA A 198 -7.18 40.62 6.07
N ALA A 199 -8.45 40.39 5.78
CA ALA A 199 -9.47 40.62 6.78
C ALA A 199 -9.28 39.68 7.96
N ALA A 200 -8.94 38.42 7.66
CA ALA A 200 -8.71 37.41 8.71
C ALA A 200 -7.48 37.78 9.51
N ALA A 201 -6.44 38.23 8.82
CA ALA A 201 -5.22 38.66 9.49
C ALA A 201 -5.50 39.77 10.50
N LYS A 202 -6.32 40.74 10.08
CA LYS A 202 -6.66 41.90 10.88
C LYS A 202 -7.45 41.51 12.13
N ALA A 203 -8.43 40.65 11.96
CA ALA A 203 -9.22 40.12 13.07
C ALA A 203 -8.32 39.47 14.14
N LEU A 204 -7.39 38.63 13.68
CA LEU A 204 -6.55 37.88 14.60
C LEU A 204 -5.56 38.78 15.32
N CYS A 205 -4.98 39.72 14.59
CA CYS A 205 -4.03 40.64 15.18
C CYS A 205 -4.71 41.50 16.23
N GLU A 206 -5.92 41.94 15.93
CA GLU A 206 -6.67 42.74 16.91
C GLU A 206 -7.10 41.93 18.13
N ALA A 207 -7.32 40.63 17.94
CA ALA A 207 -7.64 39.76 19.06
C ALA A 207 -6.42 39.54 19.97
N GLY A 208 -5.23 39.82 19.45
CA GLY A 208 -4.02 39.74 20.26
C GLY A 208 -3.03 38.60 19.98
N VAL A 209 -3.05 38.01 18.78
CA VAL A 209 -2.10 36.93 18.50
C VAL A 209 -0.67 37.45 18.35
N ASP A 210 0.29 36.56 18.56
CA ASP A 210 1.70 36.90 18.42
C ASP A 210 2.29 36.45 17.06
N ALA A 211 1.50 35.68 16.30
CA ALA A 211 1.85 35.28 14.95
C ALA A 211 0.58 34.79 14.30
N VAL A 212 0.47 34.91 12.97
CA VAL A 212 -0.63 34.29 12.26
C VAL A 212 -0.11 33.19 11.35
N LYS A 213 -0.89 32.12 11.18
CA LYS A 213 -0.43 31.06 10.27
C LYS A 213 -1.31 31.06 9.03
N VAL A 214 -0.64 31.14 7.89
CA VAL A 214 -1.34 31.27 6.63
C VAL A 214 -1.33 29.97 5.81
N GLY A 215 -2.50 29.55 5.34
CA GLY A 215 -2.59 28.43 4.43
C GLY A 215 -3.94 27.76 4.51
N ILE A 216 -4.76 27.96 3.49
CA ILE A 216 -6.02 27.24 3.36
C ILE A 216 -6.00 26.41 2.07
N GLY A 217 -5.75 25.11 2.21
CA GLY A 217 -5.68 24.23 1.06
C GLY A 217 -4.37 23.96 0.30
N PRO A 218 -3.25 24.57 0.69
CA PRO A 218 -2.10 24.23 -0.15
C PRO A 218 -1.37 22.91 0.25
N GLY A 219 -1.65 22.39 1.44
CA GLY A 219 -0.95 21.22 1.97
C GLY A 219 -0.95 20.05 1.01
N SER A 220 0.17 19.33 0.92
CA SER A 220 0.30 18.16 0.07
C SER A 220 -0.83 17.13 0.24
N ILE A 221 -1.22 16.88 1.49
CA ILE A 221 -2.23 15.85 1.79
C ILE A 221 -3.62 16.43 1.90
N CYS A 222 -3.77 17.69 1.50
CA CYS A 222 -5.01 18.41 1.75
C CYS A 222 -6.02 18.35 0.59
N THR A 223 -7.29 18.13 0.91
CA THR A 223 -8.33 18.10 -0.10
C THR A 223 -9.37 19.19 0.11
N THR A 224 -9.12 20.09 1.07
CA THR A 224 -10.08 21.14 1.40
C THR A 224 -10.61 21.88 0.18
N ARG A 225 -9.71 22.26 -0.74
CA ARG A 225 -10.10 23.09 -1.88
C ARG A 225 -11.03 22.37 -2.83
N ILE A 226 -10.87 21.05 -2.89
CA ILE A 226 -11.62 20.21 -3.83
C ILE A 226 -12.97 19.82 -3.20
N VAL A 227 -12.92 19.60 -1.90
CA VAL A 227 -14.07 19.14 -1.17
C VAL A 227 -15.05 20.29 -0.89
N SER A 228 -14.53 21.48 -0.58
CA SER A 228 -15.38 22.58 -0.20
C SER A 228 -15.35 23.73 -1.20
N GLY A 229 -14.43 23.70 -2.15
CA GLY A 229 -14.34 24.76 -3.14
C GLY A 229 -13.69 26.02 -2.61
N VAL A 230 -13.14 25.93 -1.40
CA VAL A 230 -12.62 27.11 -0.69
C VAL A 230 -11.10 27.14 -0.56
N GLY A 231 -10.50 28.29 -0.88
CA GLY A 231 -9.09 28.55 -0.58
C GLY A 231 -8.44 29.67 -1.36
N VAL A 232 -7.17 29.95 -1.05
CA VAL A 232 -6.42 30.97 -1.79
C VAL A 232 -5.02 30.46 -2.09
N PRO A 233 -4.64 30.44 -3.38
CA PRO A 233 -3.28 30.01 -3.76
C PRO A 233 -2.23 30.65 -2.86
N GLN A 234 -1.28 29.84 -2.40
CA GLN A 234 -0.48 30.16 -1.20
C GLN A 234 0.36 31.44 -1.28
N ILE A 235 0.93 31.73 -2.45
CA ILE A 235 1.74 32.93 -2.62
C ILE A 235 0.91 34.22 -2.44
N SER A 236 -0.24 34.29 -3.10
CA SER A 236 -1.13 35.44 -2.93
C SER A 236 -1.65 35.57 -1.49
N ALA A 237 -1.93 34.42 -0.88
CA ALA A 237 -2.41 34.35 0.51
C ALA A 237 -1.35 34.95 1.45
N ILE A 238 -0.11 34.51 1.32
CA ILE A 238 0.96 35.03 2.17
C ILE A 238 1.08 36.54 2.00
N ASP A 239 1.17 36.96 0.74
CA ASP A 239 1.31 38.37 0.36
C ASP A 239 0.22 39.27 0.95
N GLU A 240 -1.03 38.84 0.81
CA GLU A 240 -2.18 39.56 1.33
C GLU A 240 -2.06 39.70 2.85
N CYS A 241 -1.80 38.59 3.52
CA CYS A 241 -1.75 38.54 4.98
C CYS A 241 -0.52 39.25 5.57
N VAL A 242 0.63 39.16 4.89
CA VAL A 242 1.82 39.87 5.33
C VAL A 242 1.58 41.39 5.33
N GLU A 243 0.92 41.89 4.30
CA GLU A 243 0.66 43.33 4.22
C GLU A 243 -0.19 43.80 5.42
N GLU A 244 -1.18 42.98 5.81
CA GLU A 244 -2.01 43.32 6.94
C GLU A 244 -1.30 43.17 8.30
N ALA A 245 -0.69 42.02 8.53
CA ALA A 245 -0.08 41.71 9.83
C ALA A 245 1.12 42.60 10.14
N ASN A 246 1.82 43.01 9.10
CA ASN A 246 2.97 43.90 9.25
C ASN A 246 2.60 45.19 9.96
N LYS A 247 1.35 45.64 9.77
CA LYS A 247 0.87 46.86 10.42
C LYS A 247 0.87 46.72 11.94
N PHE A 248 0.79 45.48 12.42
CA PHE A 248 0.64 45.19 13.83
C PHE A 248 1.95 44.64 14.40
N GLY A 249 2.99 44.56 13.57
CA GLY A 249 4.24 43.95 13.98
C GLY A 249 4.13 42.44 14.15
N VAL A 250 3.09 41.83 13.57
CA VAL A 250 2.83 40.41 13.75
C VAL A 250 3.41 39.56 12.63
N PRO A 251 4.38 38.68 12.96
CA PRO A 251 4.97 37.80 11.93
C PRO A 251 3.99 36.79 11.35
N VAL A 252 4.26 36.41 10.09
CA VAL A 252 3.45 35.44 9.35
C VAL A 252 4.21 34.13 9.12
N ILE A 253 3.55 33.04 9.46
CA ILE A 253 4.06 31.71 9.15
C ILE A 253 3.37 31.16 7.89
N ALA A 254 4.16 30.85 6.88
CA ALA A 254 3.67 30.24 5.66
C ALA A 254 3.58 28.73 5.86
N ASP A 255 2.36 28.21 5.91
CA ASP A 255 2.16 26.80 6.27
C ASP A 255 1.49 26.01 5.15
N GLY A 256 2.24 25.06 4.59
CA GLY A 256 1.72 24.14 3.58
C GLY A 256 2.19 24.45 2.16
N GLY A 257 2.32 23.42 1.33
CA GLY A 257 2.56 23.64 -0.08
C GLY A 257 4.01 23.73 -0.49
N ILE A 258 4.94 23.68 0.47
CA ILE A 258 6.37 23.63 0.13
C ILE A 258 6.78 22.26 -0.42
N LYS A 259 7.35 22.21 -1.62
CA LYS A 259 7.86 20.94 -2.16
C LYS A 259 9.36 20.96 -2.39
N TYR A 260 9.94 22.16 -2.47
CA TYR A 260 11.35 22.34 -2.79
C TYR A 260 11.89 23.51 -2.00
N SER A 261 13.21 23.56 -1.81
CA SER A 261 13.83 24.64 -1.05
C SER A 261 13.51 26.00 -1.66
N GLY A 262 13.45 26.06 -2.99
CA GLY A 262 13.10 27.28 -3.70
C GLY A 262 11.79 27.89 -3.26
N ASP A 263 10.83 27.06 -2.86
CA ASP A 263 9.54 27.54 -2.34
C ASP A 263 9.70 28.23 -0.98
N ILE A 264 10.59 27.70 -0.14
CA ILE A 264 10.91 28.35 1.12
C ILE A 264 11.42 29.78 0.87
N ALA A 265 12.37 29.91 -0.05
CA ALA A 265 12.91 31.23 -0.43
C ALA A 265 11.80 32.19 -0.86
N LYS A 266 10.90 31.72 -1.74
CA LYS A 266 9.81 32.58 -2.23
C LYS A 266 8.86 33.05 -1.12
N ALA A 267 8.47 32.09 -0.27
CA ALA A 267 7.62 32.38 0.87
C ALA A 267 8.25 33.45 1.75
N LEU A 268 9.55 33.32 2.03
CA LEU A 268 10.24 34.30 2.86
C LEU A 268 10.38 35.64 2.13
N ALA A 269 10.75 35.61 0.85
CA ALA A 269 10.94 36.83 0.07
C ALA A 269 9.67 37.67 -0.04
N VAL A 270 8.53 37.00 -0.15
CA VAL A 270 7.22 37.66 -0.18
C VAL A 270 6.90 38.27 1.19
N GLY A 271 7.58 37.81 2.23
CA GLY A 271 7.42 38.45 3.52
C GLY A 271 6.99 37.58 4.68
N ALA A 272 6.84 36.27 4.46
CA ALA A 272 6.65 35.34 5.58
C ALA A 272 7.88 35.46 6.47
N SER A 273 7.71 35.18 7.76
CA SER A 273 8.85 35.24 8.68
C SER A 273 9.38 33.86 8.91
N SER A 274 8.56 32.85 8.62
CA SER A 274 8.96 31.47 8.82
C SER A 274 8.08 30.54 7.99
N VAL A 275 8.46 29.27 7.91
CA VAL A 275 7.75 28.35 7.06
C VAL A 275 7.46 27.04 7.79
N MET A 276 6.23 26.53 7.65
CA MET A 276 5.87 25.28 8.30
C MET A 276 5.79 24.16 7.29
N ILE A 277 6.45 23.06 7.61
CA ILE A 277 6.72 22.01 6.64
C ILE A 277 6.23 20.65 7.15
N GLY A 278 5.44 19.97 6.31
CA GLY A 278 4.95 18.65 6.63
C GLY A 278 5.56 17.53 5.79
N SER A 279 5.12 17.40 4.54
CA SER A 279 5.54 16.24 3.75
C SER A 279 7.06 16.10 3.64
N LEU A 280 7.78 17.20 3.63
CA LEU A 280 9.24 17.12 3.50
C LEU A 280 9.91 16.48 4.71
N LEU A 281 9.20 16.38 5.83
CA LEU A 281 9.83 15.83 7.04
C LEU A 281 9.21 14.50 7.47
N ALA A 282 8.10 14.11 6.83
CA ALA A 282 7.41 12.88 7.20
C ALA A 282 8.20 11.64 6.81
N GLY A 283 9.19 11.82 5.95
CA GLY A 283 9.98 10.69 5.51
C GLY A 283 11.19 10.45 6.38
N THR A 284 11.37 11.28 7.41
CA THR A 284 12.60 11.25 8.18
C THR A 284 12.59 10.21 9.30
N ASP A 285 13.79 9.81 9.72
CA ASP A 285 13.99 8.91 10.86
C ASP A 285 13.17 9.34 12.08
N GLU A 286 13.17 10.64 12.33
CA GLU A 286 12.65 11.18 13.58
C GLU A 286 11.13 11.36 13.59
N SER A 287 10.52 11.40 12.42
CA SER A 287 9.08 11.51 12.33
C SER A 287 8.51 10.23 12.95
N PRO A 288 7.29 10.32 13.52
CA PRO A 288 6.67 9.13 14.14
C PRO A 288 6.38 8.06 13.09
N GLY A 289 6.27 6.81 13.50
CA GLY A 289 5.88 5.76 12.57
C GLY A 289 7.08 4.97 12.08
N GLU A 290 6.85 3.76 11.59
CA GLU A 290 7.97 2.92 11.20
C GLU A 290 8.23 2.99 9.72
N LEU A 291 9.46 2.66 9.37
CA LEU A 291 9.90 2.60 8.00
C LEU A 291 9.43 1.29 7.38
N PHE A 292 8.88 1.31 6.17
CA PHE A 292 8.55 0.06 5.48
C PHE A 292 8.98 0.04 4.02
N THR A 293 9.12 -1.16 3.46
CA THR A 293 9.51 -1.32 2.08
C THR A 293 8.35 -1.90 1.27
N TYR A 294 8.08 -1.29 0.12
CA TYR A 294 7.03 -1.73 -0.78
C TYR A 294 7.55 -1.60 -2.21
N GLN A 295 7.55 -2.72 -2.94
CA GLN A 295 8.11 -2.77 -4.28
C GLN A 295 9.47 -2.08 -4.44
N GLY A 296 10.40 -2.43 -3.56
CA GLY A 296 11.78 -2.01 -3.69
C GLY A 296 12.07 -0.63 -3.17
N ARG A 297 11.03 0.12 -2.79
CA ARG A 297 11.25 1.46 -2.26
C ARG A 297 10.87 1.59 -0.79
N GLN A 298 11.62 2.42 -0.08
CA GLN A 298 11.35 2.65 1.32
C GLN A 298 10.45 3.86 1.54
N TYR A 299 9.52 3.73 2.49
CA TYR A 299 8.55 4.77 2.79
C TYR A 299 8.27 4.91 4.28
N LYS A 300 7.70 6.06 4.64
CA LYS A 300 6.94 6.17 5.90
C LYS A 300 5.54 6.70 5.56
N SER A 301 4.64 6.59 6.52
CA SER A 301 3.29 7.07 6.35
C SER A 301 3.18 8.57 6.49
N TYR A 302 2.22 9.15 5.78
CA TYR A 302 1.94 10.55 5.98
C TYR A 302 0.46 10.78 5.70
N ARG A 303 -0.21 11.48 6.60
CA ARG A 303 -1.66 11.71 6.44
C ARG A 303 -2.13 13.08 6.96
N GLY A 304 -3.20 13.58 6.37
CA GLY A 304 -3.78 14.82 6.86
C GLY A 304 -4.42 14.57 8.21
N MET A 305 -4.46 15.61 9.02
CA MET A 305 -5.09 15.51 10.32
C MET A 305 -6.60 15.50 10.17
N GLY A 306 -7.06 15.82 8.96
CA GLY A 306 -8.48 15.74 8.62
C GLY A 306 -8.79 14.54 7.74
N SER A 307 -7.85 13.60 7.61
CA SER A 307 -8.15 12.35 6.92
C SER A 307 -9.01 11.47 7.84
N LEU A 308 -9.63 10.45 7.26
CA LEU A 308 -10.44 9.50 8.02
C LEU A 308 -9.61 8.86 9.13
N GLY A 309 -8.46 8.31 8.76
CA GLY A 309 -7.60 7.63 9.71
C GLY A 309 -7.28 8.48 10.92
N ALA A 310 -6.87 9.73 10.70
CA ALA A 310 -6.49 10.66 11.78
C ALA A 310 -7.67 11.12 12.62
N MET A 311 -8.85 11.13 12.04
CA MET A 311 -10.03 11.57 12.76
C MET A 311 -10.59 10.50 13.69
N GLN A 312 -10.20 9.25 13.46
CA GLN A 312 -10.75 8.10 14.21
C GLN A 312 -9.98 7.75 15.49
N LEU A 329 -18.59 11.14 8.81
N LEU A 329 -17.93 15.50 10.56
CA LEU A 329 -17.30 11.83 8.70
CA LEU A 329 -17.39 16.21 9.40
C LEU A 329 -16.96 12.19 7.26
C LEU A 329 -16.77 15.27 8.39
N VAL A 330 -16.73 13.48 7.05
N VAL A 330 -17.06 15.50 7.11
CA VAL A 330 -16.40 14.05 5.75
CA VAL A 330 -16.42 14.74 6.04
C VAL A 330 -15.03 14.69 5.83
C VAL A 330 -14.93 15.08 5.94
N PRO A 331 -14.01 13.97 5.37
N PRO A 331 -14.10 14.14 5.47
CA PRO A 331 -12.57 14.29 5.44
CA PRO A 331 -12.64 14.33 5.43
C PRO A 331 -12.17 15.51 4.62
C PRO A 331 -12.18 15.53 4.60
N GLU A 332 -10.99 16.04 4.90
CA GLU A 332 -10.42 17.16 4.16
C GLU A 332 -8.93 16.91 4.01
N GLY A 333 -8.55 15.64 4.19
CA GLY A 333 -7.18 15.21 4.00
C GLY A 333 -7.17 13.78 3.50
N ILE A 334 -5.99 13.29 3.10
CA ILE A 334 -5.87 11.88 2.71
C ILE A 334 -4.80 11.13 3.51
N GLU A 335 -4.87 9.80 3.46
CA GLU A 335 -3.85 8.94 4.05
C GLU A 335 -2.93 8.42 2.95
N GLY A 336 -1.63 8.66 3.09
CA GLY A 336 -0.69 8.19 2.06
C GLY A 336 0.70 7.80 2.54
N ARG A 337 1.66 7.80 1.62
CA ARG A 337 3.04 7.41 1.96
C ARG A 337 4.03 8.38 1.31
N VAL A 338 5.17 8.63 1.96
CA VAL A 338 6.23 9.41 1.31
C VAL A 338 7.54 8.61 1.32
N PRO A 339 8.43 8.91 0.35
CA PRO A 339 9.71 8.18 0.38
C PRO A 339 10.51 8.49 1.64
N TYR A 340 11.13 7.46 2.20
CA TYR A 340 12.11 7.63 3.27
C TYR A 340 13.27 8.51 2.81
N VAL A 341 13.64 9.51 3.60
CA VAL A 341 14.72 10.41 3.18
C VAL A 341 15.88 10.50 4.18
N GLY A 342 15.96 9.56 5.12
CA GLY A 342 16.99 9.62 6.14
C GLY A 342 16.71 10.66 7.23
N SER A 343 17.76 11.27 7.75
CA SER A 343 17.65 12.10 8.92
C SER A 343 17.08 13.48 8.64
N ILE A 344 16.47 14.06 9.66
CA ILE A 344 15.98 15.42 9.58
C ILE A 344 17.15 16.40 9.30
N ARG A 345 18.26 16.20 10.00
CA ARG A 345 19.47 16.97 9.74
C ARG A 345 19.81 17.07 8.27
N SER A 346 19.84 15.94 7.58
CA SER A 346 20.24 15.98 6.18
C SER A 346 19.21 16.73 5.34
N VAL A 347 17.94 16.59 5.67
CA VAL A 347 16.88 17.28 4.94
C VAL A 347 16.96 18.78 5.15
N VAL A 348 17.11 19.19 6.41
CA VAL A 348 17.22 20.61 6.77
C VAL A 348 18.44 21.24 6.15
N HIS A 349 19.54 20.50 6.13
CA HIS A 349 20.76 20.96 5.48
C HIS A 349 20.51 21.36 4.03
N GLN A 350 19.87 20.47 3.27
CA GLN A 350 19.61 20.75 1.87
C GLN A 350 18.64 21.92 1.71
N LEU A 351 17.64 22.02 2.58
CA LEU A 351 16.62 23.06 2.45
C LEU A 351 17.23 24.44 2.75
N LEU A 352 18.03 24.54 3.81
CA LEU A 352 18.71 25.79 4.14
C LEU A 352 19.79 26.14 3.09
N GLY A 353 20.44 25.12 2.53
CA GLY A 353 21.30 25.32 1.37
C GLY A 353 20.65 26.10 0.24
N GLY A 354 19.46 25.68 -0.18
CA GLY A 354 18.74 26.37 -1.24
C GLY A 354 18.36 27.79 -0.83
N LEU A 355 17.98 27.96 0.43
CA LEU A 355 17.62 29.28 0.91
C LEU A 355 18.81 30.24 0.86
N ARG A 356 19.97 29.77 1.32
CA ARG A 356 21.18 30.59 1.35
C ARG A 356 21.63 30.94 -0.07
N SER A 357 21.50 29.96 -0.94
CA SER A 357 21.83 30.15 -2.34
C SER A 357 20.93 31.25 -2.93
N SER A 358 19.64 31.17 -2.64
CA SER A 358 18.69 32.17 -3.11
C SER A 358 19.09 33.58 -2.65
N MET A 359 19.36 33.72 -1.37
CA MET A 359 19.76 35.00 -0.80
C MET A 359 21.09 35.51 -1.37
N GLY A 360 21.98 34.58 -1.74
CA GLY A 360 23.19 34.96 -2.46
C GLY A 360 22.84 35.55 -3.82
N TYR A 361 21.86 34.95 -4.50
CA TYR A 361 21.49 35.35 -5.86
C TYR A 361 20.85 36.72 -5.86
N VAL A 362 20.18 37.04 -4.75
CA VAL A 362 19.47 38.30 -4.61
C VAL A 362 20.40 39.37 -3.98
N GLY A 363 21.54 38.93 -3.46
CA GLY A 363 22.46 39.81 -2.77
C GLY A 363 22.00 40.26 -1.39
N ALA A 364 21.28 39.38 -0.70
CA ALA A 364 20.71 39.70 0.60
C ALA A 364 21.58 39.15 1.75
N LYS A 365 21.94 40.00 2.69
CA LYS A 365 22.80 39.56 3.79
C LYS A 365 22.02 38.88 4.91
N ASP A 366 20.72 39.18 5.00
CA ASP A 366 19.80 38.58 5.95
C ASP A 366 18.35 38.66 5.44
N ILE A 367 17.39 38.09 6.17
CA ILE A 367 16.04 37.89 5.66
C ILE A 367 15.24 39.19 5.47
N GLU A 368 15.36 40.10 6.43
CA GLU A 368 14.80 41.43 6.27
C GLU A 368 15.30 42.06 4.96
N ASP A 369 16.59 41.89 4.68
CA ASP A 369 17.19 42.47 3.49
C ASP A 369 16.67 41.77 2.25
N PHE A 370 16.53 40.45 2.35
CA PHE A 370 15.96 39.60 1.31
C PHE A 370 14.60 40.11 0.88
N GLN A 371 13.72 40.30 1.86
CA GLN A 371 12.37 40.79 1.61
C GLN A 371 12.41 42.18 0.98
N LYS A 372 13.35 43.00 1.42
CA LYS A 372 13.51 44.36 0.91
C LYS A 372 13.90 44.33 -0.55
N ARG A 373 14.84 43.47 -0.91
CA ARG A 373 15.41 43.46 -2.27
C ARG A 373 14.63 42.65 -3.27
N ALA A 374 13.93 41.62 -2.79
CA ALA A 374 13.24 40.66 -3.65
C ALA A 374 12.35 41.29 -4.73
N GLU A 375 12.61 40.93 -5.99
CA GLU A 375 11.72 41.25 -7.09
C GLU A 375 11.27 39.98 -7.79
N PHE A 376 10.00 39.89 -8.13
CA PHE A 376 9.52 38.66 -8.76
C PHE A 376 9.20 38.86 -10.22
N VAL A 377 9.11 37.74 -10.91
CA VAL A 377 8.59 37.74 -12.26
C VAL A 377 7.57 36.61 -12.29
N GLU A 378 6.46 36.84 -12.99
CA GLU A 378 5.47 35.78 -13.17
C GLU A 378 5.84 34.98 -14.42
N ILE A 379 5.74 33.66 -14.33
CA ILE A 379 6.14 32.79 -15.43
C ILE A 379 4.94 32.00 -15.98
N THR A 380 5.08 31.46 -17.19
CA THR A 380 4.03 30.67 -17.78
C THR A 380 4.32 29.19 -17.52
N THR A 381 3.36 28.36 -17.90
CA THR A 381 3.51 26.93 -17.91
C THR A 381 4.79 26.47 -18.64
N ALA A 382 5.07 27.07 -19.80
CA ALA A 382 6.28 26.73 -20.53
C ALA A 382 7.52 27.19 -19.74
N GLY A 383 7.39 28.29 -19.01
CA GLY A 383 8.45 28.74 -18.13
C GLY A 383 8.73 27.76 -17.00
N LEU A 384 7.68 27.18 -16.44
CA LEU A 384 7.84 26.17 -15.39
C LEU A 384 8.54 24.91 -15.92
N LYS A 385 8.16 24.51 -17.13
CA LYS A 385 8.72 23.32 -17.75
C LYS A 385 10.22 23.49 -18.01
N GLU A 386 10.61 24.71 -18.41
CA GLU A 386 12.02 25.04 -18.65
C GLU A 386 12.79 25.10 -17.33
N SER A 387 12.09 25.47 -16.27
CA SER A 387 12.72 25.65 -14.96
C SER A 387 13.06 24.31 -14.32
N HIS A 388 12.21 23.32 -14.53
CA HIS A 388 12.54 21.96 -14.14
C HIS A 388 13.58 21.36 -15.06
N VAL A 389 14.16 20.25 -14.62
CA VAL A 389 14.97 19.41 -15.49
C VAL A 389 14.11 18.97 -16.68
N HIS A 390 14.64 19.11 -17.89
CA HIS A 390 13.88 18.78 -19.09
C HIS A 390 14.82 18.21 -20.14
N ASP A 391 14.34 17.25 -20.92
CA ASP A 391 15.07 16.68 -22.07
C ASP A 391 16.36 15.93 -21.73
N VAL A 392 16.37 15.31 -20.56
CA VAL A 392 17.50 14.53 -20.08
C VAL A 392 16.91 13.55 -19.11
N THR A 393 17.35 12.30 -19.13
CA THR A 393 16.89 11.37 -18.10
C THR A 393 17.87 11.32 -16.94
N ILE A 394 17.36 11.56 -15.73
CA ILE A 394 18.17 11.52 -14.52
C ILE A 394 18.59 10.08 -14.21
N THR A 395 19.89 9.88 -13.97
CA THR A 395 20.45 8.55 -13.76
C THR A 395 20.88 8.34 -12.32
N HIS A 396 21.39 9.41 -11.70
CA HIS A 396 21.72 9.41 -10.27
C HIS A 396 20.91 10.55 -9.64
N GLU A 397 19.93 10.23 -8.80
CA GLU A 397 19.07 11.27 -8.26
C GLU A 397 19.84 12.22 -7.35
N ALA A 398 19.51 13.50 -7.42
CA ALA A 398 20.12 14.53 -6.59
C ALA A 398 19.51 14.51 -5.17
N PRO A 399 20.29 14.93 -4.17
CA PRO A 399 19.79 15.01 -2.79
C PRO A 399 18.63 15.98 -2.59
N ASN A 400 18.58 17.06 -3.36
CA ASN A 400 17.63 18.14 -3.16
C ASN A 400 16.69 18.35 -4.35
N TYR A 401 16.58 17.36 -5.24
CA TYR A 401 15.67 17.44 -6.38
C TYR A 401 15.17 16.07 -6.76
N LYS A 402 13.87 15.85 -6.59
CA LYS A 402 13.26 14.57 -6.91
C LYS A 402 12.08 14.76 -7.87
N VAL A 403 11.94 13.86 -8.83
CA VAL A 403 10.84 13.93 -9.78
C VAL A 403 10.07 12.60 -9.80
N MET B 25 -13.64 37.77 -36.33
CA MET B 25 -14.50 36.99 -35.43
C MET B 25 -14.85 37.78 -34.18
N LYS B 26 -16.02 37.51 -33.64
CA LYS B 26 -16.50 38.21 -32.45
C LYS B 26 -16.31 37.36 -31.19
N ILE B 27 -15.34 37.74 -30.35
CA ILE B 27 -15.14 37.05 -29.07
C ILE B 27 -15.76 37.84 -27.91
N VAL B 28 -16.90 37.35 -27.43
CA VAL B 28 -17.71 38.03 -26.42
C VAL B 28 -17.01 38.16 -25.06
N LYS B 29 -16.22 37.14 -24.70
CA LYS B 29 -15.56 37.10 -23.40
C LYS B 29 -14.63 35.90 -23.26
N ARG B 30 -13.91 35.87 -22.14
CA ARG B 30 -13.16 34.71 -21.71
C ARG B 30 -14.03 34.04 -20.65
N ALA B 31 -14.37 32.77 -20.85
CA ALA B 31 -15.31 32.08 -19.97
C ALA B 31 -14.62 31.06 -19.05
N LEU B 32 -15.02 31.04 -17.78
CA LEU B 32 -14.35 30.20 -16.79
C LEU B 32 -15.22 29.03 -16.42
N THR B 33 -14.60 27.93 -15.99
CA THR B 33 -15.37 26.86 -15.36
C THR B 33 -14.86 26.58 -13.95
N PHE B 34 -15.39 25.54 -13.33
CA PHE B 34 -15.18 25.27 -11.90
C PHE B 34 -13.72 25.33 -11.46
N GLU B 35 -12.85 24.65 -12.20
N GLU B 35 -12.85 24.71 -12.22
CA GLU B 35 -11.42 24.52 -11.83
CA GLU B 35 -11.47 24.54 -11.80
C GLU B 35 -10.64 25.83 -11.91
C GLU B 35 -10.63 25.80 -11.97
N ASP B 36 -11.25 26.85 -12.50
CA ASP B 36 -10.59 28.14 -12.68
C ASP B 36 -10.70 29.03 -11.47
N VAL B 37 -11.63 28.71 -10.56
CA VAL B 37 -11.93 29.59 -9.44
C VAL B 37 -12.05 28.86 -8.10
N LEU B 38 -11.77 29.59 -7.02
CA LEU B 38 -12.00 29.10 -5.66
C LEU B 38 -12.77 30.17 -4.88
N LEU B 39 -13.51 29.72 -3.85
CA LEU B 39 -14.18 30.64 -2.93
C LEU B 39 -13.20 31.16 -1.90
N ARG B 40 -13.30 32.44 -1.56
CA ARG B 40 -12.48 32.98 -0.47
C ARG B 40 -13.18 32.66 0.85
N PRO B 41 -12.41 32.20 1.84
CA PRO B 41 -13.01 32.00 3.17
C PRO B 41 -13.38 33.35 3.75
N GLY B 42 -14.43 33.41 4.56
CA GLY B 42 -14.80 34.67 5.17
C GLY B 42 -15.03 34.50 6.64
N TYR B 43 -15.20 35.61 7.36
CA TYR B 43 -15.55 35.53 8.77
C TYR B 43 -16.82 34.71 9.00
N SER B 44 -16.75 33.80 9.95
CA SER B 44 -17.83 32.83 10.18
C SER B 44 -18.22 32.65 11.65
N GLU B 45 -19.52 32.72 11.91
CA GLU B 45 -20.06 32.47 13.25
C GLU B 45 -20.92 31.22 13.19
N VAL B 46 -20.79 30.45 12.12
CA VAL B 46 -21.64 29.30 11.86
C VAL B 46 -20.80 28.02 11.66
N LEU B 47 -21.23 26.92 12.28
CA LEU B 47 -20.61 25.62 12.04
C LEU B 47 -21.32 24.90 10.90
N PRO B 48 -20.56 24.10 10.12
CA PRO B 48 -21.11 23.35 9.00
C PRO B 48 -22.38 22.58 9.38
N LYS B 49 -22.41 22.03 10.61
CA LYS B 49 -23.59 21.29 11.04
C LYS B 49 -24.83 22.17 11.22
N GLU B 50 -24.61 23.46 11.50
CA GLU B 50 -25.67 24.42 11.78
C GLU B 50 -26.33 25.00 10.53
N VAL B 51 -25.63 25.01 9.40
CA VAL B 51 -26.17 25.65 8.22
C VAL B 51 -27.40 24.93 7.67
N LYS B 52 -28.29 25.68 7.01
CA LYS B 52 -29.47 25.10 6.39
C LYS B 52 -29.24 25.03 4.88
N ILE B 53 -29.57 23.90 4.28
CA ILE B 53 -29.33 23.68 2.87
C ILE B 53 -30.58 23.56 1.99
N HIS B 54 -31.74 23.96 2.48
CA HIS B 54 -32.94 23.93 1.64
C HIS B 54 -32.83 24.95 0.52
N THR B 55 -33.57 24.72 -0.56
CA THR B 55 -33.47 25.58 -1.72
C THR B 55 -34.71 25.46 -2.61
N LYS B 56 -34.86 26.39 -3.55
CA LYS B 56 -35.96 26.33 -4.51
C LYS B 56 -35.64 25.39 -5.67
N LEU B 57 -36.55 24.48 -6.01
CA LEU B 57 -36.40 23.71 -7.26
C LEU B 57 -36.95 24.57 -8.39
N THR B 58 -38.16 25.06 -8.17
CA THR B 58 -38.80 25.96 -9.10
C THR B 58 -39.33 27.10 -8.25
N LYS B 59 -40.13 27.95 -8.86
CA LYS B 59 -40.73 29.07 -8.15
C LYS B 59 -41.70 28.62 -7.04
N ASN B 60 -42.22 27.41 -7.14
CA ASN B 60 -43.24 26.91 -6.22
C ASN B 60 -42.91 25.58 -5.54
N ILE B 61 -41.69 25.08 -5.73
CA ILE B 61 -41.30 23.81 -5.13
C ILE B 61 -39.94 23.88 -4.44
N THR B 62 -39.93 23.48 -3.18
CA THR B 62 -38.74 23.50 -2.34
C THR B 62 -38.06 22.12 -2.25
N LEU B 63 -36.74 22.11 -2.26
CA LEU B 63 -35.96 20.91 -1.94
C LEU B 63 -35.38 21.07 -0.53
N ASN B 64 -35.26 19.98 0.23
CA ASN B 64 -34.61 20.07 1.55
C ASN B 64 -33.08 20.03 1.43
N MET B 65 -32.60 19.58 0.27
CA MET B 65 -31.19 19.71 -0.07
C MET B 65 -31.09 19.86 -1.60
N PRO B 66 -30.00 20.47 -2.12
CA PRO B 66 -30.01 20.96 -3.51
C PRO B 66 -29.62 19.99 -4.64
N LEU B 67 -29.72 18.68 -4.46
CA LEU B 67 -29.28 17.73 -5.51
C LEU B 67 -30.42 17.10 -6.28
N ILE B 68 -30.25 16.98 -7.60
CA ILE B 68 -31.21 16.30 -8.46
C ILE B 68 -30.44 15.28 -9.28
N SER B 69 -30.96 14.05 -9.36
CA SER B 69 -30.31 13.04 -10.22
C SER B 69 -30.75 13.25 -11.68
N ALA B 70 -29.83 12.97 -12.60
CA ALA B 70 -30.02 13.28 -14.01
C ALA B 70 -31.07 12.38 -14.69
N ALA B 71 -31.79 12.94 -15.65
CA ALA B 71 -32.78 12.19 -16.40
C ALA B 71 -32.12 11.29 -17.42
N MET B 72 -31.49 10.22 -16.95
CA MET B 72 -30.68 9.34 -17.80
C MET B 72 -30.94 7.86 -17.55
N ASP B 73 -30.92 7.05 -18.62
CA ASP B 73 -31.30 5.64 -18.46
C ASP B 73 -30.27 4.77 -17.73
N THR B 74 -29.17 5.38 -17.33
CA THR B 74 -28.20 4.67 -16.50
C THR B 74 -28.03 5.40 -15.17
N VAL B 75 -29.00 6.24 -14.84
CA VAL B 75 -28.99 6.96 -13.56
C VAL B 75 -30.31 6.89 -12.78
N THR B 76 -31.41 7.37 -13.37
CA THR B 76 -32.63 7.58 -12.60
C THR B 76 -33.86 6.82 -13.09
N GLU B 77 -34.15 5.71 -12.41
CA GLU B 77 -35.47 5.08 -12.46
C GLU B 77 -36.06 5.13 -11.05
N HIS B 78 -37.08 4.33 -10.76
CA HIS B 78 -37.80 4.52 -9.50
C HIS B 78 -36.96 4.33 -8.23
N ARG B 79 -36.05 3.36 -8.20
CA ARG B 79 -35.30 3.10 -6.98
C ARG B 79 -34.44 4.30 -6.64
N ALA B 80 -33.92 4.97 -7.66
CA ALA B 80 -33.05 6.12 -7.47
C ALA B 80 -33.83 7.37 -7.08
N ALA B 81 -34.94 7.63 -7.79
CA ALA B 81 -35.77 8.77 -7.48
C ALA B 81 -36.36 8.66 -6.07
N ILE B 82 -36.69 7.45 -5.64
CA ILE B 82 -37.12 7.23 -4.27
C ILE B 82 -36.04 7.66 -3.28
N MET B 83 -34.83 7.13 -3.39
CA MET B 83 -33.76 7.56 -2.48
C MET B 83 -33.50 9.08 -2.52
N MET B 84 -33.46 9.66 -3.71
CA MET B 84 -33.18 11.09 -3.85
C MET B 84 -34.20 11.93 -3.10
N ALA B 85 -35.46 11.55 -3.19
CA ALA B 85 -36.51 12.32 -2.53
C ALA B 85 -36.53 12.06 -1.02
N ARG B 86 -36.26 10.81 -0.60
CA ARG B 86 -36.13 10.51 0.84
C ARG B 86 -35.04 11.34 1.49
N LEU B 87 -33.97 11.62 0.75
CA LEU B 87 -32.87 12.43 1.26
C LEU B 87 -33.12 13.92 1.08
N GLY B 88 -34.27 14.27 0.50
CA GLY B 88 -34.66 15.67 0.42
C GLY B 88 -34.42 16.36 -0.90
N GLY B 89 -33.88 15.61 -1.86
CA GLY B 89 -33.65 16.16 -3.19
C GLY B 89 -34.70 15.63 -4.14
N LEU B 90 -34.31 15.38 -5.38
CA LEU B 90 -35.26 14.94 -6.41
C LEU B 90 -34.63 13.99 -7.43
N GLY B 91 -35.40 13.02 -7.87
CA GLY B 91 -35.02 12.23 -9.01
C GLY B 91 -35.87 12.62 -10.21
N VAL B 92 -35.27 12.63 -11.40
CA VAL B 92 -36.03 12.86 -12.63
C VAL B 92 -35.99 11.61 -13.53
N ILE B 93 -37.14 10.95 -13.67
CA ILE B 93 -37.27 9.72 -14.47
C ILE B 93 -37.01 10.03 -15.95
N HIS B 94 -36.14 9.24 -16.59
CA HIS B 94 -35.74 9.48 -17.98
C HIS B 94 -36.87 9.16 -18.96
N LYS B 95 -36.75 9.63 -20.20
CA LYS B 95 -37.83 9.51 -21.19
C LYS B 95 -37.57 8.41 -22.22
N ASN B 96 -36.48 7.67 -22.03
CA ASN B 96 -36.11 6.59 -22.94
C ASN B 96 -36.93 5.32 -22.65
N MET B 97 -38.25 5.51 -22.68
N MET B 97 -38.25 5.48 -22.64
CA MET B 97 -39.25 4.54 -22.24
CA MET B 97 -39.16 4.37 -22.41
C MET B 97 -40.54 4.85 -23.00
C MET B 97 -40.54 4.82 -22.89
N ASP B 98 -41.44 3.89 -23.14
CA ASP B 98 -42.78 4.25 -23.61
C ASP B 98 -43.56 4.98 -22.51
N ILE B 99 -44.63 5.70 -22.87
CA ILE B 99 -45.40 6.46 -21.91
C ILE B 99 -45.84 5.61 -20.71
N ALA B 100 -46.47 4.46 -20.98
CA ALA B 100 -46.94 3.57 -19.94
C ALA B 100 -45.85 3.18 -18.92
N SER B 101 -44.63 2.98 -19.39
CA SER B 101 -43.53 2.63 -18.49
C SER B 101 -43.15 3.80 -17.60
N GLN B 102 -43.14 5.00 -18.18
CA GLN B 102 -42.71 6.18 -17.44
C GLN B 102 -43.75 6.53 -16.36
N VAL B 103 -45.02 6.49 -16.75
CA VAL B 103 -46.15 6.60 -15.83
C VAL B 103 -46.02 5.63 -14.66
N ARG B 104 -45.71 4.37 -14.96
CA ARG B 104 -45.59 3.34 -13.93
C ARG B 104 -44.42 3.63 -12.99
N GLU B 105 -43.32 4.13 -13.56
CA GLU B 105 -42.18 4.56 -12.74
C GLU B 105 -42.55 5.69 -11.79
N VAL B 106 -43.40 6.61 -12.27
CA VAL B 106 -43.79 7.77 -11.49
C VAL B 106 -44.70 7.36 -10.33
N LYS B 107 -45.67 6.50 -10.63
CA LYS B 107 -46.53 5.95 -9.60
C LYS B 107 -45.76 5.19 -8.53
N ARG B 108 -44.75 4.41 -8.93
CA ARG B 108 -43.94 3.71 -7.95
C ARG B 108 -43.33 4.64 -6.92
N VAL B 109 -42.75 5.75 -7.40
CA VAL B 109 -42.24 6.78 -6.49
C VAL B 109 -43.36 7.38 -5.62
N LYS B 110 -44.49 7.73 -6.24
CA LYS B 110 -45.58 8.40 -5.52
C LYS B 110 -46.19 7.50 -4.44
N LYS B 111 -46.19 6.19 -4.68
CA LYS B 111 -46.80 5.24 -3.74
C LYS B 111 -45.77 4.62 -2.81
N SER B 112 -44.52 5.08 -2.88
CA SER B 112 -43.48 4.54 -2.02
C SER B 112 -43.68 4.94 -0.57
N GLU B 113 -43.43 4.01 0.35
CA GLU B 113 -43.39 4.33 1.77
C GLU B 113 -42.22 3.60 2.48
N SER B 114 -41.80 4.13 3.61
CA SER B 114 -40.68 3.56 4.35
C SER B 114 -41.06 2.25 5.05
N GLU B 125 -37.22 7.84 10.00
CA GLU B 125 -36.00 7.40 9.31
C GLU B 125 -35.57 8.29 8.13
N TYR B 126 -36.53 9.00 7.54
CA TYR B 126 -36.25 9.93 6.43
C TYR B 126 -36.93 11.29 6.69
N PRO B 127 -36.49 12.01 7.74
CA PRO B 127 -37.18 13.21 8.21
C PRO B 127 -36.93 14.43 7.31
N ASP B 128 -35.95 14.30 6.44
CA ASP B 128 -35.67 15.35 5.48
C ASP B 128 -36.33 15.06 4.14
N ALA B 129 -37.19 14.04 4.10
CA ALA B 129 -37.83 13.61 2.85
C ALA B 129 -38.48 14.77 2.11
N ASN B 130 -38.41 14.76 0.78
CA ASN B 130 -39.01 15.82 -0.03
C ASN B 130 -40.38 15.37 -0.53
N LYS B 131 -41.43 15.91 0.09
CA LYS B 131 -42.79 15.43 -0.12
C LYS B 131 -43.75 16.51 -0.63
N ASP B 132 -44.69 16.11 -1.48
CA ASP B 132 -45.80 16.98 -1.87
C ASP B 132 -46.77 17.19 -0.69
N ASN B 133 -47.88 17.88 -0.93
CA ASN B 133 -48.84 18.15 0.14
C ASN B 133 -49.58 16.93 0.69
N PHE B 134 -49.55 15.83 -0.05
CA PHE B 134 -50.22 14.59 0.39
C PHE B 134 -49.30 13.70 1.21
N GLY B 135 -48.07 14.18 1.46
CA GLY B 135 -47.04 13.39 2.10
C GLY B 135 -46.53 12.25 1.26
N ARG B 136 -46.43 12.47 -0.04
CA ARG B 136 -45.89 11.47 -0.95
C ARG B 136 -44.60 12.03 -1.47
N LEU B 137 -43.61 11.17 -1.68
CA LEU B 137 -42.33 11.61 -2.26
C LEU B 137 -42.55 12.32 -3.59
N ARG B 138 -41.90 13.47 -3.75
N ARG B 138 -41.88 13.46 -3.76
CA ARG B 138 -41.94 14.19 -5.01
CA ARG B 138 -41.95 14.18 -5.01
C ARG B 138 -41.08 13.50 -6.06
C ARG B 138 -41.08 13.50 -6.06
N VAL B 139 -41.45 13.67 -7.33
CA VAL B 139 -40.70 13.07 -8.42
C VAL B 139 -40.88 13.91 -9.69
N GLY B 140 -39.86 13.92 -10.54
CA GLY B 140 -39.92 14.65 -11.81
C GLY B 140 -39.78 13.65 -12.97
N ALA B 141 -40.25 14.04 -14.15
CA ALA B 141 -40.18 13.18 -15.32
C ALA B 141 -39.80 13.98 -16.56
N ALA B 142 -38.87 13.43 -17.34
CA ALA B 142 -38.38 14.07 -18.55
C ALA B 142 -39.33 13.88 -19.73
N ILE B 143 -39.45 14.92 -20.57
CA ILE B 143 -40.15 14.83 -21.84
C ILE B 143 -39.34 15.59 -22.88
N GLY B 144 -39.68 15.40 -24.14
CA GLY B 144 -39.04 16.14 -25.22
C GLY B 144 -40.04 17.02 -25.95
N VAL B 145 -39.55 17.76 -26.93
CA VAL B 145 -40.37 18.65 -27.73
C VAL B 145 -41.61 17.94 -28.26
N GLY B 146 -42.76 18.60 -28.09
CA GLY B 146 -44.02 18.14 -28.65
C GLY B 146 -44.68 16.97 -27.94
N GLN B 147 -44.00 16.36 -26.96
CA GLN B 147 -44.54 15.17 -26.30
C GLN B 147 -45.73 15.47 -25.35
N MET B 148 -46.81 16.00 -25.90
CA MET B 148 -47.94 16.47 -25.10
C MET B 148 -48.83 15.38 -24.52
N ASP B 149 -48.83 14.22 -25.16
CA ASP B 149 -49.60 13.07 -24.69
C ASP B 149 -48.90 12.46 -23.50
N ARG B 150 -47.57 12.42 -23.57
CA ARG B 150 -46.77 11.96 -22.44
C ARG B 150 -46.98 12.90 -21.26
N VAL B 151 -47.05 14.21 -21.52
CA VAL B 151 -47.28 15.16 -20.44
C VAL B 151 -48.63 14.88 -19.74
N ASP B 152 -49.69 14.71 -20.54
CA ASP B 152 -51.02 14.43 -20.00
C ASP B 152 -50.99 13.23 -19.08
N ALA B 153 -50.36 12.15 -19.54
CA ALA B 153 -50.29 10.92 -18.75
C ALA B 153 -49.54 11.15 -17.45
N LEU B 154 -48.44 11.87 -17.53
CA LEU B 154 -47.61 12.14 -16.36
C LEU B 154 -48.33 13.00 -15.32
N VAL B 155 -49.12 13.97 -15.80
CA VAL B 155 -49.90 14.81 -14.91
C VAL B 155 -50.91 13.94 -14.14
N GLU B 156 -51.60 13.08 -14.88
CA GLU B 156 -52.61 12.17 -14.35
C GLU B 156 -51.99 11.11 -13.43
N ALA B 157 -50.69 10.85 -13.59
CA ALA B 157 -49.96 9.96 -12.69
C ALA B 157 -49.52 10.70 -11.42
N GLY B 158 -49.69 12.01 -11.41
CA GLY B 158 -49.32 12.79 -10.23
C GLY B 158 -47.85 13.13 -10.14
N VAL B 159 -47.21 13.36 -11.28
CA VAL B 159 -45.84 13.88 -11.29
C VAL B 159 -45.87 15.28 -10.68
N ASP B 160 -44.78 15.67 -10.02
CA ASP B 160 -44.68 16.99 -9.37
C ASP B 160 -44.05 18.04 -10.27
N VAL B 161 -43.16 17.61 -11.15
CA VAL B 161 -42.50 18.54 -12.05
C VAL B 161 -42.14 17.85 -13.37
N VAL B 162 -42.37 18.56 -14.46
CA VAL B 162 -42.01 18.03 -15.76
C VAL B 162 -40.74 18.73 -16.23
N VAL B 163 -39.77 17.93 -16.62
CA VAL B 163 -38.49 18.46 -17.09
C VAL B 163 -38.45 18.38 -18.61
N LEU B 164 -38.66 19.51 -19.27
CA LEU B 164 -38.63 19.56 -20.73
C LEU B 164 -37.19 19.72 -21.24
N ASP B 165 -36.65 18.65 -21.85
CA ASP B 165 -35.24 18.64 -22.24
C ASP B 165 -34.96 18.57 -23.74
N SER B 166 -34.00 19.38 -24.16
CA SER B 166 -33.44 19.36 -25.51
C SER B 166 -31.95 19.59 -25.40
N ALA B 167 -31.21 19.12 -26.39
CA ALA B 167 -29.82 19.50 -26.56
C ALA B 167 -29.72 21.02 -26.75
N HIS B 168 -30.78 21.63 -27.29
CA HIS B 168 -30.78 23.07 -27.54
C HIS B 168 -32.05 23.73 -27.02
N GLY B 169 -32.04 24.11 -25.74
CA GLY B 169 -33.20 24.73 -25.11
C GLY B 169 -33.62 26.03 -25.79
N HIS B 170 -32.64 26.80 -26.27
CA HIS B 170 -32.96 28.04 -26.96
C HIS B 170 -33.44 27.81 -28.40
N SER B 171 -34.54 27.07 -28.54
CA SER B 171 -35.05 26.68 -29.85
C SER B 171 -36.56 26.84 -29.94
N LYS B 172 -37.06 27.07 -31.15
CA LYS B 172 -38.48 27.34 -31.34
C LYS B 172 -39.38 26.18 -30.89
N GLY B 173 -38.90 24.96 -31.05
CA GLY B 173 -39.65 23.78 -30.64
C GLY B 173 -39.84 23.77 -29.13
N ILE B 174 -38.77 24.10 -28.41
CA ILE B 174 -38.83 24.14 -26.96
C ILE B 174 -39.72 25.28 -26.49
N ILE B 175 -39.48 26.49 -27.01
CA ILE B 175 -40.31 27.64 -26.62
C ILE B 175 -41.79 27.36 -26.86
N ASP B 176 -42.14 26.77 -28.02
CA ASP B 176 -43.54 26.43 -28.29
C ASP B 176 -44.08 25.39 -27.32
N THR B 177 -43.26 24.39 -26.99
CA THR B 177 -43.73 23.33 -26.09
C THR B 177 -44.05 23.91 -24.70
N VAL B 178 -43.16 24.75 -24.19
CA VAL B 178 -43.39 25.46 -22.94
C VAL B 178 -44.73 26.17 -22.95
N LYS B 179 -44.97 26.97 -23.98
CA LYS B 179 -46.20 27.75 -24.03
C LYS B 179 -47.44 26.85 -24.04
N ALA B 180 -47.35 25.72 -24.74
CA ALA B 180 -48.47 24.78 -24.82
C ALA B 180 -48.76 24.11 -23.47
N ILE B 181 -47.69 23.72 -22.76
CA ILE B 181 -47.81 23.07 -21.48
C ILE B 181 -48.35 24.01 -20.39
N LYS B 182 -47.83 25.24 -20.36
CA LYS B 182 -48.33 26.25 -19.43
C LYS B 182 -49.77 26.63 -19.76
N ALA B 183 -50.12 26.57 -21.04
CA ALA B 183 -51.51 26.85 -21.44
C ALA B 183 -52.45 25.75 -20.97
N LYS B 184 -52.08 24.48 -21.18
CA LYS B 184 -52.96 23.38 -20.77
C LYS B 184 -52.89 23.08 -19.26
N TYR B 185 -51.71 23.23 -18.68
CA TYR B 185 -51.54 22.93 -17.26
C TYR B 185 -50.88 24.09 -16.54
N PRO B 186 -51.64 25.16 -16.24
CA PRO B 186 -51.07 26.38 -15.66
C PRO B 186 -50.51 26.19 -14.26
N ASN B 187 -50.92 25.15 -13.55
CA ASN B 187 -50.37 24.89 -12.23
C ASN B 187 -49.33 23.77 -12.19
N LEU B 188 -48.93 23.28 -13.36
CA LEU B 188 -47.89 22.27 -13.40
C LEU B 188 -46.54 22.97 -13.40
N ASP B 189 -45.64 22.58 -12.50
CA ASP B 189 -44.31 23.17 -12.51
C ASP B 189 -43.51 22.59 -13.66
N LEU B 190 -42.89 23.48 -14.42
CA LEU B 190 -42.22 23.11 -15.66
C LEU B 190 -40.77 23.59 -15.70
N ILE B 191 -39.86 22.64 -15.90
CA ILE B 191 -38.44 22.95 -16.07
C ILE B 191 -38.06 22.76 -17.54
N ALA B 192 -37.26 23.66 -18.09
CA ALA B 192 -36.82 23.58 -19.50
C ALA B 192 -35.34 23.90 -19.61
N GLY B 193 -34.66 23.18 -20.50
CA GLY B 193 -33.25 23.34 -20.80
C GLY B 193 -32.92 22.45 -22.00
N ASN B 194 -31.66 22.32 -22.36
CA ASN B 194 -30.56 22.99 -21.68
C ASN B 194 -30.17 24.29 -22.38
N ILE B 195 -29.72 25.28 -21.61
CA ILE B 195 -29.29 26.56 -22.16
C ILE B 195 -27.92 26.98 -21.62
N ALA B 196 -27.32 27.99 -22.24
CA ALA B 196 -26.03 28.49 -21.77
C ALA B 196 -25.83 30.03 -21.84
N THR B 197 -26.82 30.76 -22.32
CA THR B 197 -26.69 32.21 -22.44
C THR B 197 -27.83 32.99 -21.80
N ALA B 198 -27.57 34.25 -21.45
CA ALA B 198 -28.62 35.12 -20.89
C ALA B 198 -29.84 35.29 -21.81
N ALA B 199 -29.63 35.34 -23.13
CA ALA B 199 -30.77 35.53 -24.06
C ALA B 199 -31.69 34.32 -24.04
N ALA B 200 -31.11 33.13 -23.97
CA ALA B 200 -31.90 31.91 -23.81
C ALA B 200 -32.74 31.94 -22.54
N ALA B 201 -32.13 32.32 -21.42
CA ALA B 201 -32.85 32.39 -20.14
C ALA B 201 -33.99 33.41 -20.23
N LYS B 202 -33.72 34.53 -20.88
CA LYS B 202 -34.77 35.50 -21.10
C LYS B 202 -35.93 34.90 -21.89
N ALA B 203 -35.63 34.22 -23.00
CA ALA B 203 -36.69 33.64 -23.84
C ALA B 203 -37.52 32.61 -23.11
N LEU B 204 -36.86 31.70 -22.40
CA LEU B 204 -37.55 30.68 -21.62
C LEU B 204 -38.41 31.28 -20.49
N CYS B 205 -37.81 32.15 -19.68
CA CYS B 205 -38.57 32.84 -18.64
C CYS B 205 -39.82 33.52 -19.21
N GLU B 206 -39.66 34.29 -20.28
CA GLU B 206 -40.82 34.95 -20.90
C GLU B 206 -41.82 33.94 -21.47
N ALA B 207 -41.32 32.76 -21.83
CA ALA B 207 -42.19 31.68 -22.28
C ALA B 207 -43.06 31.15 -21.14
N GLY B 208 -42.61 31.30 -19.90
CA GLY B 208 -43.39 30.90 -18.73
C GLY B 208 -42.85 29.74 -17.91
N VAL B 209 -41.55 29.45 -18.02
CA VAL B 209 -40.99 28.34 -17.24
C VAL B 209 -40.86 28.72 -15.76
N ASP B 210 -40.67 27.70 -14.92
CA ASP B 210 -40.58 27.89 -13.49
C ASP B 210 -39.16 27.60 -13.02
N ALA B 211 -38.36 27.04 -13.92
CA ALA B 211 -36.91 26.94 -13.74
C ALA B 211 -36.26 26.70 -15.11
N VAL B 212 -35.02 27.16 -15.25
CA VAL B 212 -34.23 26.92 -16.45
C VAL B 212 -33.06 25.99 -16.10
N LYS B 213 -32.70 25.08 -17.00
CA LYS B 213 -31.53 24.22 -16.79
C LYS B 213 -30.37 24.67 -17.64
N VAL B 214 -29.24 24.90 -16.99
CA VAL B 214 -28.05 25.41 -17.65
C VAL B 214 -27.00 24.31 -17.84
N GLY B 215 -26.42 24.24 -19.05
CA GLY B 215 -25.41 23.24 -19.35
C GLY B 215 -25.42 22.78 -20.79
N ILE B 216 -24.49 23.28 -21.59
CA ILE B 216 -24.30 22.81 -22.95
C ILE B 216 -22.86 22.34 -23.03
N GLY B 217 -22.64 21.02 -23.03
CA GLY B 217 -21.28 20.49 -23.11
C GLY B 217 -20.49 20.06 -21.87
N PRO B 218 -20.90 20.43 -20.64
CA PRO B 218 -19.98 20.09 -19.54
C PRO B 218 -20.15 18.68 -18.98
N GLY B 219 -21.20 17.97 -19.40
CA GLY B 219 -21.43 16.63 -18.90
C GLY B 219 -20.20 15.72 -19.09
N SER B 220 -19.99 14.85 -18.12
CA SER B 220 -18.88 13.89 -18.17
C SER B 220 -18.87 13.06 -19.48
N ILE B 221 -20.05 12.66 -19.95
CA ILE B 221 -20.16 11.74 -21.08
C ILE B 221 -20.46 12.46 -22.39
N CYS B 222 -20.32 13.78 -22.37
CA CYS B 222 -20.78 14.63 -23.47
C CYS B 222 -19.65 15.01 -24.42
N THR B 223 -19.89 14.87 -25.73
CA THR B 223 -18.97 15.30 -26.77
C THR B 223 -19.49 16.47 -27.60
N THR B 224 -20.62 17.03 -27.19
CA THR B 224 -21.25 18.16 -27.90
C THR B 224 -20.25 19.25 -28.31
N ARG B 225 -19.45 19.71 -27.36
CA ARG B 225 -18.48 20.76 -27.66
C ARG B 225 -17.43 20.32 -28.71
N ILE B 226 -17.14 19.03 -28.74
CA ILE B 226 -16.08 18.54 -29.60
C ILE B 226 -16.64 18.30 -31.00
N VAL B 227 -17.82 17.69 -31.02
CA VAL B 227 -18.51 17.32 -32.24
C VAL B 227 -19.01 18.54 -33.03
N SER B 228 -19.52 19.54 -32.33
CA SER B 228 -20.10 20.70 -33.02
C SER B 228 -19.40 22.02 -32.70
N GLY B 229 -18.48 22.02 -31.74
CA GLY B 229 -17.77 23.25 -31.41
C GLY B 229 -18.58 24.24 -30.58
N VAL B 230 -19.77 23.83 -30.15
CA VAL B 230 -20.67 24.75 -29.43
C VAL B 230 -20.71 24.49 -27.94
N GLY B 231 -20.74 25.54 -27.13
CA GLY B 231 -20.94 25.39 -25.70
C GLY B 231 -20.35 26.55 -24.90
N VAL B 232 -20.61 26.59 -23.59
CA VAL B 232 -20.08 27.64 -22.75
C VAL B 232 -19.60 27.01 -21.46
N PRO B 233 -18.33 27.24 -21.07
CA PRO B 233 -17.80 26.73 -19.78
C PRO B 233 -18.79 26.97 -18.64
N GLN B 234 -19.00 25.95 -17.82
CA GLN B 234 -20.17 25.86 -16.95
C GLN B 234 -20.33 26.99 -15.90
N ILE B 235 -19.24 27.42 -15.26
CA ILE B 235 -19.33 28.51 -14.28
C ILE B 235 -19.84 29.83 -14.90
N SER B 236 -19.30 30.17 -16.07
CA SER B 236 -19.72 31.36 -16.82
C SER B 236 -21.18 31.25 -17.28
N ALA B 237 -21.53 30.10 -17.85
CA ALA B 237 -22.91 29.84 -18.26
C ALA B 237 -23.93 30.03 -17.12
N ILE B 238 -23.62 29.48 -15.94
CA ILE B 238 -24.51 29.62 -14.79
C ILE B 238 -24.58 31.09 -14.39
N ASP B 239 -23.42 31.72 -14.28
CA ASP B 239 -23.34 33.13 -13.91
C ASP B 239 -24.22 34.02 -14.82
N GLU B 240 -24.09 33.80 -16.12
CA GLU B 240 -24.81 34.58 -17.13
C GLU B 240 -26.31 34.36 -17.06
N CYS B 241 -26.71 33.12 -16.84
CA CYS B 241 -28.11 32.76 -16.88
C CYS B 241 -28.82 33.16 -15.59
N VAL B 242 -28.12 32.96 -14.47
CA VAL B 242 -28.63 33.37 -13.17
C VAL B 242 -28.98 34.86 -13.13
N GLU B 243 -28.08 35.69 -13.65
CA GLU B 243 -28.31 37.12 -13.63
C GLU B 243 -29.58 37.49 -14.40
N GLU B 244 -29.81 36.80 -15.51
CA GLU B 244 -31.03 37.03 -16.28
C GLU B 244 -32.27 36.37 -15.62
N ALA B 245 -32.11 35.14 -15.16
CA ALA B 245 -33.24 34.42 -14.58
C ALA B 245 -33.73 35.10 -13.30
N ASN B 246 -32.81 35.72 -12.54
CA ASN B 246 -33.22 36.43 -11.33
C ASN B 246 -34.26 37.53 -11.58
N LYS B 247 -34.20 38.17 -12.74
CA LYS B 247 -35.12 39.27 -13.02
C LYS B 247 -36.54 38.77 -13.14
N PHE B 248 -36.71 37.45 -13.27
CA PHE B 248 -38.03 36.87 -13.44
C PHE B 248 -38.39 36.05 -12.21
N GLY B 249 -37.48 36.01 -11.24
CA GLY B 249 -37.70 35.22 -10.04
C GLY B 249 -37.68 33.74 -10.35
N VAL B 250 -36.88 33.35 -11.34
CA VAL B 250 -36.80 31.97 -11.82
C VAL B 250 -35.48 31.33 -11.43
N PRO B 251 -35.55 30.20 -10.69
CA PRO B 251 -34.35 29.44 -10.27
C PRO B 251 -33.57 28.85 -11.46
N VAL B 252 -32.26 28.72 -11.30
CA VAL B 252 -31.42 28.08 -12.28
C VAL B 252 -30.95 26.71 -11.76
N ILE B 253 -31.05 25.68 -12.59
CA ILE B 253 -30.46 24.40 -12.26
C ILE B 253 -29.12 24.20 -12.98
N ALA B 254 -28.06 23.94 -12.23
CA ALA B 254 -26.73 23.74 -12.82
C ALA B 254 -26.54 22.27 -13.13
N ASP B 255 -26.57 21.94 -14.42
CA ASP B 255 -26.65 20.57 -14.87
C ASP B 255 -25.39 20.12 -15.60
N GLY B 256 -24.59 19.26 -14.97
CA GLY B 256 -23.46 18.64 -15.65
C GLY B 256 -22.11 19.18 -15.21
N GLY B 257 -21.09 18.31 -15.23
CA GLY B 257 -19.74 18.78 -15.00
C GLY B 257 -19.28 18.76 -13.56
N ILE B 258 -20.15 18.39 -12.64
CA ILE B 258 -19.79 18.29 -11.23
C ILE B 258 -18.96 17.03 -11.03
N LYS B 259 -17.75 17.15 -10.47
CA LYS B 259 -16.94 15.96 -10.18
C LYS B 259 -16.77 15.79 -8.69
N TYR B 260 -16.79 16.90 -7.96
CA TYR B 260 -16.47 16.92 -6.55
C TYR B 260 -17.46 17.81 -5.83
N SER B 261 -17.60 17.63 -4.50
CA SER B 261 -18.53 18.41 -3.70
C SER B 261 -18.22 19.92 -3.78
N GLY B 262 -16.93 20.25 -3.91
CA GLY B 262 -16.52 21.62 -4.10
C GLY B 262 -17.21 22.29 -5.31
N ASP B 263 -17.54 21.48 -6.32
CA ASP B 263 -18.15 22.06 -7.52
C ASP B 263 -19.59 22.44 -7.25
N ILE B 264 -20.23 21.63 -6.42
CA ILE B 264 -21.60 21.89 -5.98
C ILE B 264 -21.64 23.25 -5.28
N ALA B 265 -20.73 23.45 -4.32
CA ALA B 265 -20.62 24.72 -3.59
C ALA B 265 -20.40 25.90 -4.54
N LYS B 266 -19.44 25.75 -5.45
CA LYS B 266 -19.17 26.82 -6.40
C LYS B 266 -20.40 27.17 -7.25
N ALA B 267 -21.05 26.15 -7.80
CA ALA B 267 -22.27 26.34 -8.61
C ALA B 267 -23.35 27.08 -7.80
N LEU B 268 -23.56 26.65 -6.57
CA LEU B 268 -24.54 27.33 -5.72
C LEU B 268 -24.12 28.77 -5.41
N ALA B 269 -22.85 28.99 -5.09
CA ALA B 269 -22.34 30.31 -4.73
C ALA B 269 -22.47 31.30 -5.89
N VAL B 270 -22.28 30.81 -7.10
CA VAL B 270 -22.40 31.65 -8.30
C VAL B 270 -23.87 32.08 -8.52
N GLY B 271 -24.81 31.38 -7.90
CA GLY B 271 -26.19 31.77 -7.99
C GLY B 271 -27.19 30.70 -8.42
N ALA B 272 -26.72 29.49 -8.70
CA ALA B 272 -27.64 28.42 -9.03
C ALA B 272 -28.41 28.03 -7.76
N SER B 273 -29.61 27.48 -7.93
CA SER B 273 -30.44 27.06 -6.81
C SER B 273 -30.31 25.56 -6.53
N SER B 274 -30.05 24.79 -7.58
CA SER B 274 -29.79 23.38 -7.39
C SER B 274 -28.86 22.85 -8.48
N VAL B 275 -28.37 21.63 -8.26
CA VAL B 275 -27.42 21.03 -9.17
C VAL B 275 -27.96 19.67 -9.65
N MET B 276 -27.80 19.38 -10.94
CA MET B 276 -28.17 18.08 -11.47
C MET B 276 -26.92 17.21 -11.70
N ILE B 277 -27.00 15.95 -11.28
CA ILE B 277 -25.83 15.10 -11.27
C ILE B 277 -26.14 13.73 -11.86
N GLY B 278 -25.28 13.30 -12.79
CA GLY B 278 -25.39 12.00 -13.42
C GLY B 278 -24.23 11.11 -13.05
N SER B 279 -23.01 11.49 -13.42
CA SER B 279 -21.89 10.58 -13.22
C SER B 279 -21.62 10.18 -11.76
N LEU B 280 -21.78 11.11 -10.82
CA LEU B 280 -21.54 10.78 -9.39
C LEU B 280 -22.56 9.79 -8.83
N LEU B 281 -23.69 9.61 -9.51
CA LEU B 281 -24.73 8.70 -9.04
C LEU B 281 -24.85 7.41 -9.87
N ALA B 282 -24.26 7.41 -11.07
CA ALA B 282 -24.37 6.27 -11.97
C ALA B 282 -23.75 4.96 -11.42
N GLY B 283 -22.85 5.09 -10.45
CA GLY B 283 -22.20 3.94 -9.86
C GLY B 283 -22.85 3.43 -8.58
N THR B 284 -24.07 3.87 -8.32
CA THR B 284 -24.74 3.51 -7.09
C THR B 284 -25.64 2.30 -7.25
N ASP B 285 -25.87 1.59 -6.14
CA ASP B 285 -26.81 0.46 -6.06
C ASP B 285 -28.14 0.74 -6.75
N GLU B 286 -28.69 1.92 -6.50
CA GLU B 286 -30.06 2.25 -6.90
C GLU B 286 -30.18 2.60 -8.37
N SER B 287 -29.09 3.06 -8.96
CA SER B 287 -29.09 3.42 -10.38
C SER B 287 -29.36 2.16 -11.21
N PRO B 288 -29.99 2.33 -12.38
CA PRO B 288 -30.29 1.16 -13.21
C PRO B 288 -29.02 0.44 -13.62
N GLY B 289 -29.12 -0.84 -13.95
CA GLY B 289 -27.97 -1.60 -14.46
C GLY B 289 -27.39 -2.53 -13.42
N GLU B 290 -26.68 -3.55 -13.88
CA GLU B 290 -26.05 -4.50 -12.97
C GLU B 290 -24.59 -4.12 -12.70
N LEU B 291 -24.11 -4.49 -11.52
CA LEU B 291 -22.68 -4.45 -11.20
C LEU B 291 -21.89 -5.40 -12.09
N PHE B 292 -20.70 -5.01 -12.50
CA PHE B 292 -19.81 -6.00 -13.09
C PHE B 292 -18.40 -5.80 -12.61
N THR B 293 -17.60 -6.85 -12.71
CA THR B 293 -16.21 -6.75 -12.34
C THR B 293 -15.32 -6.93 -13.54
N TYR B 294 -14.40 -5.98 -13.72
CA TYR B 294 -13.47 -6.04 -14.82
C TYR B 294 -12.07 -5.68 -14.31
N GLN B 295 -11.12 -6.58 -14.54
CA GLN B 295 -9.76 -6.47 -14.02
C GLN B 295 -9.66 -6.07 -12.55
N GLY B 296 -10.41 -6.77 -11.69
CA GLY B 296 -10.34 -6.53 -10.26
C GLY B 296 -11.10 -5.31 -9.73
N ARG B 297 -11.82 -4.60 -10.58
CA ARG B 297 -12.63 -3.48 -10.10
C ARG B 297 -14.12 -3.65 -10.40
N GLN B 298 -14.96 -3.06 -9.56
CA GLN B 298 -16.39 -3.10 -9.79
C GLN B 298 -16.86 -1.83 -10.48
N TYR B 299 -17.80 -1.98 -11.41
CA TYR B 299 -18.24 -0.86 -12.23
C TYR B 299 -19.73 -0.93 -12.42
N LYS B 300 -20.30 0.20 -12.87
CA LYS B 300 -21.60 0.17 -13.54
C LYS B 300 -21.50 0.99 -14.83
N SER B 301 -22.41 0.72 -15.75
CA SER B 301 -22.48 1.44 -17.03
C SER B 301 -23.01 2.85 -16.86
N TYR B 302 -22.45 3.76 -17.65
CA TYR B 302 -22.91 5.13 -17.71
C TYR B 302 -22.75 5.61 -19.13
N ARG B 303 -23.80 6.19 -19.68
CA ARG B 303 -23.78 6.59 -21.08
C ARG B 303 -24.61 7.83 -21.36
N GLY B 304 -24.19 8.61 -22.35
CA GLY B 304 -24.93 9.80 -22.72
C GLY B 304 -26.27 9.41 -23.28
N MET B 305 -27.27 10.28 -23.17
CA MET B 305 -28.54 9.99 -23.82
C MET B 305 -28.44 10.25 -25.32
N GLY B 306 -27.39 10.96 -25.73
CA GLY B 306 -27.09 11.18 -27.13
C GLY B 306 -26.04 10.22 -27.66
N SER B 307 -25.77 9.14 -26.91
CA SER B 307 -24.81 8.15 -27.36
C SER B 307 -25.52 7.24 -28.31
N LEU B 308 -24.76 6.57 -29.15
CA LEU B 308 -25.31 5.62 -30.12
C LEU B 308 -26.18 4.58 -29.44
N GLY B 309 -25.67 3.94 -28.39
CA GLY B 309 -26.44 2.99 -27.60
C GLY B 309 -27.80 3.50 -27.12
N ALA B 310 -27.81 4.63 -26.41
CA ALA B 310 -29.04 5.25 -25.91
C ALA B 310 -30.05 5.59 -27.01
N MET B 311 -29.59 6.14 -28.12
CA MET B 311 -30.49 6.55 -29.19
C MET B 311 -31.10 5.31 -29.91
N GLN B 312 -30.50 4.14 -29.74
CA GLN B 312 -31.06 2.89 -30.27
C GLN B 312 -31.88 2.11 -29.22
N LEU B 329 -29.30 12.12 -36.52
N LEU B 329 -26.75 8.04 -37.24
CA LEU B 329 -28.29 12.92 -35.82
CA LEU B 329 -26.76 9.09 -36.23
C LEU B 329 -27.05 12.14 -35.40
C LEU B 329 -25.39 9.71 -36.02
N VAL B 330 -25.87 12.72 -35.61
N VAL B 330 -25.37 11.01 -35.75
CA VAL B 330 -24.62 12.13 -35.14
CA VAL B 330 -24.16 11.66 -35.30
C VAL B 330 -24.53 12.22 -33.62
C VAL B 330 -24.34 11.92 -33.81
N PRO B 331 -23.94 11.18 -32.97
N PRO B 331 -23.68 11.01 -32.97
CA PRO B 331 -23.93 11.14 -31.51
CA PRO B 331 -23.98 11.22 -31.54
C PRO B 331 -23.20 12.33 -30.86
C PRO B 331 -23.16 12.29 -30.82
N GLU B 332 -23.69 12.75 -29.69
CA GLU B 332 -23.08 13.85 -28.95
C GLU B 332 -22.78 13.39 -27.53
N GLY B 333 -22.56 12.08 -27.40
CA GLY B 333 -22.28 11.44 -26.12
C GLY B 333 -21.61 10.10 -26.35
N ILE B 334 -21.01 9.54 -25.30
CA ILE B 334 -20.32 8.26 -25.39
C ILE B 334 -20.97 7.21 -24.47
N GLU B 335 -20.60 5.95 -24.67
CA GLU B 335 -21.01 4.88 -23.77
C GLU B 335 -19.82 4.43 -22.94
N GLY B 336 -19.95 4.52 -21.62
CA GLY B 336 -18.86 4.12 -20.76
C GLY B 336 -19.22 3.39 -19.48
N ARG B 337 -18.30 3.43 -18.52
CA ARG B 337 -18.43 2.74 -17.25
C ARG B 337 -17.88 3.65 -16.16
N VAL B 338 -18.45 3.56 -14.96
CA VAL B 338 -17.94 4.34 -13.83
C VAL B 338 -17.73 3.42 -12.63
N PRO B 339 -16.84 3.80 -11.70
CA PRO B 339 -16.61 2.87 -10.58
C PRO B 339 -17.85 2.70 -9.71
N TYR B 340 -18.01 1.52 -9.12
CA TYR B 340 -19.06 1.25 -8.13
C TYR B 340 -18.77 2.01 -6.85
N VAL B 341 -19.78 2.66 -6.28
CA VAL B 341 -19.54 3.48 -5.09
C VAL B 341 -20.53 3.23 -3.97
N GLY B 342 -21.23 2.10 -4.02
CA GLY B 342 -22.19 1.75 -2.99
C GLY B 342 -23.50 2.51 -3.11
N SER B 343 -24.03 2.96 -1.98
CA SER B 343 -25.39 3.50 -1.93
C SER B 343 -25.45 4.98 -2.30
N ILE B 344 -26.60 5.40 -2.80
CA ILE B 344 -26.88 6.82 -2.97
C ILE B 344 -26.74 7.59 -1.65
N ARG B 345 -27.21 6.97 -0.57
N ARG B 345 -27.21 6.97 -0.57
CA ARG B 345 -27.14 7.62 0.73
CA ARG B 345 -27.15 7.58 0.76
C ARG B 345 -25.70 8.01 1.09
C ARG B 345 -25.71 7.99 1.12
N SER B 346 -24.75 7.11 0.86
CA SER B 346 -23.36 7.38 1.18
C SER B 346 -22.76 8.45 0.26
N VAL B 347 -23.16 8.46 -1.01
CA VAL B 347 -22.69 9.48 -1.94
C VAL B 347 -23.22 10.88 -1.55
N VAL B 348 -24.53 11.01 -1.42
CA VAL B 348 -25.16 12.28 -1.06
C VAL B 348 -24.62 12.83 0.28
N HIS B 349 -24.33 11.93 1.21
CA HIS B 349 -23.81 12.35 2.50
C HIS B 349 -22.45 13.04 2.35
N GLN B 350 -21.55 12.46 1.55
CA GLN B 350 -20.25 13.09 1.33
C GLN B 350 -20.41 14.42 0.58
N LEU B 351 -21.29 14.45 -0.41
CA LEU B 351 -21.51 15.65 -1.20
C LEU B 351 -22.08 16.80 -0.35
N LEU B 352 -23.09 16.49 0.47
CA LEU B 352 -23.68 17.52 1.30
C LEU B 352 -22.73 18.01 2.39
N GLY B 353 -21.90 17.11 2.91
CA GLY B 353 -20.88 17.47 3.88
C GLY B 353 -19.88 18.46 3.31
N GLY B 354 -19.57 18.33 2.01
CA GLY B 354 -18.69 19.26 1.32
C GLY B 354 -19.31 20.65 1.23
N LEU B 355 -20.57 20.69 0.82
CA LEU B 355 -21.35 21.92 0.76
C LEU B 355 -21.42 22.61 2.12
N ARG B 356 -21.67 21.82 3.17
CA ARG B 356 -21.77 22.36 4.53
C ARG B 356 -20.45 22.98 4.99
N SER B 357 -19.34 22.31 4.65
CA SER B 357 -18.00 22.83 4.93
C SER B 357 -17.82 24.17 4.25
N SER B 358 -18.11 24.18 2.97
CA SER B 358 -17.94 25.38 2.15
C SER B 358 -18.69 26.56 2.75
N MET B 359 -19.93 26.33 3.14
CA MET B 359 -20.76 27.36 3.71
C MET B 359 -20.28 27.77 5.10
N GLY B 360 -19.73 26.82 5.85
CA GLY B 360 -19.08 27.14 7.11
C GLY B 360 -17.89 28.08 6.90
N TYR B 361 -17.06 27.78 5.90
CA TYR B 361 -15.89 28.61 5.55
C TYR B 361 -16.28 30.03 5.14
N VAL B 362 -17.42 30.17 4.48
CA VAL B 362 -17.85 31.44 3.93
C VAL B 362 -18.61 32.28 4.99
N GLY B 363 -19.13 31.61 6.01
CA GLY B 363 -19.85 32.30 7.07
C GLY B 363 -21.33 32.41 6.79
N ALA B 364 -21.82 31.48 5.98
CA ALA B 364 -23.19 31.52 5.46
C ALA B 364 -24.16 30.63 6.24
N LYS B 365 -25.27 31.17 6.70
CA LYS B 365 -26.29 30.35 7.39
C LYS B 365 -27.22 29.53 6.48
N ASP B 366 -27.50 30.02 5.27
CA ASP B 366 -28.37 29.32 4.31
C ASP B 366 -27.88 29.61 2.89
N ILE B 367 -28.48 29.00 1.88
CA ILE B 367 -28.00 29.19 0.49
C ILE B 367 -28.04 30.66 0.02
N GLU B 368 -29.09 31.38 0.37
CA GLU B 368 -29.22 32.75 -0.12
C GLU B 368 -28.14 33.64 0.48
N ASP B 369 -27.82 33.38 1.74
CA ASP B 369 -26.73 34.10 2.41
C ASP B 369 -25.40 33.72 1.76
N PHE B 370 -25.23 32.43 1.46
CA PHE B 370 -24.07 31.91 0.70
C PHE B 370 -23.81 32.72 -0.59
N GLN B 371 -24.86 32.96 -1.36
CA GLN B 371 -24.75 33.68 -2.62
C GLN B 371 -24.40 35.16 -2.42
N LYS B 372 -24.91 35.77 -1.36
CA LYS B 372 -24.64 37.18 -1.08
C LYS B 372 -23.19 37.41 -0.59
N ARG B 373 -22.66 36.45 0.16
CA ARG B 373 -21.33 36.60 0.75
C ARG B 373 -20.19 36.18 -0.17
N ALA B 374 -20.47 35.25 -1.07
CA ALA B 374 -19.42 34.53 -1.78
C ALA B 374 -18.51 35.45 -2.61
N GLU B 375 -17.22 35.35 -2.37
CA GLU B 375 -16.22 35.99 -3.21
C GLU B 375 -15.31 34.93 -3.79
N PHE B 376 -15.05 35.04 -5.08
CA PHE B 376 -14.18 34.10 -5.76
C PHE B 376 -12.86 34.72 -6.08
N VAL B 377 -11.90 33.84 -6.25
CA VAL B 377 -10.59 34.23 -6.74
C VAL B 377 -10.34 33.31 -7.95
N GLU B 378 -9.78 33.87 -9.02
CA GLU B 378 -9.38 33.05 -10.16
C GLU B 378 -7.97 32.50 -9.93
N ILE B 379 -7.78 31.21 -10.23
CA ILE B 379 -6.50 30.57 -10.01
C ILE B 379 -5.87 30.08 -11.32
N THR B 380 -4.58 29.73 -11.25
CA THR B 380 -3.87 29.21 -12.41
C THR B 380 -3.78 27.70 -12.35
N THR B 381 -3.26 27.12 -13.42
CA THR B 381 -2.96 25.70 -13.51
C THR B 381 -2.12 25.21 -12.33
N ALA B 382 -1.15 26.03 -11.91
CA ALA B 382 -0.27 25.70 -10.79
C ALA B 382 -1.07 25.76 -9.49
N GLY B 383 -2.03 26.68 -9.42
CA GLY B 383 -2.94 26.77 -8.30
C GLY B 383 -3.82 25.54 -8.18
N LEU B 384 -4.32 25.08 -9.33
CA LEU B 384 -5.11 23.84 -9.35
C LEU B 384 -4.29 22.66 -8.87
N LYS B 385 -3.08 22.56 -9.40
CA LYS B 385 -2.14 21.51 -9.03
C LYS B 385 -1.88 21.51 -7.50
N GLU B 386 -1.81 22.69 -6.89
CA GLU B 386 -1.59 22.83 -5.44
C GLU B 386 -2.85 22.47 -4.63
N SER B 387 -4.01 22.65 -5.26
CA SER B 387 -5.30 22.44 -4.63
C SER B 387 -5.62 20.97 -4.44
N HIS B 388 -5.23 20.17 -5.43
CA HIS B 388 -5.31 18.73 -5.35
C HIS B 388 -4.25 18.18 -4.43
N VAL B 389 -4.36 16.89 -4.11
CA VAL B 389 -3.28 16.21 -3.40
C VAL B 389 -2.06 16.24 -4.32
N HIS B 390 -0.89 16.48 -3.74
CA HIS B 390 0.32 16.55 -4.57
C HIS B 390 1.49 16.08 -3.71
N ASP B 391 2.44 15.38 -4.34
CA ASP B 391 3.71 14.98 -3.72
C ASP B 391 3.53 14.01 -2.57
N VAL B 392 2.50 13.17 -2.67
CA VAL B 392 2.23 12.12 -1.70
C VAL B 392 1.48 11.06 -2.50
N THR B 393 1.79 9.81 -2.27
CA THR B 393 0.96 8.77 -2.84
C THR B 393 -0.13 8.31 -1.86
N ILE B 394 -1.37 8.33 -2.33
CA ILE B 394 -2.54 7.93 -1.56
C ILE B 394 -2.48 6.41 -1.37
N THR B 395 -2.77 5.97 -0.14
CA THR B 395 -2.68 4.55 0.19
C THR B 395 -4.04 4.00 0.59
N HIS B 396 -4.81 4.82 1.29
CA HIS B 396 -6.22 4.52 1.54
C HIS B 396 -7.06 5.61 0.89
N GLU B 397 -7.91 5.21 -0.05
CA GLU B 397 -8.71 6.20 -0.76
C GLU B 397 -9.77 6.81 0.16
N ALA B 398 -9.87 8.13 0.13
CA ALA B 398 -10.87 8.86 0.89
C ALA B 398 -12.24 8.67 0.26
N PRO B 399 -13.31 8.75 1.07
CA PRO B 399 -14.66 8.51 0.51
C PRO B 399 -15.17 9.64 -0.36
N ASN B 400 -14.54 10.82 -0.28
CA ASN B 400 -15.03 12.02 -1.01
C ASN B 400 -14.00 12.63 -1.98
N TYR B 401 -12.93 11.88 -2.26
CA TYR B 401 -11.86 12.33 -3.15
C TYR B 401 -11.20 11.13 -3.82
N LYS B 402 -11.52 10.89 -5.08
CA LYS B 402 -10.87 9.85 -5.84
C LYS B 402 -10.16 10.46 -7.05
N VAL B 403 -8.86 10.20 -7.20
CA VAL B 403 -8.16 10.54 -8.42
C VAL B 403 -7.90 9.28 -9.26
N ASN B 404 -8.42 9.25 -10.48
CA ASN B 404 -8.28 8.08 -11.35
C ASN B 404 -6.99 8.11 -12.17
N LYS C 29 23.33 -37.35 -18.91
CA LYS C 29 22.23 -37.34 -17.94
C LYS C 29 21.52 -35.98 -17.83
N ARG C 30 20.45 -35.93 -17.04
CA ARG C 30 19.75 -34.67 -16.81
C ARG C 30 20.06 -34.07 -15.44
N ALA C 31 20.58 -32.85 -15.43
CA ALA C 31 21.08 -32.22 -14.22
C ALA C 31 20.05 -31.31 -13.56
N LEU C 32 20.09 -31.27 -12.23
CA LEU C 32 19.16 -30.43 -11.48
C LEU C 32 19.90 -29.21 -10.95
N THR C 33 19.17 -28.15 -10.65
CA THR C 33 19.72 -27.03 -9.90
C THR C 33 18.85 -26.76 -8.68
N PHE C 34 19.26 -25.79 -7.85
CA PHE C 34 18.59 -25.48 -6.58
C PHE C 34 17.05 -25.55 -6.62
N GLU C 35 16.48 -24.88 -7.61
N GLU C 35 16.47 -24.86 -7.60
CA GLU C 35 15.03 -24.74 -7.72
CA GLU C 35 15.01 -24.75 -7.70
C GLU C 35 14.34 -26.05 -8.09
C GLU C 35 14.33 -26.05 -8.10
N ASP C 36 15.10 -26.98 -8.67
CA ASP C 36 14.55 -28.28 -9.07
C ASP C 36 14.23 -29.16 -7.88
N VAL C 37 14.82 -28.86 -6.72
CA VAL C 37 14.67 -29.73 -5.55
C VAL C 37 14.27 -29.04 -4.25
N LEU C 38 13.76 -29.84 -3.33
CA LEU C 38 13.48 -29.40 -1.97
C LEU C 38 14.05 -30.43 -1.00
N LEU C 39 14.01 -30.09 0.28
CA LEU C 39 14.55 -30.94 1.32
C LEU C 39 13.43 -31.47 2.18
N ARG C 40 13.51 -32.76 2.50
CA ARG C 40 12.49 -33.43 3.28
C ARG C 40 12.75 -33.30 4.78
N PRO C 41 11.78 -32.69 5.48
CA PRO C 41 11.78 -32.52 6.94
C PRO C 41 11.87 -33.84 7.69
N GLY C 42 13.05 -34.13 8.23
CA GLY C 42 13.27 -35.33 9.03
C GLY C 42 12.78 -35.15 10.46
N TYR C 43 13.05 -36.12 11.33
CA TYR C 43 12.67 -36.00 12.73
C TYR C 43 13.70 -35.20 13.51
N SER C 44 13.23 -34.24 14.32
CA SER C 44 14.13 -33.28 14.96
C SER C 44 13.97 -33.20 16.49
N GLU C 45 15.11 -33.15 17.18
CA GLU C 45 15.15 -32.98 18.62
C GLU C 45 15.95 -31.71 18.92
N VAL C 46 16.47 -31.11 17.86
CA VAL C 46 17.31 -29.94 17.95
C VAL C 46 16.55 -28.69 17.46
N LEU C 47 16.84 -27.55 18.07
CA LEU C 47 16.24 -26.28 17.66
C LEU C 47 17.18 -25.51 16.74
N PRO C 48 16.62 -24.63 15.89
CA PRO C 48 17.45 -23.78 15.04
C PRO C 48 18.47 -22.96 15.85
N LYS C 49 18.13 -22.60 17.08
CA LYS C 49 19.05 -21.86 17.94
C LYS C 49 20.15 -22.75 18.54
N GLU C 50 19.97 -24.06 18.49
CA GLU C 50 20.91 -24.99 19.13
C GLU C 50 21.98 -25.55 18.20
N VAL C 51 21.72 -25.49 16.90
CA VAL C 51 22.56 -26.16 15.90
C VAL C 51 23.96 -25.56 15.76
N LYS C 52 24.87 -26.32 15.17
CA LYS C 52 26.25 -25.88 14.99
C LYS C 52 26.61 -25.74 13.51
N ILE C 53 26.99 -24.54 13.11
CA ILE C 53 27.21 -24.24 11.69
C ILE C 53 28.66 -24.01 11.32
N HIS C 54 29.57 -24.46 12.16
CA HIS C 54 30.99 -24.44 11.82
C HIS C 54 31.28 -25.46 10.72
N THR C 55 32.32 -25.23 9.93
CA THR C 55 32.65 -26.09 8.81
C THR C 55 34.13 -26.02 8.48
N LYS C 56 34.53 -26.66 7.38
CA LYS C 56 35.91 -26.61 6.94
C LYS C 56 36.03 -25.84 5.63
N LEU C 57 36.79 -24.76 5.62
CA LEU C 57 37.09 -24.08 4.37
C LEU C 57 37.94 -25.00 3.51
N THR C 58 39.03 -25.45 4.11
CA THR C 58 39.95 -26.37 3.46
C THR C 58 40.22 -27.53 4.42
N LYS C 59 41.11 -28.42 4.01
CA LYS C 59 41.49 -29.55 4.86
C LYS C 59 42.01 -29.06 6.20
N ASN C 60 42.73 -27.94 6.19
CA ASN C 60 43.37 -27.41 7.40
C ASN C 60 42.62 -26.25 8.07
N ILE C 61 41.96 -25.43 7.27
CA ILE C 61 41.25 -24.24 7.76
C ILE C 61 39.76 -24.50 7.98
N THR C 62 39.26 -24.13 9.15
CA THR C 62 37.84 -24.28 9.43
C THR C 62 37.17 -22.90 9.55
N LEU C 63 35.86 -22.87 9.36
CA LEU C 63 35.08 -21.64 9.49
C LEU C 63 34.05 -21.80 10.59
N ASN C 64 33.76 -20.72 11.29
CA ASN C 64 32.72 -20.75 12.31
C ASN C 64 31.33 -20.67 11.67
N MET C 65 31.28 -20.18 10.44
CA MET C 65 30.06 -20.22 9.64
C MET C 65 30.42 -20.31 8.15
N PRO C 66 29.58 -20.99 7.35
CA PRO C 66 30.00 -21.45 6.01
C PRO C 66 29.89 -20.48 4.84
N LEU C 67 30.02 -19.17 5.05
CA LEU C 67 29.86 -18.21 3.95
C LEU C 67 31.17 -17.56 3.51
N ILE C 68 31.38 -17.45 2.19
CA ILE C 68 32.54 -16.75 1.66
C ILE C 68 32.11 -15.69 0.65
N SER C 69 32.71 -14.50 0.73
CA SER C 69 32.39 -13.44 -0.22
C SER C 69 33.29 -13.58 -1.46
N ALA C 70 32.65 -13.43 -2.62
CA ALA C 70 33.29 -13.69 -3.92
C ALA C 70 34.50 -12.81 -4.20
N ALA C 71 35.43 -13.35 -4.99
CA ALA C 71 36.64 -12.61 -5.38
C ALA C 71 36.34 -11.58 -6.46
N MET C 72 35.43 -10.65 -6.18
CA MET C 72 34.96 -9.68 -7.17
C MET C 72 35.25 -8.23 -6.77
N ASP C 73 35.53 -7.38 -7.76
CA ASP C 73 35.85 -5.99 -7.50
C ASP C 73 34.63 -5.14 -7.10
N THR C 74 33.43 -5.73 -7.15
CA THR C 74 32.23 -5.06 -6.64
C THR C 74 31.69 -5.74 -5.39
N VAL C 75 32.46 -6.67 -4.83
CA VAL C 75 32.01 -7.40 -3.63
C VAL C 75 33.01 -7.34 -2.48
N THR C 76 34.24 -7.80 -2.71
CA THR C 76 35.22 -7.93 -1.63
C THR C 76 36.52 -7.11 -1.76
N GLU C 77 36.65 -6.13 -0.88
CA GLU C 77 37.95 -5.54 -0.56
C GLU C 77 38.11 -5.61 0.96
N HIS C 78 38.95 -4.77 1.54
CA HIS C 78 39.31 -5.01 2.93
C HIS C 78 38.13 -4.96 3.91
N ARG C 79 37.22 -4.00 3.72
CA ARG C 79 36.09 -3.84 4.64
C ARG C 79 35.12 -5.01 4.64
N ALA C 80 34.82 -5.55 3.46
CA ALA C 80 33.95 -6.72 3.36
C ALA C 80 34.65 -7.93 3.97
N ALA C 81 35.94 -8.10 3.67
CA ALA C 81 36.71 -9.23 4.20
C ALA C 81 36.80 -9.18 5.72
N ILE C 82 36.98 -7.99 6.27
CA ILE C 82 37.02 -7.82 7.72
C ILE C 82 35.69 -8.22 8.37
N MET C 83 34.57 -7.76 7.81
CA MET C 83 33.26 -8.15 8.36
C MET C 83 32.98 -9.65 8.22
N MET C 84 33.29 -10.22 7.06
CA MET C 84 33.08 -11.65 6.84
C MET C 84 33.83 -12.49 7.87
N ALA C 85 35.09 -12.13 8.14
CA ALA C 85 35.89 -12.86 9.10
C ALA C 85 35.43 -12.64 10.55
N ARG C 86 35.02 -11.42 10.85
CA ARG C 86 34.45 -11.10 12.17
C ARG C 86 33.22 -11.95 12.46
N LEU C 87 32.41 -12.17 11.42
CA LEU C 87 31.20 -12.96 11.59
C LEU C 87 31.48 -14.48 11.50
N GLY C 88 32.73 -14.87 11.26
CA GLY C 88 33.11 -16.27 11.32
C GLY C 88 33.43 -16.92 9.99
N GLY C 89 33.14 -16.22 8.89
CA GLY C 89 33.41 -16.73 7.56
C GLY C 89 34.71 -16.18 6.99
N LEU C 90 34.66 -15.77 5.73
CA LEU C 90 35.86 -15.38 5.03
C LEU C 90 35.56 -14.45 3.85
N GLY C 91 36.48 -13.53 3.59
CA GLY C 91 36.45 -12.74 2.38
C GLY C 91 37.69 -13.03 1.54
N VAL C 92 37.52 -13.05 0.22
CA VAL C 92 38.64 -13.23 -0.69
C VAL C 92 38.88 -11.92 -1.44
N ILE C 93 40.06 -11.33 -1.27
CA ILE C 93 40.37 -10.09 -1.99
C ILE C 93 40.57 -10.38 -3.49
N HIS C 94 39.86 -9.61 -4.33
CA HIS C 94 39.88 -9.85 -5.77
C HIS C 94 41.24 -9.50 -6.38
N LYS C 95 41.52 -10.03 -7.57
CA LYS C 95 42.84 -9.84 -8.19
C LYS C 95 42.89 -8.71 -9.20
N ASN C 96 41.85 -7.90 -9.25
CA ASN C 96 41.86 -6.73 -10.12
C ASN C 96 42.60 -5.54 -9.51
N MET C 97 43.80 -5.80 -8.99
CA MET C 97 44.66 -4.79 -8.39
C MET C 97 46.08 -5.11 -8.77
N ASP C 98 46.99 -4.16 -8.59
CA ASP C 98 48.40 -4.47 -8.72
C ASP C 98 48.83 -5.33 -7.52
N ILE C 99 50.08 -5.79 -7.52
CA ILE C 99 50.59 -6.56 -6.39
C ILE C 99 50.52 -5.72 -5.12
N ALA C 100 51.01 -4.49 -5.20
CA ALA C 100 51.07 -3.59 -4.05
C ALA C 100 49.71 -3.38 -3.40
N SER C 101 48.70 -3.12 -4.22
CA SER C 101 47.36 -2.92 -3.71
C SER C 101 46.83 -4.16 -3.02
N GLN C 102 46.96 -5.32 -3.65
CA GLN C 102 46.36 -6.53 -3.09
C GLN C 102 47.02 -6.93 -1.76
N VAL C 103 48.34 -6.80 -1.66
CA VAL C 103 48.99 -7.03 -0.37
C VAL C 103 48.55 -6.00 0.68
N ARG C 104 48.30 -4.77 0.24
CA ARG C 104 47.85 -3.72 1.16
C ARG C 104 46.49 -4.04 1.76
N GLU C 105 45.60 -4.56 0.93
CA GLU C 105 44.27 -5.00 1.37
C GLU C 105 44.38 -6.12 2.39
N VAL C 106 45.21 -7.12 2.07
CA VAL C 106 45.46 -8.25 2.94
C VAL C 106 46.02 -7.82 4.31
N LYS C 107 46.98 -6.92 4.30
CA LYS C 107 47.56 -6.44 5.56
C LYS C 107 46.50 -5.74 6.38
N ARG C 108 45.65 -4.97 5.70
CA ARG C 108 44.58 -4.22 6.36
C ARG C 108 43.59 -5.15 7.09
N VAL C 109 43.28 -6.28 6.48
CA VAL C 109 42.41 -7.25 7.12
C VAL C 109 43.12 -7.89 8.31
N LYS C 110 44.40 -8.25 8.13
CA LYS C 110 45.14 -8.93 9.19
C LYS C 110 45.34 -8.08 10.44
N LYS C 111 45.60 -6.79 10.23
CA LYS C 111 45.90 -5.87 11.33
C LYS C 111 44.64 -5.34 12.03
N SER C 112 43.47 -5.79 11.59
CA SER C 112 42.21 -5.27 12.13
C SER C 112 41.77 -5.89 13.46
N GLU C 113 41.26 -5.05 14.36
CA GLU C 113 40.67 -5.50 15.62
C GLU C 113 39.38 -4.72 15.95
N SER C 114 38.71 -5.12 17.03
CA SER C 114 37.55 -4.40 17.54
C SER C 114 37.30 -4.77 19.00
N GLU C 125 32.24 -8.37 21.54
CA GLU C 125 32.46 -7.76 20.23
C GLU C 125 32.03 -8.68 19.09
N TYR C 126 32.94 -9.58 18.71
CA TYR C 126 32.75 -10.55 17.64
C TYR C 126 33.27 -11.91 18.11
N PRO C 127 32.43 -12.68 18.82
CA PRO C 127 32.84 -13.94 19.47
C PRO C 127 33.11 -15.07 18.47
N ASP C 128 32.37 -15.08 17.38
CA ASP C 128 32.47 -16.11 16.36
C ASP C 128 33.56 -15.82 15.34
N ALA C 129 34.37 -14.80 15.61
CA ALA C 129 35.40 -14.36 14.66
C ALA C 129 36.27 -15.50 14.14
N ASN C 130 36.56 -15.46 12.85
CA ASN C 130 37.39 -16.48 12.23
C ASN C 130 38.85 -16.05 12.30
N LYS C 131 39.55 -16.53 13.32
CA LYS C 131 40.92 -16.07 13.56
C LYS C 131 41.99 -17.10 13.23
N ASP C 132 43.18 -16.62 12.90
CA ASP C 132 44.33 -17.46 12.59
C ASP C 132 45.08 -17.91 13.84
N ASN C 133 46.25 -18.50 13.62
CA ASN C 133 47.17 -18.93 14.68
C ASN C 133 47.52 -17.80 15.64
N PHE C 134 47.86 -16.63 15.07
CA PHE C 134 48.31 -15.51 15.87
C PHE C 134 47.17 -14.60 16.33
N GLY C 135 45.93 -15.07 16.20
CA GLY C 135 44.78 -14.32 16.67
C GLY C 135 44.35 -13.19 15.74
N ARG C 136 44.80 -13.25 14.50
CA ARG C 136 44.45 -12.24 13.50
C ARG C 136 43.31 -12.76 12.62
N LEU C 137 42.55 -11.84 12.02
CA LEU C 137 41.45 -12.25 11.13
C LEU C 137 42.00 -12.98 9.90
N ARG C 138 41.37 -14.08 9.54
N ARG C 138 41.36 -14.09 9.55
CA ARG C 138 41.79 -14.80 8.33
CA ARG C 138 41.70 -14.81 8.32
C ARG C 138 41.31 -14.04 7.09
C ARG C 138 41.37 -13.95 7.10
N VAL C 139 42.03 -14.22 5.98
CA VAL C 139 41.69 -13.55 4.73
C VAL C 139 42.23 -14.34 3.55
N GLY C 140 41.45 -14.39 2.47
CA GLY C 140 41.89 -15.05 1.26
C GLY C 140 42.21 -14.03 0.18
N ALA C 141 42.91 -14.49 -0.86
CA ALA C 141 43.21 -13.62 -1.98
C ALA C 141 43.22 -14.42 -3.27
N ALA C 142 42.75 -13.82 -4.34
CA ALA C 142 42.66 -14.51 -5.62
C ALA C 142 43.92 -14.24 -6.43
N ILE C 143 44.36 -15.25 -7.18
CA ILE C 143 45.49 -15.07 -8.10
C ILE C 143 45.20 -15.73 -9.44
N GLY C 144 45.81 -15.18 -10.49
CA GLY C 144 45.65 -15.74 -11.83
C GLY C 144 46.61 -16.87 -12.10
N VAL C 145 46.53 -17.42 -13.31
CA VAL C 145 47.41 -18.50 -13.74
C VAL C 145 48.79 -17.96 -14.10
N GLY C 146 49.85 -18.70 -13.77
CA GLY C 146 51.21 -18.23 -13.98
C GLY C 146 51.44 -16.87 -13.35
N GLN C 147 51.21 -16.79 -12.04
CA GLN C 147 51.47 -15.56 -11.28
C GLN C 147 52.04 -15.88 -9.91
N MET C 148 53.09 -16.70 -9.88
CA MET C 148 53.77 -17.03 -8.64
C MET C 148 54.32 -15.78 -7.97
N ASP C 149 54.78 -14.85 -8.80
CA ASP C 149 55.16 -13.51 -8.40
C ASP C 149 54.18 -12.88 -7.40
N ARG C 150 52.92 -12.75 -7.82
CA ARG C 150 51.87 -12.25 -6.94
C ARG C 150 51.67 -13.15 -5.71
N VAL C 151 51.69 -14.46 -5.92
CA VAL C 151 51.56 -15.44 -4.85
C VAL C 151 52.63 -15.24 -3.79
N ASP C 152 53.85 -14.94 -4.24
CA ASP C 152 54.96 -14.70 -3.33
C ASP C 152 54.63 -13.57 -2.38
N ALA C 153 54.22 -12.43 -2.93
CA ALA C 153 54.00 -11.23 -2.14
C ALA C 153 52.84 -11.39 -1.16
N LEU C 154 51.85 -12.18 -1.54
CA LEU C 154 50.71 -12.46 -0.68
C LEU C 154 51.12 -13.27 0.56
N VAL C 155 51.93 -14.31 0.35
CA VAL C 155 52.43 -15.10 1.46
C VAL C 155 53.26 -14.24 2.41
N GLU C 156 54.09 -13.36 1.85
CA GLU C 156 54.93 -12.45 2.66
C GLU C 156 54.08 -11.46 3.45
N ALA C 157 52.81 -11.35 3.07
CA ALA C 157 51.88 -10.44 3.72
C ALA C 157 51.04 -11.11 4.79
N GLY C 158 51.19 -12.42 4.93
CA GLY C 158 50.51 -13.16 5.99
C GLY C 158 49.15 -13.71 5.60
N VAL C 159 48.89 -13.81 4.29
CA VAL C 159 47.62 -14.35 3.77
C VAL C 159 47.37 -15.77 4.29
N ASP C 160 46.10 -16.12 4.47
CA ASP C 160 45.76 -17.43 5.01
C ASP C 160 45.41 -18.46 3.93
N VAL C 161 44.84 -17.99 2.82
CA VAL C 161 44.50 -18.90 1.72
C VAL C 161 44.59 -18.22 0.36
N VAL C 162 45.15 -18.94 -0.60
CA VAL C 162 45.22 -18.48 -1.96
C VAL C 162 44.13 -19.21 -2.76
N VAL C 163 43.30 -18.44 -3.44
CA VAL C 163 42.23 -18.99 -4.26
C VAL C 163 42.65 -18.84 -5.70
N LEU C 164 43.00 -19.97 -6.33
CA LEU C 164 43.41 -19.98 -7.73
C LEU C 164 42.18 -20.03 -8.62
N ASP C 165 42.02 -19.01 -9.45
CA ASP C 165 40.79 -18.85 -10.22
C ASP C 165 41.00 -18.74 -11.71
N SER C 166 40.38 -19.66 -12.45
CA SER C 166 40.23 -19.54 -13.90
C SER C 166 38.78 -19.82 -14.28
N ALA C 167 38.36 -19.37 -15.47
CA ALA C 167 37.05 -19.75 -15.96
C ALA C 167 36.95 -21.26 -16.14
N HIS C 168 38.07 -21.88 -16.47
CA HIS C 168 38.10 -23.33 -16.62
C HIS C 168 39.11 -23.91 -15.65
N GLY C 169 38.60 -24.61 -14.64
CA GLY C 169 39.45 -25.19 -13.62
C GLY C 169 40.17 -26.39 -14.17
N HIS C 170 39.41 -27.28 -14.82
CA HIS C 170 39.93 -28.53 -15.38
C HIS C 170 40.89 -28.27 -16.52
N SER C 171 41.91 -27.45 -16.27
CA SER C 171 42.83 -27.02 -17.31
C SER C 171 44.27 -27.43 -16.97
N LYS C 172 45.10 -27.54 -18.00
CA LYS C 172 46.51 -27.81 -17.80
C LYS C 172 47.14 -26.65 -17.04
N GLY C 173 46.97 -25.45 -17.56
CA GLY C 173 47.53 -24.24 -16.97
C GLY C 173 47.17 -24.03 -15.50
N ILE C 174 46.02 -24.54 -15.08
CA ILE C 174 45.63 -24.47 -13.68
C ILE C 174 46.38 -25.52 -12.85
N ILE C 175 46.36 -26.75 -13.33
CA ILE C 175 46.96 -27.86 -12.60
C ILE C 175 48.48 -27.69 -12.38
N ASP C 176 49.18 -27.27 -13.42
CA ASP C 176 50.63 -27.08 -13.33
C ASP C 176 51.03 -25.82 -12.53
N THR C 177 50.07 -24.95 -12.24
CA THR C 177 50.32 -23.82 -11.34
C THR C 177 50.01 -24.20 -9.89
N VAL C 178 49.04 -25.09 -9.71
CA VAL C 178 48.81 -25.71 -8.41
C VAL C 178 50.08 -26.40 -7.91
N LYS C 179 50.66 -27.21 -8.79
CA LYS C 179 51.85 -27.99 -8.45
C LYS C 179 53.02 -27.10 -8.08
N ALA C 180 53.25 -26.05 -8.88
CA ALA C 180 54.32 -25.10 -8.58
C ALA C 180 54.13 -24.46 -7.22
N ILE C 181 52.93 -23.93 -6.96
CA ILE C 181 52.60 -23.31 -5.68
C ILE C 181 52.75 -24.27 -4.50
N LYS C 182 52.25 -25.49 -4.65
CA LYS C 182 52.17 -26.43 -3.54
C LYS C 182 53.51 -27.14 -3.24
N ALA C 183 54.43 -27.03 -4.19
CA ALA C 183 55.78 -27.55 -4.00
C ALA C 183 56.65 -26.47 -3.36
N LYS C 184 56.46 -25.22 -3.78
CA LYS C 184 57.20 -24.09 -3.23
C LYS C 184 56.68 -23.68 -1.86
N TYR C 185 55.38 -23.83 -1.65
CA TYR C 185 54.76 -23.52 -0.37
C TYR C 185 53.85 -24.66 0.10
N PRO C 186 54.45 -25.78 0.53
CA PRO C 186 53.69 -26.97 0.94
C PRO C 186 52.76 -26.74 2.13
N ASN C 187 52.86 -25.58 2.78
CA ASN C 187 52.03 -25.26 3.94
C ASN C 187 51.02 -24.14 3.68
N LEU C 188 51.06 -23.57 2.48
CA LEU C 188 50.07 -22.59 2.07
C LEU C 188 48.81 -23.35 1.66
N ASP C 189 47.67 -22.98 2.23
CA ASP C 189 46.42 -23.62 1.83
C ASP C 189 45.91 -23.02 0.51
N LEU C 190 45.74 -23.88 -0.49
CA LEU C 190 45.36 -23.45 -1.84
C LEU C 190 43.99 -23.97 -2.26
N ILE C 191 43.18 -23.05 -2.78
CA ILE C 191 41.87 -23.36 -3.35
C ILE C 191 41.97 -23.17 -4.87
N ALA C 192 41.44 -24.12 -5.64
CA ALA C 192 41.43 -24.00 -7.11
C ALA C 192 40.03 -24.19 -7.71
N GLY C 193 39.76 -23.47 -8.80
CA GLY C 193 38.49 -23.54 -9.51
C GLY C 193 38.51 -22.63 -10.73
N ASN C 194 37.42 -22.61 -11.48
CA ASN C 194 36.19 -23.30 -11.11
C ASN C 194 35.97 -24.56 -11.93
N ILE C 195 35.32 -25.55 -11.32
CA ILE C 195 35.08 -26.82 -11.98
C ILE C 195 33.63 -27.27 -11.84
N ALA C 196 33.24 -28.25 -12.62
CA ALA C 196 31.90 -28.83 -12.50
C ALA C 196 31.94 -30.33 -12.70
N THR C 197 32.96 -30.81 -13.41
CA THR C 197 33.03 -32.24 -13.70
C THR C 197 33.67 -33.05 -12.56
N ALA C 198 33.13 -34.25 -12.34
CA ALA C 198 33.66 -35.18 -11.34
C ALA C 198 35.07 -35.60 -11.72
N ALA C 199 35.37 -35.55 -13.01
CA ALA C 199 36.72 -35.77 -13.49
C ALA C 199 37.63 -34.70 -12.91
N ALA C 200 37.33 -33.44 -13.26
CA ALA C 200 38.05 -32.26 -12.80
C ALA C 200 38.40 -32.28 -11.31
N ALA C 201 37.48 -32.78 -10.50
CA ALA C 201 37.70 -32.92 -9.07
C ALA C 201 38.97 -33.73 -8.77
N LYS C 202 39.08 -34.91 -9.39
CA LYS C 202 40.27 -35.75 -9.26
C LYS C 202 41.53 -35.01 -9.71
N ALA C 203 41.49 -34.41 -10.89
CA ALA C 203 42.65 -33.73 -11.48
C ALA C 203 43.18 -32.56 -10.65
N LEU C 204 42.34 -32.06 -9.73
CA LEU C 204 42.72 -30.94 -8.87
C LEU C 204 43.13 -31.43 -7.49
N CYS C 205 42.35 -32.37 -6.95
CA CYS C 205 42.68 -33.02 -5.67
C CYS C 205 44.06 -33.67 -5.76
N GLU C 206 44.31 -34.39 -6.85
CA GLU C 206 45.61 -35.04 -7.08
C GLU C 206 46.77 -34.06 -7.20
N ALA C 207 46.54 -32.94 -7.88
CA ALA C 207 47.59 -31.92 -8.03
C ALA C 207 47.99 -31.31 -6.69
N GLY C 208 47.17 -31.53 -5.67
CA GLY C 208 47.55 -31.20 -4.31
C GLY C 208 46.73 -30.14 -3.62
N VAL C 209 45.59 -29.76 -4.20
CA VAL C 209 44.76 -28.66 -3.67
C VAL C 209 44.11 -28.99 -2.33
N ASP C 210 43.70 -27.95 -1.61
CA ASP C 210 43.14 -28.11 -0.28
C ASP C 210 41.63 -27.93 -0.28
N ALA C 211 41.13 -27.36 -1.38
CA ALA C 211 39.70 -27.18 -1.61
C ALA C 211 39.43 -26.90 -3.09
N VAL C 212 38.28 -27.32 -3.58
CA VAL C 212 37.88 -27.01 -4.96
C VAL C 212 36.63 -26.13 -5.04
N LYS C 213 36.64 -25.16 -5.95
CA LYS C 213 35.48 -24.31 -6.19
C LYS C 213 34.64 -24.85 -7.35
N VAL C 214 33.42 -25.26 -7.06
CA VAL C 214 32.51 -25.73 -8.09
C VAL C 214 31.50 -24.67 -8.51
N GLY C 215 31.47 -24.38 -9.79
CA GLY C 215 30.50 -23.46 -10.35
C GLY C 215 30.87 -23.01 -11.75
N ILE C 216 30.29 -23.65 -12.75
CA ILE C 216 30.49 -23.21 -14.11
C ILE C 216 29.19 -22.65 -14.65
N GLY C 217 29.06 -21.33 -14.59
CA GLY C 217 27.88 -20.67 -15.12
C GLY C 217 26.67 -20.39 -14.25
N PRO C 218 26.71 -20.70 -12.93
CA PRO C 218 25.44 -20.40 -12.26
C PRO C 218 25.37 -18.95 -11.76
N GLY C 219 26.49 -18.24 -11.81
CA GLY C 219 26.58 -16.88 -11.29
C GLY C 219 25.53 -15.94 -11.82
N SER C 220 25.00 -15.10 -10.93
CA SER C 220 23.98 -14.15 -11.29
C SER C 220 24.37 -13.31 -12.51
N ILE C 221 25.58 -12.77 -12.50
CA ILE C 221 26.10 -11.91 -13.57
C ILE C 221 26.77 -12.68 -14.73
N CYS C 222 26.67 -14.00 -14.67
CA CYS C 222 27.40 -14.86 -15.59
C CYS C 222 26.62 -15.19 -16.86
N THR C 223 27.28 -15.07 -18.02
CA THR C 223 26.67 -15.42 -19.30
C THR C 223 27.32 -16.62 -19.95
N THR C 224 28.11 -17.37 -19.19
CA THR C 224 28.96 -18.43 -19.75
C THR C 224 28.22 -19.53 -20.49
N ARG C 225 27.18 -20.08 -19.85
CA ARG C 225 26.41 -21.15 -20.45
C ARG C 225 25.70 -20.68 -21.72
N ILE C 226 25.45 -19.38 -21.82
CA ILE C 226 24.74 -18.83 -22.96
C ILE C 226 25.70 -18.55 -24.13
N VAL C 227 26.84 -17.95 -23.81
CA VAL C 227 27.84 -17.58 -24.80
C VAL C 227 28.61 -18.79 -25.37
N SER C 228 28.85 -19.79 -24.53
CA SER C 228 29.65 -20.93 -24.94
C SER C 228 28.84 -22.21 -25.02
N GLY C 229 27.79 -22.31 -24.23
CA GLY C 229 26.98 -23.53 -24.24
C GLY C 229 27.41 -24.54 -23.18
N VAL C 230 28.55 -24.26 -22.52
CA VAL C 230 29.11 -25.18 -21.53
C VAL C 230 28.68 -24.84 -20.10
N GLY C 231 28.42 -25.87 -19.30
CA GLY C 231 28.02 -25.69 -17.91
C GLY C 231 27.23 -26.85 -17.34
N VAL C 232 27.04 -26.85 -16.01
CA VAL C 232 26.27 -27.90 -15.35
C VAL C 232 25.44 -27.25 -14.26
N PRO C 233 24.11 -27.48 -14.26
CA PRO C 233 23.23 -27.00 -13.21
C PRO C 233 23.82 -27.24 -11.83
N GLN C 234 23.88 -26.19 -11.01
CA GLN C 234 24.72 -26.16 -9.81
C GLN C 234 24.50 -27.31 -8.83
N ILE C 235 23.25 -27.64 -8.51
CA ILE C 235 23.01 -28.69 -7.52
C ILE C 235 23.56 -30.05 -7.97
N SER C 236 23.65 -30.26 -9.29
CA SER C 236 24.26 -31.48 -9.82
C SER C 236 25.78 -31.40 -9.88
N ALA C 237 26.32 -30.21 -10.16
CA ALA C 237 27.76 -30.05 -10.32
C ALA C 237 28.44 -30.25 -8.98
N ILE C 238 27.74 -29.86 -7.90
CA ILE C 238 28.26 -30.03 -6.56
C ILE C 238 28.19 -31.49 -6.14
N ASP C 239 27.07 -32.14 -6.44
CA ASP C 239 26.84 -33.53 -6.04
C ASP C 239 27.88 -34.51 -6.60
N GLU C 240 28.16 -34.40 -7.89
CA GLU C 240 29.16 -35.28 -8.51
C GLU C 240 30.60 -34.90 -8.14
N CYS C 241 30.80 -33.66 -7.71
CA CYS C 241 32.13 -33.21 -7.26
C CYS C 241 32.37 -33.59 -5.81
N VAL C 242 31.39 -33.33 -4.96
CA VAL C 242 31.48 -33.72 -3.56
C VAL C 242 31.67 -35.20 -3.42
N GLU C 243 30.77 -35.97 -4.04
CA GLU C 243 30.80 -37.42 -3.88
C GLU C 243 32.15 -38.01 -4.27
N GLU C 244 32.79 -37.41 -5.27
CA GLU C 244 34.17 -37.75 -5.59
C GLU C 244 35.11 -37.30 -4.48
N ALA C 245 35.18 -35.98 -4.28
CA ALA C 245 36.11 -35.39 -3.32
C ALA C 245 35.93 -35.82 -1.84
N ASN C 246 34.71 -36.23 -1.47
CA ASN C 246 34.44 -36.74 -0.12
C ASN C 246 35.16 -38.04 0.20
N LYS C 247 35.97 -38.51 -0.75
CA LYS C 247 36.79 -39.71 -0.54
C LYS C 247 38.25 -39.32 -0.40
N PHE C 248 38.54 -38.04 -0.64
CA PHE C 248 39.88 -37.51 -0.48
C PHE C 248 39.94 -36.67 0.78
N GLY C 249 38.86 -36.67 1.54
CA GLY C 249 38.76 -35.86 2.74
C GLY C 249 38.83 -34.38 2.42
N VAL C 250 38.63 -34.05 1.15
CA VAL C 250 38.71 -32.68 0.67
C VAL C 250 37.34 -32.02 0.67
N PRO C 251 37.23 -30.82 1.27
CA PRO C 251 35.98 -30.05 1.30
C PRO C 251 35.67 -29.41 -0.05
N VAL C 252 34.38 -29.32 -0.38
CA VAL C 252 33.96 -28.69 -1.63
C VAL C 252 33.21 -27.39 -1.35
N ILE C 253 33.57 -26.33 -2.08
CA ILE C 253 32.88 -25.06 -1.88
C ILE C 253 32.05 -24.66 -3.10
N ALA C 254 30.76 -24.41 -2.88
CA ALA C 254 29.81 -24.12 -3.95
C ALA C 254 29.84 -22.65 -4.32
N ASP C 255 30.23 -22.33 -5.54
CA ASP C 255 30.38 -20.93 -5.92
C ASP C 255 29.43 -20.46 -7.03
N GLY C 256 28.44 -19.65 -6.63
CA GLY C 256 27.56 -18.99 -7.58
C GLY C 256 26.14 -19.55 -7.59
N GLY C 257 25.17 -18.68 -7.81
CA GLY C 257 23.80 -19.12 -8.02
C GLY C 257 22.93 -19.11 -6.78
N ILE C 258 23.50 -18.74 -5.64
CA ILE C 258 22.70 -18.57 -4.43
C ILE C 258 21.90 -17.28 -4.51
N LYS C 259 20.60 -17.36 -4.27
CA LYS C 259 19.80 -16.13 -4.22
C LYS C 259 18.90 -16.06 -2.98
N TYR C 260 18.74 -17.20 -2.32
CA TYR C 260 17.95 -17.25 -1.10
C TYR C 260 18.70 -18.04 -0.03
N SER C 261 18.30 -17.86 1.22
CA SER C 261 18.93 -18.64 2.29
C SER C 261 18.68 -20.13 2.09
N GLY C 262 17.58 -20.49 1.44
CA GLY C 262 17.26 -21.89 1.21
C GLY C 262 18.24 -22.58 0.28
N ASP C 263 18.86 -21.81 -0.62
CA ASP C 263 19.75 -22.38 -1.60
C ASP C 263 21.06 -22.83 -0.96
N ILE C 264 21.55 -22.08 0.02
CA ILE C 264 22.79 -22.48 0.69
C ILE C 264 22.54 -23.67 1.59
N ALA C 265 21.37 -23.69 2.21
CA ALA C 265 20.92 -24.83 3.00
C ALA C 265 20.90 -26.11 2.15
N LYS C 266 20.56 -25.98 0.88
CA LYS C 266 20.53 -27.12 -0.03
C LYS C 266 21.92 -27.50 -0.55
N ALA C 267 22.75 -26.51 -0.81
CA ALA C 267 24.10 -26.76 -1.31
C ALA C 267 24.92 -27.49 -0.26
N LEU C 268 24.72 -27.11 1.01
CA LEU C 268 25.41 -27.77 2.11
C LEU C 268 24.86 -29.18 2.33
N ALA C 269 23.53 -29.30 2.30
CA ALA C 269 22.85 -30.57 2.53
C ALA C 269 23.20 -31.61 1.46
N VAL C 270 23.61 -31.12 0.30
CA VAL C 270 24.05 -32.01 -0.78
C VAL C 270 25.47 -32.53 -0.53
N GLY C 271 26.31 -31.73 0.11
CA GLY C 271 27.67 -32.18 0.40
C GLY C 271 28.77 -31.15 0.36
N ALA C 272 28.46 -29.95 -0.12
CA ALA C 272 29.44 -28.86 -0.14
C ALA C 272 29.76 -28.45 1.30
N SER C 273 30.95 -27.89 1.51
CA SER C 273 31.38 -27.54 2.86
C SER C 273 31.21 -26.05 3.14
N SER C 274 31.04 -25.28 2.08
CA SER C 274 30.82 -23.84 2.17
C SER C 274 30.34 -23.28 0.83
N VAL C 275 29.79 -22.07 0.87
CA VAL C 275 29.28 -21.44 -0.33
C VAL C 275 29.94 -20.08 -0.57
N MET C 276 30.31 -19.82 -1.82
CA MET C 276 30.78 -18.49 -2.20
C MET C 276 29.60 -17.71 -2.76
N ILE C 277 29.49 -16.44 -2.35
CA ILE C 277 28.31 -15.63 -2.62
C ILE C 277 28.70 -14.23 -3.07
N GLY C 278 28.08 -13.75 -4.16
CA GLY C 278 28.38 -12.44 -4.71
C GLY C 278 27.22 -11.45 -4.68
N SER C 279 26.20 -11.66 -5.51
CA SER C 279 25.07 -10.73 -5.57
C SER C 279 24.41 -10.41 -4.21
N LEU C 280 24.23 -11.43 -3.35
CA LEU C 280 23.64 -11.18 -2.01
C LEU C 280 24.48 -10.24 -1.13
N LEU C 281 25.73 -10.00 -1.50
CA LEU C 281 26.58 -9.07 -0.72
C LEU C 281 27.01 -7.83 -1.51
N ALA C 282 26.70 -7.78 -2.80
CA ALA C 282 27.15 -6.66 -3.61
C ALA C 282 26.45 -5.36 -3.25
N GLY C 283 25.30 -5.46 -2.61
CA GLY C 283 24.54 -4.29 -2.24
C GLY C 283 24.78 -3.83 -0.80
N THR C 284 25.83 -4.33 -0.17
CA THR C 284 26.08 -3.95 1.22
C THR C 284 26.92 -2.68 1.33
N ASP C 285 26.83 -2.05 2.52
CA ASP C 285 27.72 -0.96 2.90
C ASP C 285 29.16 -1.31 2.64
N GLU C 286 29.57 -2.49 3.11
CA GLU C 286 30.96 -2.87 3.10
C GLU C 286 31.50 -3.18 1.70
N SER C 287 30.61 -3.47 0.75
CA SER C 287 31.07 -3.78 -0.60
C SER C 287 31.68 -2.51 -1.23
N PRO C 288 32.64 -2.70 -2.16
CA PRO C 288 33.24 -1.53 -2.81
C PRO C 288 32.19 -0.77 -3.60
N GLY C 289 32.41 0.53 -3.82
CA GLY C 289 31.47 1.28 -4.62
C GLY C 289 30.51 2.13 -3.82
N GLU C 290 29.86 3.07 -4.49
CA GLU C 290 29.00 3.99 -3.78
C GLU C 290 27.51 3.71 -4.01
N LEU C 291 26.69 4.13 -3.05
CA LEU C 291 25.24 4.06 -3.20
C LEU C 291 24.82 5.05 -4.24
N PHE C 292 23.86 4.68 -5.08
CA PHE C 292 23.16 5.70 -5.88
C PHE C 292 21.67 5.45 -5.88
N THR C 293 20.90 6.48 -6.25
CA THR C 293 19.45 6.36 -6.33
C THR C 293 19.03 6.55 -7.77
N TYR C 294 18.16 5.66 -8.24
CA TYR C 294 17.62 5.75 -9.58
C TYR C 294 16.16 5.37 -9.47
N GLN C 295 15.28 6.23 -9.97
N GLN C 295 15.29 6.25 -9.96
CA GLN C 295 13.83 6.02 -9.84
CA GLN C 295 13.84 6.07 -9.85
C GLN C 295 13.38 5.69 -8.42
C GLN C 295 13.40 5.69 -8.44
N GLY C 296 13.90 6.42 -7.44
CA GLY C 296 13.48 6.23 -6.07
C GLY C 296 13.98 4.96 -5.39
N ARG C 297 14.75 4.14 -6.09
CA ARG C 297 15.39 2.97 -5.45
C ARG C 297 16.89 3.17 -5.28
N GLN C 298 17.41 2.63 -4.18
CA GLN C 298 18.85 2.69 -3.88
C GLN C 298 19.59 1.47 -4.41
N TYR C 299 20.74 1.68 -5.02
CA TYR C 299 21.48 0.59 -5.64
C TYR C 299 22.96 0.66 -5.36
N LYS C 300 23.61 -0.48 -5.51
CA LYS C 300 25.05 -0.49 -5.68
C LYS C 300 25.34 -1.18 -6.99
N SER C 301 26.52 -0.94 -7.52
CA SER C 301 26.85 -1.48 -8.83
C SER C 301 27.41 -2.89 -8.60
N TYR C 302 27.22 -3.79 -9.57
CA TYR C 302 27.71 -5.17 -9.43
C TYR C 302 27.95 -5.75 -10.81
N ARG C 303 29.13 -6.32 -11.02
CA ARG C 303 29.48 -6.75 -12.37
C ARG C 303 30.34 -8.00 -12.36
N GLY C 304 30.24 -8.77 -13.44
CA GLY C 304 31.09 -9.94 -13.61
C GLY C 304 32.54 -9.53 -13.79
N MET C 305 33.45 -10.34 -13.28
CA MET C 305 34.87 -10.06 -13.47
C MET C 305 35.25 -10.28 -14.93
N GLY C 306 34.45 -11.07 -15.64
CA GLY C 306 34.63 -11.25 -17.05
C GLY C 306 33.70 -10.37 -17.88
N SER C 307 33.35 -9.21 -17.36
CA SER C 307 32.59 -8.23 -18.14
C SER C 307 33.56 -7.22 -18.74
N LEU C 308 33.11 -6.50 -19.76
CA LEU C 308 33.95 -5.50 -20.43
C LEU C 308 34.54 -4.47 -19.46
N GLY C 309 33.70 -3.91 -18.58
CA GLY C 309 34.15 -2.95 -17.61
C GLY C 309 35.20 -3.49 -16.66
N ALA C 310 35.08 -4.78 -16.33
CA ALA C 310 36.02 -5.41 -15.40
C ALA C 310 37.30 -5.87 -16.06
N MET C 311 37.25 -6.05 -17.38
CA MET C 311 38.43 -6.46 -18.13
C MET C 311 39.34 -5.28 -18.47
N GLN C 312 38.77 -4.07 -18.41
CA GLN C 312 39.51 -2.84 -18.67
C GLN C 312 39.88 -2.11 -17.38
N LEU C 329 37.63 -8.38 -27.55
CA LEU C 329 37.11 -8.77 -26.24
C LEU C 329 35.74 -9.46 -26.33
N VAL C 330 35.66 -10.69 -25.83
CA VAL C 330 34.42 -11.47 -25.80
C VAL C 330 34.09 -11.87 -24.36
N PRO C 331 33.22 -11.09 -23.70
CA PRO C 331 32.84 -11.21 -22.28
C PRO C 331 32.04 -12.48 -21.97
N GLU C 332 32.01 -12.86 -20.70
CA GLU C 332 31.18 -13.98 -20.24
C GLU C 332 30.46 -13.55 -18.97
N GLY C 333 30.38 -12.23 -18.80
CA GLY C 333 29.64 -11.64 -17.70
C GLY C 333 29.14 -10.27 -18.12
N ILE C 334 28.26 -9.71 -17.30
CA ILE C 334 27.65 -8.43 -17.61
C ILE C 334 27.86 -7.39 -16.50
N GLU C 335 27.54 -6.14 -16.80
CA GLU C 335 27.59 -5.09 -15.79
C GLU C 335 26.16 -4.73 -15.38
N GLY C 336 25.93 -4.58 -14.09
CA GLY C 336 24.59 -4.36 -13.59
C GLY C 336 24.50 -3.61 -12.27
N ARG C 337 23.32 -3.63 -11.67
CA ARG C 337 23.10 -3.02 -10.36
C ARG C 337 22.30 -4.00 -9.50
N VAL C 338 22.46 -3.91 -8.19
CA VAL C 338 21.65 -4.69 -7.27
C VAL C 338 21.11 -3.73 -6.23
N PRO C 339 19.96 -4.08 -5.64
CA PRO C 339 19.43 -3.17 -4.60
C PRO C 339 20.33 -3.05 -3.37
N TYR C 340 20.41 -1.85 -2.81
CA TYR C 340 21.05 -1.63 -1.51
C TYR C 340 20.35 -2.46 -0.42
N VAL C 341 21.12 -3.21 0.36
CA VAL C 341 20.54 -4.06 1.40
C VAL C 341 21.08 -3.79 2.81
N GLY C 342 21.76 -2.67 3.00
CA GLY C 342 22.32 -2.32 4.31
C GLY C 342 23.62 -3.04 4.64
N SER C 343 23.81 -3.38 5.91
CA SER C 343 25.07 -3.96 6.39
C SER C 343 25.27 -5.42 5.98
N ILE C 344 26.53 -5.86 5.95
CA ILE C 344 26.86 -7.27 5.75
C ILE C 344 26.30 -8.12 6.89
N ARG C 345 26.41 -7.59 8.10
CA ARG C 345 25.96 -8.29 9.30
C ARG C 345 24.46 -8.61 9.22
N SER C 346 23.65 -7.62 8.85
CA SER C 346 22.22 -7.84 8.73
C SER C 346 21.89 -8.91 7.69
N VAL C 347 22.56 -8.85 6.53
CA VAL C 347 22.36 -9.83 5.46
C VAL C 347 22.77 -11.24 5.90
N VAL C 348 23.98 -11.35 6.45
CA VAL C 348 24.50 -12.59 6.99
C VAL C 348 23.62 -13.17 8.13
N HIS C 349 22.98 -12.30 8.91
CA HIS C 349 22.09 -12.77 9.97
C HIS C 349 20.88 -13.49 9.36
N GLN C 350 20.29 -12.86 8.35
CA GLN C 350 19.17 -13.48 7.63
C GLN C 350 19.55 -14.82 7.00
N LEU C 351 20.62 -14.84 6.20
CA LEU C 351 21.06 -16.07 5.52
C LEU C 351 21.30 -17.24 6.49
N LEU C 352 22.06 -16.99 7.55
CA LEU C 352 22.38 -18.04 8.53
C LEU C 352 21.16 -18.51 9.31
N GLY C 353 20.20 -17.60 9.53
CA GLY C 353 18.94 -17.96 10.14
C GLY C 353 18.20 -19.00 9.31
N GLY C 354 18.19 -18.78 8.00
CA GLY C 354 17.59 -19.72 7.08
C GLY C 354 18.25 -21.10 7.15
N LEU C 355 19.57 -21.14 7.23
CA LEU C 355 20.29 -22.40 7.33
C LEU C 355 19.94 -23.08 8.65
N ARG C 356 19.86 -22.28 9.71
CA ARG C 356 19.57 -22.80 11.03
C ARG C 356 18.18 -23.41 11.12
N SER C 357 17.20 -22.77 10.49
CA SER C 357 15.86 -23.28 10.51
C SER C 357 15.79 -24.55 9.67
N SER C 358 16.57 -24.58 8.60
CA SER C 358 16.64 -25.74 7.72
C SER C 358 17.12 -26.98 8.46
N MET C 359 18.32 -26.90 9.03
CA MET C 359 18.85 -27.99 9.84
C MET C 359 17.91 -28.35 10.99
N GLY C 360 17.26 -27.35 11.58
CA GLY C 360 16.20 -27.58 12.53
C GLY C 360 15.06 -28.41 11.95
N TYR C 361 14.72 -28.16 10.68
CA TYR C 361 13.68 -28.92 10.01
C TYR C 361 14.09 -30.37 9.77
N VAL C 362 15.35 -30.55 9.35
CA VAL C 362 15.87 -31.90 9.21
C VAL C 362 16.03 -32.54 10.59
N GLY C 363 16.72 -31.84 11.50
CA GLY C 363 16.94 -32.36 12.84
C GLY C 363 18.41 -32.55 13.10
N ALA C 364 19.23 -31.98 12.22
CA ALA C 364 20.67 -32.11 12.27
C ALA C 364 21.28 -31.16 13.30
N LYS C 365 22.11 -31.70 14.20
CA LYS C 365 22.72 -30.87 15.23
C LYS C 365 23.94 -30.12 14.68
N ASP C 366 24.44 -30.55 13.53
CA ASP C 366 25.56 -29.88 12.89
C ASP C 366 25.57 -30.18 11.39
N ILE C 367 26.54 -29.60 10.69
CA ILE C 367 26.59 -29.70 9.24
C ILE C 367 26.81 -31.13 8.75
N GLU C 368 27.79 -31.83 9.31
CA GLU C 368 28.04 -33.20 8.88
C GLU C 368 26.85 -34.13 9.15
N ASP C 369 26.19 -33.91 10.28
CA ASP C 369 24.93 -34.59 10.55
C ASP C 369 23.96 -34.30 9.40
N PHE C 370 23.74 -33.01 9.14
CA PHE C 370 22.91 -32.48 8.04
C PHE C 370 23.30 -33.07 6.68
N GLN C 371 24.58 -32.96 6.35
CA GLN C 371 25.17 -33.36 5.09
C GLN C 371 25.04 -34.88 4.88
N LYS C 372 24.75 -35.60 5.96
CA LYS C 372 24.68 -37.07 5.89
C LYS C 372 23.25 -37.64 5.91
N ARG C 373 22.32 -36.95 6.55
CA ARG C 373 20.96 -37.47 6.72
C ARG C 373 19.90 -36.72 5.89
N ALA C 374 20.34 -36.01 4.86
CA ALA C 374 19.44 -35.18 4.07
C ALA C 374 18.64 -35.97 3.03
N GLU C 375 17.32 -35.80 3.05
CA GLU C 375 16.44 -36.43 2.08
C GLU C 375 15.89 -35.42 1.06
N PHE C 376 16.31 -35.55 -0.20
CA PHE C 376 15.84 -34.63 -1.24
C PHE C 376 14.65 -35.16 -2.03
N VAL C 377 13.81 -34.24 -2.48
CA VAL C 377 12.67 -34.59 -3.31
C VAL C 377 12.59 -33.65 -4.51
N GLU C 378 12.63 -34.20 -5.71
CA GLU C 378 12.54 -33.42 -6.94
C GLU C 378 11.14 -32.84 -7.10
N ILE C 379 11.05 -31.61 -7.61
CA ILE C 379 9.76 -30.95 -7.80
C ILE C 379 9.58 -30.40 -9.22
N THR C 380 8.42 -29.84 -9.49
CA THR C 380 8.09 -29.33 -10.82
C THR C 380 7.87 -27.83 -10.85
N THR C 381 7.71 -27.29 -12.06
CA THR C 381 7.41 -25.85 -12.24
C THR C 381 6.22 -25.43 -11.39
N ALA C 382 5.15 -26.23 -11.43
CA ALA C 382 3.99 -26.03 -10.57
C ALA C 382 4.37 -25.92 -9.09
N GLY C 383 5.27 -26.81 -8.66
CA GLY C 383 5.70 -26.87 -7.27
C GLY C 383 6.57 -25.70 -6.85
N LEU C 384 7.38 -25.18 -7.78
CA LEU C 384 8.19 -24.00 -7.48
C LEU C 384 7.25 -22.83 -7.24
N LYS C 385 6.24 -22.73 -8.08
CA LYS C 385 5.26 -21.66 -8.02
C LYS C 385 4.55 -21.66 -6.67
N GLU C 386 4.19 -22.86 -6.21
CA GLU C 386 3.54 -23.04 -4.90
C GLU C 386 4.51 -22.75 -3.73
N SER C 387 5.78 -23.05 -3.92
CA SER C 387 6.81 -22.80 -2.91
C SER C 387 6.98 -21.31 -2.63
N HIS C 388 7.22 -20.53 -3.69
CA HIS C 388 7.21 -19.06 -3.60
C HIS C 388 5.85 -18.56 -3.12
N VAL C 389 5.82 -17.31 -2.67
CA VAL C 389 4.57 -16.66 -2.29
C VAL C 389 3.65 -16.59 -3.52
N HIS C 390 2.35 -16.82 -3.32
CA HIS C 390 1.42 -16.83 -4.45
C HIS C 390 0.01 -16.40 -4.05
N ASP C 391 -0.71 -15.83 -5.01
CA ASP C 391 -2.11 -15.43 -4.80
C ASP C 391 -2.33 -14.37 -3.72
N VAL C 392 -1.26 -13.71 -3.29
CA VAL C 392 -1.32 -12.58 -2.37
C VAL C 392 -0.34 -11.55 -2.87
N THR C 393 -0.68 -10.27 -2.75
CA THR C 393 0.29 -9.21 -3.06
C THR C 393 1.01 -8.78 -1.80
N ILE C 394 2.34 -8.72 -1.86
CA ILE C 394 3.15 -8.33 -0.72
C ILE C 394 3.03 -6.82 -0.51
N THR C 395 2.75 -6.40 0.71
CA THR C 395 2.62 -4.98 1.01
C THR C 395 3.80 -4.43 1.78
N HIS C 396 4.25 -5.18 2.79
CA HIS C 396 5.48 -4.84 3.48
C HIS C 396 6.49 -5.93 3.14
N GLU C 397 7.61 -5.54 2.56
CA GLU C 397 8.59 -6.55 2.14
C GLU C 397 9.38 -7.14 3.32
N ALA C 398 9.47 -8.47 3.31
CA ALA C 398 10.18 -9.22 4.33
C ALA C 398 11.68 -9.05 4.16
N PRO C 399 12.44 -9.17 5.26
CA PRO C 399 13.90 -9.01 5.19
C PRO C 399 14.59 -10.12 4.40
N ASN C 400 14.05 -11.33 4.43
CA ASN C 400 14.73 -12.48 3.84
C ASN C 400 14.08 -13.00 2.56
N TYR C 401 13.16 -12.23 2.00
CA TYR C 401 12.42 -12.65 0.80
C TYR C 401 12.03 -11.46 -0.06
N LYS C 402 12.72 -11.29 -1.18
CA LYS C 402 12.41 -10.18 -2.08
C LYS C 402 12.33 -10.65 -3.54
N VAL C 403 11.19 -10.37 -4.19
CA VAL C 403 11.02 -10.66 -5.61
C VAL C 403 10.93 -9.39 -6.45
N LYS D 26 21.17 -38.19 -2.62
CA LYS D 26 20.08 -39.05 -3.08
C LYS D 26 18.72 -38.36 -3.03
N ILE D 27 17.91 -38.58 -4.06
CA ILE D 27 16.54 -38.07 -4.14
C ILE D 27 15.54 -39.20 -3.93
N VAL D 28 14.49 -38.97 -3.14
CA VAL D 28 13.48 -40.00 -2.91
C VAL D 28 12.52 -40.19 -4.10
N LYS D 29 12.02 -39.07 -4.64
CA LYS D 29 11.01 -39.12 -5.69
C LYS D 29 10.73 -37.74 -6.27
N ARG D 30 10.06 -37.72 -7.42
CA ARG D 30 9.59 -36.48 -8.01
C ARG D 30 8.18 -36.19 -7.50
N ALA D 31 8.09 -35.25 -6.56
CA ALA D 31 6.80 -34.89 -5.97
C ALA D 31 6.09 -33.87 -6.83
N LEU D 32 4.80 -33.69 -6.58
CA LEU D 32 4.03 -32.71 -7.33
C LEU D 32 2.81 -32.20 -6.57
N THR D 33 2.24 -31.12 -7.10
CA THR D 33 1.12 -30.47 -6.44
C THR D 33 -0.08 -30.35 -7.38
N PHE D 34 -1.06 -29.53 -6.99
CA PHE D 34 -2.34 -29.42 -7.69
C PHE D 34 -2.27 -29.19 -9.21
N GLU D 35 -1.55 -28.16 -9.65
CA GLU D 35 -1.44 -27.81 -11.07
C GLU D 35 -0.82 -28.91 -11.94
N ASP D 36 -0.29 -29.96 -11.31
CA ASP D 36 0.38 -31.04 -12.02
C ASP D 36 -0.56 -32.17 -12.44
N VAL D 37 -1.71 -32.26 -11.79
CA VAL D 37 -2.62 -33.36 -12.08
C VAL D 37 -4.05 -32.91 -12.37
N LEU D 38 -4.85 -33.84 -12.88
CA LEU D 38 -6.28 -33.64 -13.09
C LEU D 38 -7.02 -34.95 -12.84
N LEU D 39 -8.29 -34.84 -12.50
CA LEU D 39 -9.15 -36.02 -12.35
C LEU D 39 -9.71 -36.48 -13.69
N ARG D 40 -9.75 -37.79 -13.91
CA ARG D 40 -10.47 -38.33 -15.07
C ARG D 40 -11.94 -38.37 -14.74
N PRO D 41 -12.79 -38.08 -15.73
CA PRO D 41 -14.23 -38.26 -15.49
C PRO D 41 -14.61 -39.74 -15.57
N GLY D 42 -15.87 -40.07 -15.36
CA GLY D 42 -16.29 -41.46 -15.37
C GLY D 42 -17.79 -41.57 -15.33
N TYR D 43 -18.32 -42.80 -15.41
CA TYR D 43 -19.78 -42.98 -15.42
C TYR D 43 -20.39 -42.45 -14.12
N SER D 44 -21.56 -41.82 -14.25
CA SER D 44 -22.18 -41.09 -13.15
C SER D 44 -23.70 -41.08 -13.20
N GLU D 45 -24.32 -41.74 -12.23
CA GLU D 45 -25.77 -41.68 -12.07
C GLU D 45 -26.10 -40.59 -11.05
N VAL D 46 -25.09 -39.82 -10.70
CA VAL D 46 -25.18 -38.83 -9.62
C VAL D 46 -25.21 -37.39 -10.16
N LEU D 47 -26.17 -36.61 -9.68
CA LEU D 47 -26.21 -35.18 -9.97
C LEU D 47 -25.55 -34.40 -8.83
N PRO D 48 -24.86 -33.29 -9.16
CA PRO D 48 -24.10 -32.48 -8.20
C PRO D 48 -24.89 -32.08 -6.96
N LYS D 49 -26.17 -31.75 -7.14
CA LYS D 49 -27.00 -31.32 -6.02
C LYS D 49 -27.37 -32.47 -5.07
N GLU D 50 -27.24 -33.70 -5.55
CA GLU D 50 -27.65 -34.88 -4.80
C GLU D 50 -26.53 -35.45 -3.95
N VAL D 51 -25.30 -35.11 -4.31
CA VAL D 51 -24.12 -35.69 -3.65
C VAL D 51 -24.09 -35.37 -2.16
N LYS D 52 -23.42 -36.21 -1.38
CA LYS D 52 -23.23 -35.93 0.04
C LYS D 52 -21.78 -35.57 0.35
N ILE D 53 -21.59 -34.41 0.96
CA ILE D 53 -20.24 -33.86 1.13
C ILE D 53 -19.76 -33.92 2.59
N HIS D 54 -20.47 -34.70 3.41
CA HIS D 54 -20.09 -34.88 4.81
C HIS D 54 -18.74 -35.60 4.91
N THR D 55 -17.99 -35.36 5.98
CA THR D 55 -16.67 -36.00 6.11
C THR D 55 -16.12 -36.05 7.53
N LYS D 56 -15.01 -36.76 7.70
CA LYS D 56 -14.37 -36.93 9.00
C LYS D 56 -13.24 -35.93 9.24
N LEU D 57 -13.39 -35.13 10.29
CA LEU D 57 -12.35 -34.19 10.71
C LEU D 57 -11.25 -34.99 11.39
N THR D 58 -11.63 -35.69 12.45
CA THR D 58 -10.73 -36.57 13.16
C THR D 58 -11.29 -37.98 13.14
N LYS D 59 -11.10 -38.70 14.24
CA LYS D 59 -11.71 -40.01 14.39
C LYS D 59 -13.09 -39.82 15.00
N ASN D 60 -13.21 -38.77 15.81
CA ASN D 60 -14.37 -38.58 16.68
C ASN D 60 -15.24 -37.39 16.32
N ILE D 61 -14.90 -36.72 15.22
CA ILE D 61 -15.68 -35.58 14.76
C ILE D 61 -16.02 -35.66 13.28
N THR D 62 -17.31 -35.50 12.96
CA THR D 62 -17.77 -35.57 11.58
C THR D 62 -18.21 -34.19 11.10
N LEU D 63 -17.75 -33.81 9.91
CA LEU D 63 -18.14 -32.53 9.31
C LEU D 63 -19.16 -32.73 8.21
N ASN D 64 -19.96 -31.70 7.97
CA ASN D 64 -20.90 -31.67 6.85
C ASN D 64 -20.25 -31.22 5.54
N MET D 65 -19.26 -30.34 5.65
CA MET D 65 -18.44 -29.93 4.52
C MET D 65 -16.99 -30.10 4.97
N PRO D 66 -16.07 -30.31 4.01
CA PRO D 66 -14.65 -30.52 4.34
C PRO D 66 -13.82 -29.24 4.56
N LEU D 67 -14.47 -28.08 4.71
CA LEU D 67 -13.74 -26.81 4.74
C LEU D 67 -13.55 -26.19 6.12
N ILE D 68 -12.29 -25.93 6.48
CA ILE D 68 -11.97 -25.30 7.75
C ILE D 68 -11.22 -23.98 7.51
N SER D 69 -11.57 -22.93 8.23
CA SER D 69 -10.88 -21.65 8.10
C SER D 69 -9.58 -21.65 8.91
N ALA D 70 -8.53 -21.03 8.35
CA ALA D 70 -7.18 -21.12 8.91
C ALA D 70 -6.97 -20.43 10.26
N ALA D 71 -6.03 -20.95 11.04
CA ALA D 71 -5.69 -20.39 12.35
C ALA D 71 -4.78 -19.19 12.20
N MET D 72 -5.36 -18.06 11.82
CA MET D 72 -4.59 -16.88 11.45
C MET D 72 -5.33 -15.62 11.88
N ASP D 73 -4.58 -14.66 12.43
CA ASP D 73 -5.15 -13.43 12.97
C ASP D 73 -5.76 -12.51 11.88
N THR D 74 -5.57 -12.87 10.60
CA THR D 74 -6.18 -12.15 9.49
C THR D 74 -7.33 -12.94 8.84
N VAL D 75 -7.60 -14.13 9.39
CA VAL D 75 -8.61 -15.04 8.84
C VAL D 75 -9.73 -15.40 9.84
N THR D 76 -9.37 -15.97 10.97
CA THR D 76 -10.37 -16.52 11.90
C THR D 76 -10.38 -15.96 13.33
N GLU D 77 -11.29 -15.01 13.56
CA GLU D 77 -11.69 -14.62 14.90
C GLU D 77 -13.04 -15.34 15.07
N HIS D 78 -13.91 -14.81 15.92
CA HIS D 78 -15.15 -15.52 16.20
C HIS D 78 -16.17 -15.54 15.04
N ARG D 79 -16.32 -14.41 14.35
CA ARG D 79 -17.32 -14.30 13.28
C ARG D 79 -17.06 -15.23 12.10
N ALA D 80 -15.79 -15.41 11.77
CA ALA D 80 -15.41 -16.40 10.77
C ALA D 80 -15.79 -17.81 11.26
N ALA D 81 -15.37 -18.15 12.48
CA ALA D 81 -15.64 -19.47 13.05
C ALA D 81 -17.13 -19.76 13.20
N ILE D 82 -17.91 -18.72 13.48
CA ILE D 82 -19.35 -18.84 13.59
C ILE D 82 -19.96 -19.22 12.24
N MET D 83 -19.73 -18.38 11.23
CA MET D 83 -20.29 -18.63 9.90
C MET D 83 -19.82 -19.95 9.29
N MET D 84 -18.55 -20.31 9.53
CA MET D 84 -18.05 -21.58 9.03
C MET D 84 -18.83 -22.73 9.65
N ALA D 85 -19.06 -22.65 10.96
CA ALA D 85 -19.85 -23.64 11.68
C ALA D 85 -21.29 -23.67 11.17
N ARG D 86 -21.95 -22.52 11.19
CA ARG D 86 -23.31 -22.37 10.68
C ARG D 86 -23.47 -23.03 9.31
N LEU D 87 -22.42 -22.96 8.50
CA LEU D 87 -22.42 -23.51 7.15
C LEU D 87 -22.06 -25.00 7.13
N GLY D 88 -21.64 -25.54 8.28
CA GLY D 88 -21.31 -26.95 8.39
C GLY D 88 -19.83 -27.22 8.24
N GLY D 89 -19.02 -26.21 8.48
CA GLY D 89 -17.58 -26.35 8.49
C GLY D 89 -17.06 -25.94 9.86
N LEU D 90 -15.84 -25.41 9.87
CA LEU D 90 -15.20 -25.09 11.15
C LEU D 90 -14.27 -23.90 11.07
N GLY D 91 -14.22 -23.11 12.13
CA GLY D 91 -13.24 -22.04 12.25
C GLY D 91 -12.28 -22.26 13.41
N VAL D 92 -11.00 -22.44 13.11
CA VAL D 92 -10.00 -22.61 14.16
C VAL D 92 -9.45 -21.26 14.62
N ILE D 93 -9.60 -20.98 15.92
CA ILE D 93 -9.17 -19.69 16.45
C ILE D 93 -7.65 -19.64 16.59
N HIS D 94 -7.07 -18.52 16.16
CA HIS D 94 -5.62 -18.29 16.22
C HIS D 94 -5.15 -17.96 17.65
N LYS D 95 -3.86 -18.18 17.89
CA LYS D 95 -3.30 -18.08 19.24
C LYS D 95 -2.54 -16.78 19.49
N ASN D 96 -2.58 -15.86 18.53
CA ASN D 96 -1.90 -14.56 18.67
C ASN D 96 -2.72 -13.61 19.53
N MET D 97 -2.90 -14.01 20.78
CA MET D 97 -3.92 -13.47 21.67
C MET D 97 -3.58 -14.01 23.04
N ASP D 98 -3.89 -13.28 24.10
CA ASP D 98 -3.72 -13.87 25.44
C ASP D 98 -4.72 -15.00 25.63
N ILE D 99 -4.51 -15.82 26.67
CA ILE D 99 -5.41 -16.94 26.93
C ILE D 99 -6.83 -16.40 27.18
N ALA D 100 -6.90 -15.32 27.95
CA ALA D 100 -8.16 -14.63 28.27
C ALA D 100 -9.03 -14.37 27.04
N SER D 101 -8.43 -13.83 25.99
CA SER D 101 -9.18 -13.43 24.80
C SER D 101 -9.51 -14.60 23.87
N GLN D 102 -8.66 -15.63 23.86
CA GLN D 102 -8.92 -16.78 23.00
C GLN D 102 -10.16 -17.48 23.52
N VAL D 103 -10.16 -17.71 24.84
CA VAL D 103 -11.30 -18.26 25.55
C VAL D 103 -12.56 -17.42 25.35
N ARG D 104 -12.43 -16.10 25.50
CA ARG D 104 -13.58 -15.20 25.37
C ARG D 104 -14.17 -15.29 23.96
N GLU D 105 -13.30 -15.46 22.97
CA GLU D 105 -13.75 -15.58 21.58
C GLU D 105 -14.66 -16.79 21.42
N VAL D 106 -14.28 -17.89 22.06
CA VAL D 106 -15.10 -19.10 22.08
C VAL D 106 -16.49 -18.81 22.68
N LYS D 107 -16.52 -18.06 23.78
CA LYS D 107 -17.75 -17.63 24.44
C LYS D 107 -18.70 -16.92 23.46
N ARG D 108 -18.12 -16.19 22.51
CA ARG D 108 -18.92 -15.51 21.49
C ARG D 108 -19.59 -16.52 20.57
N VAL D 109 -18.86 -17.59 20.23
CA VAL D 109 -19.37 -18.55 19.25
C VAL D 109 -20.55 -19.35 19.79
N LYS D 110 -20.36 -19.95 20.96
CA LYS D 110 -21.38 -20.76 21.61
C LYS D 110 -22.66 -20.00 21.90
N LYS D 111 -22.53 -18.84 22.54
CA LYS D 111 -23.66 -17.99 22.89
C LYS D 111 -24.50 -17.54 21.69
N SER D 112 -23.91 -17.52 20.50
CA SER D 112 -24.63 -17.01 19.33
C SER D 112 -25.73 -17.97 18.86
N TYR D 126 -30.06 -21.79 9.09
CA TYR D 126 -28.83 -22.53 8.77
C TYR D 126 -28.99 -24.03 9.03
N PRO D 127 -29.72 -24.73 8.13
CA PRO D 127 -30.07 -26.15 8.29
C PRO D 127 -28.91 -27.15 8.15
N ASP D 128 -27.68 -26.66 7.96
CA ASP D 128 -26.53 -27.55 7.76
C ASP D 128 -25.44 -27.42 8.82
N ALA D 129 -25.67 -26.55 9.81
CA ALA D 129 -24.70 -26.27 10.88
C ALA D 129 -24.03 -27.52 11.45
N ASN D 130 -22.73 -27.46 11.63
CA ASN D 130 -21.99 -28.58 12.22
C ASN D 130 -21.88 -28.41 13.75
N LYS D 131 -22.80 -29.04 14.47
CA LYS D 131 -22.89 -28.87 15.92
C LYS D 131 -22.40 -30.07 16.71
N ASP D 132 -22.35 -29.90 18.03
CA ASP D 132 -21.92 -30.97 18.92
C ASP D 132 -23.10 -31.64 19.63
N ASN D 133 -22.79 -32.48 20.62
CA ASN D 133 -23.82 -33.17 21.39
C ASN D 133 -24.73 -32.21 22.16
N PHE D 134 -24.13 -31.15 22.70
CA PHE D 134 -24.87 -30.12 23.44
C PHE D 134 -25.77 -29.35 22.48
N GLY D 135 -25.51 -29.48 21.18
CA GLY D 135 -26.25 -28.76 20.16
C GLY D 135 -25.62 -27.41 19.90
N ARG D 136 -24.37 -27.26 20.31
CA ARG D 136 -23.68 -25.99 20.18
C ARG D 136 -22.82 -26.00 18.93
N LEU D 137 -22.59 -24.80 18.37
CA LEU D 137 -21.68 -24.62 17.25
C LEU D 137 -20.29 -25.14 17.62
N ARG D 138 -19.80 -26.12 16.87
CA ARG D 138 -18.47 -26.67 17.09
C ARG D 138 -17.40 -25.62 16.74
N VAL D 139 -16.39 -25.49 17.60
CA VAL D 139 -15.31 -24.53 17.37
C VAL D 139 -13.93 -25.16 17.60
N GLY D 140 -12.94 -24.64 16.90
CA GLY D 140 -11.56 -25.07 17.11
C GLY D 140 -10.77 -23.93 17.71
N ALA D 141 -9.63 -24.26 18.31
CA ALA D 141 -8.69 -23.28 18.82
C ALA D 141 -7.28 -23.84 18.70
N ALA D 142 -6.33 -22.98 18.34
CA ALA D 142 -4.96 -23.44 18.16
C ALA D 142 -4.11 -23.11 19.38
N ILE D 143 -3.14 -23.98 19.66
CA ILE D 143 -2.19 -23.74 20.73
C ILE D 143 -0.81 -24.09 20.21
N GLY D 144 0.22 -23.67 20.93
CA GLY D 144 1.58 -24.02 20.56
C GLY D 144 2.11 -25.06 21.53
N VAL D 145 3.33 -25.53 21.26
CA VAL D 145 4.05 -26.43 22.16
C VAL D 145 4.20 -25.76 23.52
N GLY D 146 4.02 -26.52 24.61
CA GLY D 146 4.38 -26.03 25.93
C GLY D 146 3.28 -25.37 26.75
N GLN D 147 2.55 -24.42 26.13
CA GLN D 147 1.50 -23.69 26.83
C GLN D 147 0.34 -24.63 27.16
N MET D 148 0.57 -25.48 28.16
CA MET D 148 -0.37 -26.50 28.60
C MET D 148 -1.49 -25.86 29.43
N ASP D 149 -1.19 -24.72 30.02
CA ASP D 149 -2.20 -23.91 30.69
C ASP D 149 -3.27 -23.51 29.67
N ARG D 150 -2.81 -23.05 28.51
CA ARG D 150 -3.67 -22.67 27.41
C ARG D 150 -4.64 -23.79 27.03
N VAL D 151 -4.11 -24.98 26.78
CA VAL D 151 -4.92 -26.18 26.56
C VAL D 151 -6.03 -26.31 27.60
N ASP D 152 -5.63 -26.26 28.87
CA ASP D 152 -6.55 -26.41 29.99
C ASP D 152 -7.68 -25.38 29.94
N ALA D 153 -7.32 -24.12 30.08
CA ALA D 153 -8.26 -23.01 30.04
C ALA D 153 -9.28 -23.12 28.89
N LEU D 154 -8.80 -23.56 27.74
CA LEU D 154 -9.64 -23.71 26.55
C LEU D 154 -10.73 -24.75 26.76
N VAL D 155 -10.31 -25.98 27.04
CA VAL D 155 -11.22 -27.10 27.27
C VAL D 155 -12.44 -26.70 28.10
N GLU D 156 -12.21 -25.93 29.15
CA GLU D 156 -13.25 -25.49 30.08
C GLU D 156 -14.35 -24.64 29.43
N ALA D 157 -13.95 -23.64 28.65
CA ALA D 157 -14.89 -22.69 28.04
C ALA D 157 -15.77 -23.31 26.97
N GLY D 158 -15.46 -24.55 26.60
CA GLY D 158 -16.28 -25.29 25.66
C GLY D 158 -15.65 -25.48 24.30
N VAL D 159 -14.35 -25.78 24.28
CA VAL D 159 -13.69 -26.10 23.02
C VAL D 159 -14.17 -27.48 22.57
N ASP D 160 -14.15 -27.69 21.25
CA ASP D 160 -14.60 -28.95 20.67
C ASP D 160 -13.43 -29.67 20.00
N VAL D 161 -12.36 -28.92 19.78
CA VAL D 161 -11.14 -29.48 19.18
C VAL D 161 -10.01 -28.48 19.38
N VAL D 162 -8.80 -29.02 19.47
CA VAL D 162 -7.63 -28.22 19.80
C VAL D 162 -6.56 -28.54 18.76
N VAL D 163 -5.98 -27.51 18.17
CA VAL D 163 -5.04 -27.69 17.07
C VAL D 163 -3.63 -27.32 17.50
N LEU D 164 -2.72 -28.28 17.36
CA LEU D 164 -1.35 -28.13 17.80
C LEU D 164 -0.48 -27.60 16.67
N ASP D 165 -0.16 -26.31 16.71
CA ASP D 165 0.54 -25.64 15.61
C ASP D 165 2.07 -25.64 15.75
N SER D 166 2.74 -26.16 14.72
CA SER D 166 4.19 -25.98 14.60
C SER D 166 4.64 -26.01 13.15
N ALA D 167 5.74 -25.31 12.86
CA ALA D 167 6.36 -25.39 11.55
C ALA D 167 6.90 -26.80 11.32
N HIS D 168 7.02 -27.57 12.39
CA HIS D 168 7.53 -28.94 12.31
C HIS D 168 6.69 -29.90 13.15
N GLY D 169 6.04 -30.86 12.49
CA GLY D 169 5.32 -31.87 13.23
C GLY D 169 6.29 -32.93 13.71
N HIS D 170 7.19 -33.32 12.80
CA HIS D 170 8.22 -34.31 13.09
C HIS D 170 9.27 -33.80 14.09
N SER D 171 8.82 -33.19 15.19
CA SER D 171 9.73 -32.68 16.21
C SER D 171 9.41 -33.27 17.59
N LYS D 172 10.48 -33.65 18.30
CA LYS D 172 10.35 -34.27 19.62
C LYS D 172 9.45 -33.47 20.55
N GLY D 173 9.66 -32.16 20.61
CA GLY D 173 8.86 -31.28 21.44
C GLY D 173 7.39 -31.32 21.11
N ILE D 174 7.05 -31.59 19.85
CA ILE D 174 5.67 -31.71 19.40
C ILE D 174 5.11 -33.07 19.83
N ILE D 175 5.89 -34.12 19.57
CA ILE D 175 5.49 -35.48 19.90
C ILE D 175 5.27 -35.65 21.41
N ASP D 176 6.22 -35.15 22.20
CA ASP D 176 6.14 -35.20 23.66
C ASP D 176 4.96 -34.37 24.18
N THR D 177 4.59 -33.33 23.43
CA THR D 177 3.42 -32.53 23.78
C THR D 177 2.15 -33.33 23.49
N VAL D 178 2.19 -34.14 22.43
CA VAL D 178 1.07 -35.02 22.08
C VAL D 178 0.80 -36.06 23.18
N LYS D 179 1.86 -36.79 23.57
CA LYS D 179 1.77 -37.74 24.68
C LYS D 179 1.15 -37.06 25.87
N ALA D 180 1.67 -35.88 26.18
CA ALA D 180 1.29 -35.13 27.38
C ALA D 180 -0.16 -34.68 27.36
N ILE D 181 -0.61 -34.16 26.21
CA ILE D 181 -1.98 -33.69 26.10
C ILE D 181 -2.97 -34.84 26.25
N LYS D 182 -2.66 -35.96 25.60
CA LYS D 182 -3.51 -37.15 25.65
C LYS D 182 -3.52 -37.81 27.03
N ALA D 183 -2.40 -37.72 27.74
CA ALA D 183 -2.33 -38.27 29.09
C ALA D 183 -3.34 -37.62 30.03
N LYS D 184 -3.34 -36.29 30.09
CA LYS D 184 -4.28 -35.55 30.94
C LYS D 184 -5.67 -35.46 30.33
N TYR D 185 -5.74 -35.34 29.00
CA TYR D 185 -7.01 -35.28 28.31
C TYR D 185 -7.11 -36.38 27.26
N PRO D 186 -7.66 -37.54 27.66
CA PRO D 186 -7.78 -38.70 26.76
C PRO D 186 -9.06 -38.65 25.93
N ASN D 187 -9.93 -37.69 26.25
CA ASN D 187 -11.18 -37.53 25.54
C ASN D 187 -11.05 -36.40 24.53
N LEU D 188 -10.14 -35.47 24.81
CA LEU D 188 -9.96 -34.27 23.98
C LEU D 188 -9.49 -34.60 22.58
N ASP D 189 -9.99 -33.83 21.64
CA ASP D 189 -9.67 -33.99 20.23
C ASP D 189 -8.37 -33.24 19.90
N LEU D 190 -7.39 -33.98 19.38
CA LEU D 190 -6.07 -33.43 19.09
C LEU D 190 -5.60 -33.70 17.67
N ILE D 191 -5.65 -32.66 16.86
CA ILE D 191 -4.98 -32.66 15.56
C ILE D 191 -3.66 -31.91 15.76
N ALA D 192 -2.60 -32.36 15.08
CA ALA D 192 -1.29 -31.75 15.19
C ALA D 192 -0.61 -31.67 13.83
N GLY D 193 0.04 -30.53 13.55
CA GLY D 193 0.73 -30.33 12.30
C GLY D 193 1.88 -29.35 12.48
N ASN D 194 2.64 -29.12 11.42
CA ASN D 194 2.42 -29.75 10.12
C ASN D 194 3.52 -30.74 9.76
N ILE D 195 3.21 -31.66 8.84
CA ILE D 195 4.22 -32.57 8.30
C ILE D 195 4.04 -32.74 6.80
N ALA D 196 4.89 -33.56 6.20
CA ALA D 196 4.88 -33.72 4.75
C ALA D 196 5.41 -35.09 4.33
N THR D 197 5.83 -35.89 5.31
CA THR D 197 6.40 -37.20 5.02
C THR D 197 5.61 -38.32 5.70
N ALA D 198 5.72 -39.53 5.15
CA ALA D 198 5.07 -40.69 5.75
C ALA D 198 5.69 -41.04 7.12
N ALA D 199 7.01 -40.90 7.22
CA ALA D 199 7.70 -41.19 8.48
C ALA D 199 7.17 -40.32 9.61
N ALA D 200 6.92 -39.05 9.30
CA ALA D 200 6.34 -38.13 10.28
C ALA D 200 4.91 -38.51 10.67
N ALA D 201 4.10 -38.90 9.69
CA ALA D 201 2.73 -39.33 9.96
C ALA D 201 2.76 -40.47 10.97
N LYS D 202 3.68 -41.41 10.76
CA LYS D 202 3.81 -42.58 11.64
C LYS D 202 4.05 -42.19 13.09
N ALA D 203 5.06 -41.35 13.32
CA ALA D 203 5.45 -40.93 14.66
C ALA D 203 4.30 -40.27 15.43
N LEU D 204 3.58 -39.40 14.75
CA LEU D 204 2.45 -38.70 15.36
C LEU D 204 1.29 -39.65 15.62
N CYS D 205 0.96 -40.48 14.63
CA CYS D 205 -0.13 -41.43 14.77
C CYS D 205 0.08 -42.33 15.97
N GLU D 206 1.32 -42.82 16.13
CA GLU D 206 1.66 -43.67 17.28
C GLU D 206 1.66 -42.88 18.59
N ALA D 207 1.91 -41.57 18.51
CA ALA D 207 1.83 -40.71 19.69
C ALA D 207 0.38 -40.49 20.12
N GLY D 208 -0.56 -40.97 19.30
CA GLY D 208 -1.96 -40.92 19.64
C GLY D 208 -2.70 -39.69 19.15
N VAL D 209 -2.28 -39.14 18.01
CA VAL D 209 -3.00 -38.03 17.38
C VAL D 209 -4.30 -38.55 16.78
N ASP D 210 -5.25 -37.64 16.59
CA ASP D 210 -6.54 -38.00 16.00
C ASP D 210 -6.55 -37.69 14.50
N ALA D 211 -5.80 -36.66 14.11
CA ALA D 211 -5.62 -36.30 12.71
C ALA D 211 -4.21 -35.77 12.47
N VAL D 212 -3.79 -35.80 11.21
CA VAL D 212 -2.52 -35.19 10.84
C VAL D 212 -2.74 -34.11 9.78
N LYS D 213 -2.07 -32.97 9.96
CA LYS D 213 -2.13 -31.87 9.00
C LYS D 213 -0.92 -31.86 8.09
N VAL D 214 -1.15 -32.10 6.80
CA VAL D 214 -0.10 -31.95 5.81
C VAL D 214 -0.06 -30.47 5.42
N GLY D 215 1.16 -29.96 5.23
CA GLY D 215 1.33 -28.58 4.81
C GLY D 215 2.65 -27.99 5.27
N ILE D 216 3.73 -28.31 4.56
CA ILE D 216 5.00 -27.67 4.81
C ILE D 216 5.35 -26.79 3.61
N GLY D 217 5.11 -25.49 3.77
CA GLY D 217 5.38 -24.52 2.73
C GLY D 217 4.48 -24.28 1.52
N PRO D 218 3.22 -24.79 1.52
CA PRO D 218 2.45 -24.55 0.30
C PRO D 218 1.57 -23.30 0.39
N GLY D 219 1.58 -22.67 1.55
CA GLY D 219 0.69 -21.55 1.81
C GLY D 219 0.98 -20.32 0.99
N SER D 220 -0.09 -19.64 0.59
CA SER D 220 0.00 -18.44 -0.23
C SER D 220 0.99 -17.41 0.36
N ILE D 221 0.98 -17.28 1.68
CA ILE D 221 1.81 -16.29 2.36
C ILE D 221 3.10 -16.87 2.91
N CYS D 222 3.34 -18.15 2.63
CA CYS D 222 4.43 -18.88 3.22
C CYS D 222 5.73 -18.75 2.45
N THR D 223 6.84 -18.56 3.15
CA THR D 223 8.14 -18.54 2.50
C THR D 223 9.09 -19.62 3.02
N THR D 224 8.58 -20.54 3.83
CA THR D 224 9.39 -21.60 4.43
C THR D 224 10.33 -22.32 3.47
N ARG D 225 9.78 -22.79 2.36
CA ARG D 225 10.52 -23.54 1.33
C ARG D 225 11.65 -22.72 0.67
N ILE D 226 11.49 -21.41 0.65
CA ILE D 226 12.47 -20.55 0.00
C ILE D 226 13.55 -20.16 1.02
N VAL D 227 13.12 -19.87 2.24
CA VAL D 227 14.02 -19.48 3.33
C VAL D 227 14.86 -20.63 3.89
N SER D 228 14.23 -21.78 4.12
CA SER D 228 14.95 -22.92 4.68
C SER D 228 15.30 -23.95 3.61
N GLY D 229 14.50 -24.01 2.55
CA GLY D 229 14.74 -24.99 1.49
C GLY D 229 14.04 -26.30 1.79
N VAL D 230 13.13 -26.26 2.74
CA VAL D 230 12.46 -27.47 3.20
C VAL D 230 10.97 -27.47 2.87
N GLY D 231 10.48 -28.59 2.33
CA GLY D 231 9.07 -28.73 2.02
C GLY D 231 8.75 -29.87 1.06
N VAL D 232 7.47 -30.21 0.96
CA VAL D 232 7.03 -31.21 -0.01
C VAL D 232 5.76 -30.73 -0.70
N PRO D 233 5.80 -30.67 -2.05
CA PRO D 233 4.64 -30.29 -2.89
C PRO D 233 3.36 -30.95 -2.39
N GLN D 234 2.30 -30.17 -2.25
CA GLN D 234 1.15 -30.56 -1.44
C GLN D 234 0.48 -31.88 -1.85
N ILE D 235 0.27 -32.09 -3.14
CA ILE D 235 -0.40 -33.31 -3.62
C ILE D 235 0.39 -34.61 -3.35
N SER D 236 1.69 -34.62 -3.66
CA SER D 236 2.50 -35.78 -3.33
C SER D 236 2.67 -35.88 -1.81
N ALA D 237 2.70 -34.73 -1.15
CA ALA D 237 2.80 -34.67 0.29
C ALA D 237 1.58 -35.32 0.94
N ILE D 238 0.40 -35.03 0.39
CA ILE D 238 -0.82 -35.64 0.91
C ILE D 238 -0.90 -37.14 0.57
N ASP D 239 -0.27 -37.55 -0.53
CA ASP D 239 -0.26 -38.96 -0.94
C ASP D 239 0.50 -39.88 0.03
N GLU D 240 1.70 -39.48 0.45
CA GLU D 240 2.49 -40.25 1.41
C GLU D 240 1.77 -40.33 2.74
N CYS D 241 1.35 -39.16 3.22
CA CYS D 241 0.75 -39.03 4.54
C CYS D 241 -0.64 -39.61 4.62
N VAL D 242 -1.15 -40.10 3.49
CA VAL D 242 -2.45 -40.76 3.49
C VAL D 242 -2.36 -42.29 3.62
N GLU D 243 -1.55 -42.92 2.78
CA GLU D 243 -1.41 -44.38 2.77
C GLU D 243 -0.78 -44.87 4.09
N GLU D 244 -0.17 -43.95 4.82
CA GLU D 244 0.49 -44.28 6.06
C GLU D 244 -0.34 -43.87 7.28
N ALA D 245 -1.13 -42.80 7.15
CA ALA D 245 -2.04 -42.44 8.22
C ALA D 245 -3.27 -43.36 8.23
N ASN D 246 -3.64 -43.86 7.04
CA ASN D 246 -4.76 -44.80 6.89
C ASN D 246 -4.63 -46.05 7.77
N LYS D 247 -3.39 -46.53 7.95
CA LYS D 247 -3.10 -47.75 8.71
C LYS D 247 -3.53 -47.64 10.17
N PHE D 248 -3.68 -46.40 10.64
CA PHE D 248 -4.05 -46.13 12.02
C PHE D 248 -5.44 -45.51 12.04
N GLY D 249 -6.12 -45.54 10.89
CA GLY D 249 -7.43 -44.94 10.76
C GLY D 249 -7.41 -43.45 11.04
N VAL D 250 -6.29 -42.80 10.71
CA VAL D 250 -6.10 -41.38 10.98
C VAL D 250 -6.37 -40.54 9.74
N PRO D 251 -7.42 -39.70 9.81
CA PRO D 251 -7.83 -38.86 8.67
C PRO D 251 -6.92 -37.64 8.54
N VAL D 252 -6.62 -37.28 7.30
CA VAL D 252 -5.71 -36.18 7.01
C VAL D 252 -6.44 -34.89 6.63
N ILE D 253 -6.00 -33.78 7.20
CA ILE D 253 -6.52 -32.47 6.82
C ILE D 253 -5.46 -31.67 6.04
N ALA D 254 -5.85 -31.19 4.87
CA ALA D 254 -4.94 -30.54 3.92
C ALA D 254 -4.84 -29.04 4.14
N ASP D 255 -3.64 -28.57 4.50
CA ASP D 255 -3.46 -27.17 4.88
C ASP D 255 -2.73 -26.33 3.84
N GLY D 256 -3.39 -25.28 3.35
CA GLY D 256 -2.77 -24.31 2.44
C GLY D 256 -2.67 -24.71 0.98
N GLY D 257 -2.29 -23.75 0.13
CA GLY D 257 -2.03 -24.02 -1.27
C GLY D 257 -3.28 -24.13 -2.14
N ILE D 258 -4.44 -23.92 -1.52
CA ILE D 258 -5.71 -23.94 -2.24
C ILE D 258 -6.05 -22.57 -2.82
N LYS D 259 -6.13 -22.50 -4.15
CA LYS D 259 -6.49 -21.27 -4.84
C LYS D 259 -7.83 -21.40 -5.58
N TYR D 260 -8.17 -22.61 -5.98
CA TYR D 260 -9.42 -22.82 -6.72
C TYR D 260 -10.25 -23.94 -6.12
N SER D 261 -11.57 -23.85 -6.30
CA SER D 261 -12.49 -24.85 -5.76
C SER D 261 -12.14 -26.25 -6.27
N GLY D 262 -11.57 -26.33 -7.48
CA GLY D 262 -11.09 -27.58 -8.02
C GLY D 262 -9.97 -28.21 -7.20
N ASP D 263 -9.13 -27.38 -6.58
CA ASP D 263 -8.04 -27.89 -5.75
C ASP D 263 -8.56 -28.59 -4.49
N ILE D 264 -9.68 -28.10 -3.98
CA ILE D 264 -10.34 -28.70 -2.81
C ILE D 264 -10.74 -30.13 -3.16
N ALA D 265 -11.30 -30.29 -4.35
CA ALA D 265 -11.71 -31.59 -4.85
C ALA D 265 -10.52 -32.52 -5.06
N LYS D 266 -9.42 -32.00 -5.61
CA LYS D 266 -8.26 -32.83 -5.92
C LYS D 266 -7.56 -33.31 -4.64
N ALA D 267 -7.64 -32.53 -3.58
CA ALA D 267 -7.02 -32.90 -2.30
C ALA D 267 -7.71 -34.14 -1.74
N LEU D 268 -9.04 -34.10 -1.75
CA LEU D 268 -9.87 -35.19 -1.23
C LEU D 268 -9.69 -36.46 -2.07
N ALA D 269 -9.61 -36.30 -3.39
CA ALA D 269 -9.41 -37.40 -4.33
C ALA D 269 -8.13 -38.23 -4.10
N VAL D 270 -7.02 -37.57 -3.77
CA VAL D 270 -5.76 -38.28 -3.46
C VAL D 270 -5.86 -39.03 -2.12
N GLY D 271 -6.67 -38.53 -1.20
CA GLY D 271 -6.98 -39.27 0.00
C GLY D 271 -7.19 -38.43 1.25
N ALA D 272 -7.14 -37.11 1.10
CA ALA D 272 -7.36 -36.22 2.22
C ALA D 272 -8.82 -36.29 2.69
N SER D 273 -9.04 -35.96 3.95
CA SER D 273 -10.36 -36.07 4.57
C SER D 273 -11.01 -34.70 4.72
N SER D 274 -10.20 -33.67 4.84
CA SER D 274 -10.70 -32.30 5.00
C SER D 274 -9.65 -31.29 4.51
N VAL D 275 -10.01 -30.01 4.48
CA VAL D 275 -9.17 -28.98 3.88
C VAL D 275 -9.27 -27.64 4.60
N MET D 276 -8.12 -27.05 4.94
CA MET D 276 -8.09 -25.72 5.54
C MET D 276 -7.57 -24.66 4.59
N ILE D 277 -8.25 -23.52 4.58
CA ILE D 277 -7.94 -22.46 3.63
C ILE D 277 -7.81 -21.12 4.36
N GLY D 278 -6.83 -20.31 3.93
CA GLY D 278 -6.60 -19.01 4.53
C GLY D 278 -6.90 -17.86 3.58
N SER D 279 -6.08 -17.72 2.53
CA SER D 279 -6.24 -16.59 1.60
C SER D 279 -7.64 -16.46 1.02
N LEU D 280 -8.26 -17.60 0.68
CA LEU D 280 -9.61 -17.58 0.12
C LEU D 280 -10.68 -17.02 1.05
N LEU D 281 -10.37 -16.94 2.34
CA LEU D 281 -11.31 -16.41 3.31
C LEU D 281 -10.88 -15.05 3.86
N ALA D 282 -9.61 -14.72 3.71
CA ALA D 282 -9.05 -13.49 4.27
C ALA D 282 -9.64 -12.22 3.68
N GLY D 283 -10.27 -12.34 2.51
CA GLY D 283 -10.87 -11.18 1.85
C GLY D 283 -12.36 -11.04 2.16
N THR D 284 -12.87 -11.88 3.06
CA THR D 284 -14.28 -11.86 3.38
C THR D 284 -14.69 -10.86 4.46
N ASP D 285 -15.98 -10.52 4.47
CA ASP D 285 -16.58 -9.62 5.45
C ASP D 285 -16.23 -9.99 6.88
N GLU D 286 -16.40 -11.26 7.21
CA GLU D 286 -16.32 -11.71 8.60
C GLU D 286 -14.88 -11.84 9.16
N SER D 287 -13.91 -12.02 8.27
CA SER D 287 -12.50 -12.08 8.65
C SER D 287 -12.07 -10.83 9.43
N PRO D 288 -11.11 -10.99 10.35
CA PRO D 288 -10.59 -9.83 11.08
C PRO D 288 -9.97 -8.82 10.13
N GLY D 289 -10.04 -7.53 10.47
CA GLY D 289 -9.42 -6.51 9.65
C GLY D 289 -10.39 -5.60 8.95
N GLU D 290 -9.97 -4.37 8.69
CA GLU D 290 -10.79 -3.37 8.01
C GLU D 290 -10.57 -3.40 6.49
N LEU D 291 -11.67 -3.25 5.77
CA LEU D 291 -11.65 -3.12 4.34
C LEU D 291 -11.01 -1.79 3.97
N PHE D 292 -10.19 -1.76 2.92
CA PHE D 292 -9.65 -0.51 2.41
C PHE D 292 -9.58 -0.50 0.89
N THR D 293 -9.50 0.70 0.33
CA THR D 293 -9.48 0.88 -1.11
C THR D 293 -8.14 1.45 -1.51
N TYR D 294 -7.59 0.88 -2.57
CA TYR D 294 -6.29 1.30 -3.06
C TYR D 294 -6.26 1.13 -4.58
N GLN D 295 -5.98 2.24 -5.26
CA GLN D 295 -6.00 2.30 -6.72
C GLN D 295 -7.25 1.70 -7.38
N GLY D 296 -8.41 2.05 -6.84
CA GLY D 296 -9.66 1.64 -7.44
C GLY D 296 -10.13 0.26 -7.04
N ARG D 297 -9.31 -0.46 -6.25
CA ARG D 297 -9.66 -1.82 -5.85
C ARG D 297 -9.80 -1.96 -4.34
N GLN D 298 -10.74 -2.82 -3.93
CA GLN D 298 -10.99 -3.06 -2.53
C GLN D 298 -10.24 -4.30 -2.04
N TYR D 299 -9.65 -4.19 -0.85
CA TYR D 299 -8.79 -5.21 -0.29
C TYR D 299 -9.02 -5.40 1.19
N LYS D 300 -8.59 -6.56 1.68
CA LYS D 300 -8.36 -6.76 3.10
C LYS D 300 -6.91 -7.24 3.29
N SER D 301 -6.43 -7.12 4.51
CA SER D 301 -5.08 -7.56 4.86
C SER D 301 -4.99 -9.07 5.10
N TYR D 302 -3.84 -9.62 4.74
CA TYR D 302 -3.58 -11.03 4.94
C TYR D 302 -2.09 -11.24 5.13
N ARG D 303 -1.72 -11.81 6.26
CA ARG D 303 -0.30 -12.01 6.58
C ARG D 303 -0.07 -13.38 7.21
N GLY D 304 1.09 -13.96 6.92
CA GLY D 304 1.51 -15.19 7.57
C GLY D 304 1.64 -15.01 9.07
N MET D 305 1.47 -16.10 9.81
CA MET D 305 1.63 -16.04 11.26
C MET D 305 3.12 -16.01 11.64
N GLY D 306 3.96 -16.42 10.69
CA GLY D 306 5.39 -16.36 10.87
C GLY D 306 6.01 -15.15 10.19
N SER D 307 5.19 -14.14 9.88
CA SER D 307 5.70 -12.90 9.32
C SER D 307 6.19 -11.98 10.43
N LEU D 308 6.93 -10.93 10.06
CA LEU D 308 7.43 -9.96 11.04
C LEU D 308 6.28 -9.28 11.79
N GLY D 309 5.31 -8.75 11.05
CA GLY D 309 4.16 -8.08 11.64
C GLY D 309 3.35 -8.89 12.66
N ALA D 310 3.18 -10.19 12.43
CA ALA D 310 2.43 -11.02 13.35
C ALA D 310 3.22 -11.37 14.62
N MET D 311 4.52 -11.60 14.47
CA MET D 311 5.39 -11.95 15.59
C MET D 311 5.53 -10.82 16.63
N GLN D 312 5.11 -9.62 16.27
CA GLN D 312 5.23 -8.46 17.16
C GLN D 312 3.89 -8.05 17.78
N LYS D 328 17.47 -10.59 16.27
CA LYS D 328 16.45 -10.16 15.33
C LYS D 328 15.76 -11.36 14.65
N LEU D 329 14.49 -11.19 14.28
CA LEU D 329 13.66 -12.28 13.75
C LEU D 329 13.97 -12.71 12.29
N VAL D 330 13.85 -14.03 12.01
CA VAL D 330 13.96 -14.58 10.66
C VAL D 330 12.63 -15.18 10.20
N PRO D 331 11.77 -14.36 9.58
CA PRO D 331 10.40 -14.76 9.24
C PRO D 331 10.30 -15.85 8.15
N GLU D 332 9.16 -16.56 8.17
CA GLU D 332 8.87 -17.56 7.15
C GLU D 332 7.52 -17.26 6.49
N GLY D 333 7.07 -16.02 6.63
CA GLY D 333 5.85 -15.57 5.99
C GLY D 333 5.91 -14.08 5.69
N ILE D 334 5.00 -13.61 4.83
CA ILE D 334 4.94 -12.22 4.43
C ILE D 334 3.66 -11.53 4.87
N GLU D 335 3.66 -10.20 4.80
CA GLU D 335 2.45 -9.42 5.02
C GLU D 335 1.91 -8.94 3.69
N GLY D 336 0.61 -9.07 3.49
CA GLY D 336 0.04 -8.66 2.23
C GLY D 336 -1.40 -8.21 2.27
N ARG D 337 -2.01 -8.17 1.10
CA ARG D 337 -3.38 -7.80 0.97
C ARG D 337 -3.98 -8.77 -0.05
N VAL D 338 -5.24 -9.08 0.12
CA VAL D 338 -5.95 -9.89 -0.87
C VAL D 338 -7.19 -9.13 -1.29
N PRO D 339 -7.74 -9.48 -2.45
CA PRO D 339 -8.96 -8.72 -2.76
C PRO D 339 -10.17 -9.01 -1.87
N TYR D 340 -11.04 -8.02 -1.78
CA TYR D 340 -12.27 -8.14 -1.02
C TYR D 340 -13.30 -8.94 -1.82
N VAL D 341 -13.95 -9.89 -1.16
CA VAL D 341 -14.84 -10.81 -1.87
C VAL D 341 -16.23 -10.93 -1.24
N GLY D 342 -16.54 -10.05 -0.29
CA GLY D 342 -17.84 -10.07 0.34
C GLY D 342 -18.00 -11.17 1.38
N SER D 343 -19.23 -11.60 1.60
CA SER D 343 -19.56 -12.55 2.66
C SER D 343 -18.90 -13.91 2.46
N ILE D 344 -18.69 -14.62 3.57
CA ILE D 344 -18.16 -15.98 3.59
C ILE D 344 -19.09 -17.01 2.92
N ARG D 345 -20.40 -16.86 3.16
CA ARG D 345 -21.37 -17.76 2.53
C ARG D 345 -21.21 -17.76 1.01
N SER D 346 -21.14 -16.57 0.42
CA SER D 346 -20.90 -16.41 -1.01
C SER D 346 -19.70 -17.24 -1.45
N VAL D 347 -18.59 -17.07 -0.74
CA VAL D 347 -17.36 -17.79 -1.04
C VAL D 347 -17.52 -19.30 -0.91
N VAL D 348 -17.94 -19.75 0.27
CA VAL D 348 -18.13 -21.18 0.53
C VAL D 348 -19.08 -21.81 -0.48
N HIS D 349 -20.17 -21.10 -0.81
CA HIS D 349 -21.14 -21.57 -1.80
C HIS D 349 -20.47 -21.91 -3.13
N GLN D 350 -19.64 -20.98 -3.62
CA GLN D 350 -18.89 -21.24 -4.85
C GLN D 350 -17.92 -22.41 -4.69
N LEU D 351 -17.20 -22.46 -3.57
CA LEU D 351 -16.25 -23.54 -3.38
C LEU D 351 -16.94 -24.92 -3.34
N LEU D 352 -18.04 -25.00 -2.60
CA LEU D 352 -18.79 -26.24 -2.48
C LEU D 352 -19.44 -26.62 -3.81
N GLY D 353 -20.02 -25.63 -4.49
CA GLY D 353 -20.58 -25.83 -5.82
C GLY D 353 -19.55 -26.48 -6.72
N GLY D 354 -18.30 -26.05 -6.59
CA GLY D 354 -17.20 -26.62 -7.34
C GLY D 354 -16.93 -28.06 -7.00
N LEU D 355 -16.94 -28.37 -5.70
CA LEU D 355 -16.69 -29.71 -5.22
C LEU D 355 -17.75 -30.70 -5.71
N ARG D 356 -19.02 -30.30 -5.64
CA ARG D 356 -20.14 -31.15 -6.07
C ARG D 356 -20.04 -31.58 -7.54
N SER D 357 -19.65 -30.64 -8.39
CA SER D 357 -19.55 -30.91 -9.81
C SER D 357 -18.44 -31.92 -10.11
N SER D 358 -17.30 -31.75 -9.46
CA SER D 358 -16.20 -32.72 -9.52
C SER D 358 -16.66 -34.16 -9.19
N MET D 359 -17.53 -34.28 -8.20
N MET D 359 -17.54 -34.28 -8.20
CA MET D 359 -18.08 -35.57 -7.82
CA MET D 359 -18.07 -35.58 -7.83
C MET D 359 -18.90 -36.17 -8.97
C MET D 359 -18.88 -36.16 -8.99
N GLY D 360 -19.82 -35.37 -9.50
CA GLY D 360 -20.65 -35.78 -10.62
C GLY D 360 -19.87 -36.21 -11.84
N TYR D 361 -18.65 -35.71 -11.99
CA TYR D 361 -17.83 -36.09 -13.13
C TYR D 361 -17.19 -37.48 -13.00
N VAL D 362 -16.88 -37.89 -11.78
CA VAL D 362 -16.26 -39.20 -11.57
C VAL D 362 -17.35 -40.23 -11.27
N GLY D 363 -18.46 -39.76 -10.71
CA GLY D 363 -19.62 -40.59 -10.43
C GLY D 363 -19.66 -41.05 -9.00
N ALA D 364 -19.64 -40.11 -8.07
CA ALA D 364 -19.56 -40.44 -6.65
C ALA D 364 -20.67 -39.79 -5.83
N LYS D 365 -21.33 -40.60 -5.01
CA LYS D 365 -22.36 -40.09 -4.10
C LYS D 365 -21.71 -39.50 -2.86
N ASP D 366 -20.52 -40.01 -2.52
CA ASP D 366 -19.82 -39.53 -1.33
C ASP D 366 -18.31 -39.39 -1.53
N ILE D 367 -17.65 -38.85 -0.50
CA ILE D 367 -16.20 -38.58 -0.54
C ILE D 367 -15.39 -39.88 -0.62
N GLU D 368 -15.90 -40.92 0.04
CA GLU D 368 -15.22 -42.21 0.08
C GLU D 368 -15.22 -42.86 -1.30
N ASP D 369 -16.39 -42.94 -1.91
CA ASP D 369 -16.52 -43.49 -3.26
C ASP D 369 -15.69 -42.63 -4.19
N PHE D 370 -15.67 -41.33 -3.90
CA PHE D 370 -14.87 -40.39 -4.67
C PHE D 370 -13.44 -40.87 -4.67
N GLN D 371 -12.90 -41.16 -3.50
CA GLN D 371 -11.50 -41.63 -3.36
C GLN D 371 -11.23 -42.97 -4.05
N LYS D 372 -12.20 -43.87 -4.02
CA LYS D 372 -12.04 -45.17 -4.66
C LYS D 372 -12.13 -44.99 -6.17
N ARG D 373 -13.13 -44.23 -6.61
CA ARG D 373 -13.32 -43.98 -8.03
C ARG D 373 -12.35 -42.97 -8.58
N ALA D 374 -11.73 -42.17 -7.70
CA ALA D 374 -10.78 -41.14 -8.12
C ALA D 374 -9.67 -41.72 -8.96
N GLU D 375 -9.53 -41.18 -10.16
CA GLU D 375 -8.41 -41.54 -11.00
C GLU D 375 -7.78 -40.25 -11.47
N PHE D 376 -6.47 -40.27 -11.65
CA PHE D 376 -5.75 -39.05 -11.95
C PHE D 376 -5.05 -39.10 -13.29
N VAL D 377 -4.73 -37.93 -13.81
CA VAL D 377 -3.84 -37.81 -14.94
C VAL D 377 -2.82 -36.73 -14.62
N GLU D 378 -1.55 -36.98 -14.94
CA GLU D 378 -0.53 -35.97 -14.79
C GLU D 378 -0.51 -35.15 -16.08
N ILE D 379 -0.42 -33.84 -15.95
CA ILE D 379 -0.45 -32.97 -17.13
C ILE D 379 0.83 -32.15 -17.28
N THR D 380 1.01 -31.55 -18.45
CA THR D 380 2.17 -30.71 -18.71
C THR D 380 1.83 -29.24 -18.56
N THR D 381 2.81 -28.36 -18.68
CA THR D 381 2.55 -26.93 -18.54
C THR D 381 1.58 -26.45 -19.63
N ALA D 382 1.74 -27.00 -20.83
CA ALA D 382 0.81 -26.75 -21.94
C ALA D 382 -0.63 -27.15 -21.60
N GLY D 383 -0.77 -28.30 -20.92
CA GLY D 383 -2.05 -28.78 -20.45
C GLY D 383 -2.70 -27.89 -19.40
N LEU D 384 -1.90 -27.43 -18.44
CA LEU D 384 -2.38 -26.46 -17.45
C LEU D 384 -2.84 -25.17 -18.13
N LYS D 385 -2.10 -24.73 -19.14
CA LYS D 385 -2.44 -23.54 -19.89
C LYS D 385 -3.79 -23.72 -20.58
N GLU D 386 -4.01 -24.93 -21.10
CA GLU D 386 -5.26 -25.28 -21.74
C GLU D 386 -6.41 -25.34 -20.74
N SER D 387 -6.09 -25.69 -19.51
CA SER D 387 -7.12 -25.89 -18.50
C SER D 387 -7.68 -24.55 -18.06
N HIS D 388 -6.80 -23.56 -18.04
CA HIS D 388 -7.21 -22.20 -17.71
C HIS D 388 -7.90 -21.56 -18.89
N VAL D 389 -8.52 -20.41 -18.63
CA VAL D 389 -9.06 -19.61 -19.72
C VAL D 389 -7.88 -19.15 -20.58
N HIS D 390 -8.06 -19.27 -21.89
CA HIS D 390 -6.99 -18.99 -22.85
C HIS D 390 -7.54 -18.40 -24.16
N ASP D 391 -6.80 -17.46 -24.75
CA ASP D 391 -7.09 -16.94 -26.09
C ASP D 391 -8.44 -16.21 -26.17
N VAL D 392 -8.87 -15.68 -25.03
CA VAL D 392 -10.07 -14.85 -24.93
C VAL D 392 -9.77 -13.87 -23.80
N THR D 393 -10.25 -12.66 -23.90
CA THR D 393 -10.06 -11.72 -22.80
C THR D 393 -11.35 -11.59 -22.01
N ILE D 394 -11.25 -11.81 -20.70
CA ILE D 394 -12.41 -11.78 -19.81
C ILE D 394 -12.92 -10.35 -19.68
N THR D 395 -14.22 -10.15 -19.87
CA THR D 395 -14.82 -8.83 -19.79
C THR D 395 -15.63 -8.63 -18.51
N HIS D 396 -16.32 -9.68 -18.07
CA HIS D 396 -17.05 -9.70 -16.80
C HIS D 396 -16.59 -10.88 -15.97
N GLU D 397 -15.76 -10.62 -14.98
CA GLU D 397 -15.13 -11.68 -14.18
C GLU D 397 -16.18 -12.55 -13.50
N ALA D 398 -15.89 -13.86 -13.42
CA ALA D 398 -16.81 -14.82 -12.81
C ALA D 398 -16.66 -14.83 -11.29
N PRO D 399 -17.74 -15.18 -10.55
CA PRO D 399 -17.65 -15.26 -9.09
C PRO D 399 -16.66 -16.32 -8.60
N ASN D 400 -16.47 -17.37 -9.40
CA ASN D 400 -15.68 -18.52 -8.97
C ASN D 400 -14.33 -18.68 -9.68
N TYR D 401 -13.92 -17.67 -10.46
CA TYR D 401 -12.68 -17.76 -11.22
C TYR D 401 -12.00 -16.41 -11.43
N LYS D 402 -10.77 -16.29 -10.94
CA LYS D 402 -10.03 -15.04 -11.03
C LYS D 402 -8.64 -15.27 -11.59
N VAL D 403 -8.12 -14.24 -12.26
CA VAL D 403 -6.75 -14.27 -12.78
C VAL D 403 -6.11 -12.88 -12.72
#